data_9S90
#
_entry.id   9S90
#
_cell.length_a   62.257
_cell.length_b   81.940
_cell.length_c   122.476
_cell.angle_alpha   107.022
_cell.angle_beta   91.499
_cell.angle_gamma   112.530
#
_symmetry.space_group_name_H-M   'P 1'
#
loop_
_entity.id
_entity.type
_entity.pdbx_description
1 polymer 'Receptor-like protein kinase BRI1-like 3'
2 branched 2-acetamido-2-deoxy-beta-D-glucopyranose-(1-4)-2-acetamido-2-deoxy-beta-D-glucopyranose
3 branched alpha-D-mannopyranose-(1-2)-alpha-D-mannopyranose-(1-2)-alpha-D-mannopyranose-(1-3)-[alpha-D-mannopyranose-(1-2)-alpha-D-mannopyranose-(1-3)-[alpha-D-mannopyranose-(1-2)-alpha-D-mannopyranose-(1-6)]alpha-D-mannopyranose-(1-6)]beta-D-mannopyranose-(1-4)-2-acetamido-2-deoxy-beta-D-glucopyranose-(1-4)-2-acetamido-2-deoxy-beta-D-glucopyranose
4 branched beta-D-mannopyranose-(1-4)-2-acetamido-2-deoxy-beta-D-glucopyranose-(1-4)-2-acetamido-2-deoxy-beta-D-glucopyranose
5 branched 2-acetamido-2-deoxy-beta-D-glucopyranose-(1-4)-[alpha-D-mannopyranose-(1-6)]2-acetamido-2-deoxy-beta-D-glucopyranose
6 branched alpha-D-mannopyranose-(1-2)-alpha-D-mannopyranose-(1-3)-[alpha-D-mannopyranose-(1-2)-alpha-D-mannopyranose-(1-6)]alpha-D-mannopyranose-(1-6)-[alpha-D-mannopyranose-(1-2)-alpha-D-mannopyranose-(1-3)]beta-D-mannopyranose-(1-4)-2-acetamido-2-deoxy-beta-D-glucopyranose-(1-4)-2-acetamido-2-deoxy-beta-D-glucopyranose
7 non-polymer Castasterone
8 non-polymer 2-acetamido-2-deoxy-beta-D-glucopyranose
9 non-polymer 'SULFATE ION'
10 non-polymer 'ACETATE ION'
11 water water
#
_entity_poly.entity_id   1
_entity_poly.type   'polypeptide(L)'
_entity_poly.pdbx_seq_one_letter_code
;MKQQWQFLILCLLVLFLTVDSRGRRLLSDDVNDTALLTAFKQTSIKSDPTNFLGNWRYGSGRDPCTWRGVSCSSDGRVIG
LDLRNGGLTGTLNLNNLTALSNLRSLYLQGNNFSSGDSSSSSGCSLEVLDLSSNSLTDSSIVDYVFSTCLNLVSVNFSHN
KLAGKLKSSPSASNKRITTVDLSNNRFSDEIPETFIADFPNSLKHLDLSGNNVTGDFSRLSFGLCENLTVFSLSQNSISG
DRFPVSLSNCKLLETLNLSRNSLIGKIPGDDYWGNFQNLRQLSLAHNLYSGEIPPELSLLCRTLEVLDLSGNSLTGQLPQ
SFTSCGSLQSLNLGNNKLSGDFLSTVVSKLSRITNLYLPFNNISGSVPISLTNCSNLRVLDLSSNEFTGEVPSGFCSLQS
SSVLEKLLIANNYLSGTVPVELGKCKSLKTIDLSFNALTGLIPKEIWTLPKLSDLVMWANNLTGGIPESICVDGGNLETL
ILNNNLLTGSLPESISKCTNMLWISLSSNLLTGEIPVGIGKLEKLAILQLGNNSLTGNIPSELGNCKNLIWLDLNSNNLT
GNLPGELASQAGLVMPGSVSGKQFAFVRNEGGTDCRGAGGLVEFEGIRAERLEHFPMVHSCPKTRIYSGMTMYMFSSNGS
MIYLDLSYNAVSGSIPLGYGAMGYLQVLNLGHNLLTGTIPDSFGGLKAIGVLDLSHNDLQGFLPGSLGGLSFLSDLDVSN
NNLTGPIPFGGQLTTFPLTRYANNSGLCGVPLPPCSSGSRPTRSHAHPKKAAAENLYFQ
;
_entity_poly.pdbx_strand_id   A,B
#
# COMPACT_ATOMS: atom_id res chain seq x y z
N VAL A 31 29.46 -68.42 -21.47
CA VAL A 31 29.37 -67.18 -20.65
C VAL A 31 28.25 -67.32 -19.61
N ASN A 32 28.54 -68.06 -18.55
CA ASN A 32 27.56 -68.25 -17.48
C ASN A 32 27.34 -66.94 -16.74
N ASP A 33 26.10 -66.74 -16.26
CA ASP A 33 25.78 -65.52 -15.52
C ASP A 33 26.68 -65.35 -14.30
N THR A 34 26.96 -66.46 -13.60
CA THR A 34 27.83 -66.38 -12.42
C THR A 34 29.16 -65.74 -12.75
N ALA A 35 29.64 -65.90 -13.98
CA ALA A 35 30.95 -65.41 -14.38
C ALA A 35 30.92 -63.92 -14.71
N LEU A 36 29.84 -63.44 -15.35
CA LEU A 36 29.82 -62.05 -15.82
C LEU A 36 29.97 -61.06 -14.66
N LEU A 37 29.29 -61.32 -13.54
CA LEU A 37 29.43 -60.42 -12.40
C LEU A 37 30.87 -60.39 -11.88
N THR A 38 31.51 -61.56 -11.79
CA THR A 38 32.92 -61.59 -11.38
C THR A 38 33.79 -60.85 -12.40
N ALA A 39 33.49 -61.00 -13.69
CA ALA A 39 34.16 -60.18 -14.68
C ALA A 39 33.99 -58.71 -14.35
N PHE A 40 32.73 -58.28 -14.20
CA PHE A 40 32.45 -56.88 -13.87
C PHE A 40 33.19 -56.46 -12.61
N LYS A 41 33.27 -57.35 -11.62
CA LYS A 41 33.92 -57.00 -10.37
C LYS A 41 35.41 -56.77 -10.54
N GLN A 42 36.04 -57.44 -11.51
CA GLN A 42 37.48 -57.31 -11.69
C GLN A 42 37.85 -56.24 -12.70
N THR A 43 37.04 -56.06 -13.76
CA THR A 43 37.36 -55.12 -14.83
C THR A 43 36.60 -53.80 -14.71
N SER A 44 36.10 -53.48 -13.52
CA SER A 44 35.35 -52.24 -13.33
C SER A 44 35.68 -51.62 -11.99
N ILE A 45 35.51 -52.39 -10.91
CA ILE A 45 35.67 -51.84 -9.57
C ILE A 45 37.13 -51.50 -9.34
N LYS A 46 37.37 -50.26 -8.91
CA LYS A 46 38.71 -49.77 -8.62
C LYS A 46 38.98 -49.67 -7.13
N SER A 47 37.94 -49.58 -6.31
CA SER A 47 38.09 -49.42 -4.87
C SER A 47 36.79 -49.86 -4.20
N ASP A 48 36.90 -50.75 -3.22
CA ASP A 48 35.74 -51.24 -2.46
C ASP A 48 36.00 -51.02 -0.97
N PRO A 49 36.09 -49.76 -0.54
CA PRO A 49 36.51 -49.48 0.84
C PRO A 49 35.56 -50.05 1.89
N THR A 50 34.34 -50.41 1.51
CA THR A 50 33.37 -50.93 2.46
C THR A 50 33.21 -52.45 2.35
N ASN A 51 33.92 -53.09 1.43
CA ASN A 51 33.83 -54.54 1.21
C ASN A 51 32.38 -55.00 1.04
N PHE A 52 31.77 -54.46 -0.02
CA PHE A 52 30.39 -54.71 -0.40
C PHE A 52 30.25 -55.91 -1.33
N LEU A 53 31.37 -56.40 -1.88
CA LEU A 53 31.39 -57.55 -2.77
C LEU A 53 32.30 -58.65 -2.25
N GLY A 54 32.73 -58.56 -0.99
CA GLY A 54 33.65 -59.56 -0.46
C GLY A 54 33.14 -60.98 -0.63
N ASN A 55 31.83 -61.18 -0.47
CA ASN A 55 31.25 -62.52 -0.59
C ASN A 55 30.89 -62.90 -2.04
N TRP A 56 31.61 -62.36 -3.02
CA TRP A 56 31.38 -62.68 -4.43
C TRP A 56 32.28 -63.84 -4.87
N PRO A 64 25.94 -67.88 -7.81
CA PRO A 64 25.91 -66.41 -7.96
C PRO A 64 24.93 -65.70 -7.04
N CYS A 65 23.88 -66.41 -6.61
CA CYS A 65 22.78 -65.75 -5.90
C CYS A 65 23.13 -65.38 -4.46
N THR A 66 24.03 -66.12 -3.82
CA THR A 66 24.38 -65.82 -2.43
C THR A 66 25.01 -64.45 -2.29
N TRP A 67 25.55 -63.90 -3.36
CA TRP A 67 26.36 -62.69 -3.30
C TRP A 67 25.52 -61.50 -2.83
N ARG A 68 26.20 -60.42 -2.45
CA ARG A 68 25.54 -59.25 -1.91
C ARG A 68 24.97 -58.40 -3.04
N GLY A 69 23.77 -57.86 -2.79
CA GLY A 69 23.09 -57.03 -3.76
C GLY A 69 22.45 -57.78 -4.91
N VAL A 70 22.83 -59.03 -5.13
CA VAL A 70 22.32 -59.79 -6.25
C VAL A 70 21.06 -60.53 -5.79
N SER A 71 19.96 -60.27 -6.48
CA SER A 71 18.72 -61.00 -6.28
C SER A 71 18.52 -61.96 -7.45
N CYS A 72 18.00 -63.15 -7.16
CA CYS A 72 17.90 -64.21 -8.13
C CYS A 72 16.46 -64.66 -8.29
N SER A 73 16.21 -65.38 -9.37
CA SER A 73 14.96 -66.10 -9.56
C SER A 73 15.15 -67.55 -9.14
N SER A 74 14.03 -68.26 -9.04
CA SER A 74 14.08 -69.65 -8.59
C SER A 74 14.87 -70.53 -9.56
N ASP A 75 14.70 -70.29 -10.87
CA ASP A 75 15.40 -71.07 -11.89
C ASP A 75 16.91 -70.85 -11.88
N GLY A 76 17.43 -70.00 -11.00
CA GLY A 76 18.87 -69.82 -10.89
C GLY A 76 19.48 -68.86 -11.89
N ARG A 77 18.74 -67.83 -12.27
CA ARG A 77 19.23 -66.80 -13.18
C ARG A 77 19.21 -65.45 -12.48
N VAL A 78 20.14 -64.57 -12.84
CA VAL A 78 20.21 -63.24 -12.24
C VAL A 78 19.10 -62.38 -12.84
N ILE A 79 18.42 -61.63 -11.98
CA ILE A 79 17.38 -60.70 -12.43
C ILE A 79 17.49 -59.37 -11.70
N GLY A 80 18.47 -59.24 -10.82
CA GLY A 80 18.63 -57.99 -10.09
C GLY A 80 20.00 -57.81 -9.45
N LEU A 81 20.59 -56.64 -9.69
CA LEU A 81 21.88 -56.26 -9.11
C LEU A 81 21.68 -54.93 -8.37
N ASP A 82 21.76 -54.98 -7.03
CA ASP A 82 21.48 -53.82 -6.19
C ASP A 82 22.75 -53.44 -5.43
N LEU A 83 23.49 -52.48 -5.96
CA LEU A 83 24.72 -51.99 -5.35
C LEU A 83 24.63 -50.50 -5.02
N ARG A 84 23.47 -50.06 -4.53
CA ARG A 84 23.28 -48.65 -4.24
C ARG A 84 24.07 -48.25 -3.00
N ASN A 85 24.64 -47.05 -3.03
CA ASN A 85 25.38 -46.48 -1.90
C ASN A 85 26.39 -47.48 -1.33
N GLY A 86 27.25 -48.00 -2.21
CA GLY A 86 28.30 -48.90 -1.83
C GLY A 86 29.68 -48.31 -1.81
N GLY A 87 29.83 -47.00 -2.02
CA GLY A 87 31.14 -46.39 -2.08
C GLY A 87 32.06 -47.03 -3.10
N LEU A 88 31.51 -47.52 -4.21
CA LEU A 88 32.31 -48.17 -5.23
C LEU A 88 32.93 -47.13 -6.16
N THR A 89 34.23 -47.27 -6.40
CA THR A 89 34.92 -46.52 -7.44
C THR A 89 35.20 -47.46 -8.60
N GLY A 90 34.79 -47.08 -9.80
CA GLY A 90 34.95 -47.98 -10.93
C GLY A 90 34.63 -47.28 -12.23
N THR A 91 34.68 -48.07 -13.31
CA THR A 91 34.34 -47.60 -14.65
C THR A 91 33.19 -48.46 -15.18
N LEU A 92 32.00 -47.88 -15.26
CA LEU A 92 30.84 -48.60 -15.76
C LEU A 92 30.83 -48.61 -17.29
N ASN A 93 30.75 -49.80 -17.86
CA ASN A 93 30.38 -50.00 -19.25
C ASN A 93 29.16 -50.92 -19.24
N LEU A 94 27.99 -50.35 -19.52
CA LEU A 94 26.74 -51.07 -19.31
C LEU A 94 26.67 -52.37 -20.11
N ASN A 95 27.42 -52.50 -21.20
CA ASN A 95 27.32 -53.72 -22.00
C ASN A 95 27.80 -54.96 -21.27
N ASN A 96 28.64 -54.81 -20.23
CA ASN A 96 29.09 -55.97 -19.47
C ASN A 96 28.05 -56.44 -18.46
N LEU A 97 27.08 -55.59 -18.09
CA LEU A 97 25.98 -56.03 -17.25
C LEU A 97 24.80 -56.54 -18.07
N THR A 98 24.48 -55.89 -19.18
CA THR A 98 23.39 -56.32 -20.03
C THR A 98 23.65 -57.65 -20.70
N ALA A 99 24.89 -58.15 -20.67
CA ALA A 99 25.15 -59.48 -21.19
C ALA A 99 24.31 -60.53 -20.46
N LEU A 100 23.99 -60.28 -19.20
CA LEU A 100 23.13 -61.19 -18.46
C LEU A 100 21.76 -61.25 -19.12
N SER A 101 21.30 -62.47 -19.42
CA SER A 101 20.11 -62.63 -20.23
C SER A 101 18.86 -62.13 -19.52
N ASN A 102 18.77 -62.39 -18.21
CA ASN A 102 17.54 -62.13 -17.47
C ASN A 102 17.63 -60.91 -16.57
N LEU A 103 18.76 -60.20 -16.56
CA LEU A 103 18.90 -59.02 -15.72
C LEU A 103 17.89 -57.94 -16.11
N ARG A 104 16.94 -57.65 -15.23
CA ARG A 104 15.97 -56.58 -15.48
C ARG A 104 16.06 -55.42 -14.49
N SER A 105 16.74 -55.59 -13.36
CA SER A 105 16.90 -54.54 -12.36
C SER A 105 18.38 -54.28 -12.15
N LEU A 106 18.80 -53.02 -12.28
CA LEU A 106 20.19 -52.61 -12.09
C LEU A 106 20.22 -51.33 -11.27
N TYR A 107 20.68 -51.44 -10.03
CA TYR A 107 20.80 -50.29 -9.13
C TYR A 107 22.28 -50.05 -8.84
N LEU A 108 22.81 -48.93 -9.34
CA LEU A 108 24.18 -48.53 -9.10
C LEU A 108 24.25 -47.11 -8.55
N GLN A 109 23.14 -46.59 -8.04
CA GLN A 109 23.08 -45.19 -7.64
C GLN A 109 23.78 -44.95 -6.31
N GLY A 110 24.48 -43.83 -6.22
CA GLY A 110 25.17 -43.45 -5.00
C GLY A 110 26.55 -44.06 -4.93
N ASN A 111 27.28 -44.03 -6.05
CA ASN A 111 28.61 -44.61 -6.11
C ASN A 111 29.50 -43.61 -6.87
N ASN A 112 30.65 -44.09 -7.33
CA ASN A 112 31.63 -43.26 -8.02
C ASN A 112 32.02 -43.90 -9.35
N PHE A 113 31.03 -44.39 -10.09
CA PHE A 113 31.28 -45.02 -11.38
C PHE A 113 31.49 -43.95 -12.46
N SER A 114 32.55 -44.12 -13.24
CA SER A 114 32.78 -43.31 -14.42
C SER A 114 32.27 -44.06 -15.65
N SER A 115 32.37 -43.43 -16.81
CA SER A 115 31.94 -44.04 -18.07
C SER A 115 33.13 -44.75 -18.72
N GLY A 116 32.87 -45.96 -19.23
CA GLY A 116 33.89 -46.84 -19.78
C GLY A 116 33.98 -46.74 -21.30
N ASP A 117 34.41 -47.84 -21.93
CA ASP A 117 34.61 -47.88 -23.38
C ASP A 117 33.24 -47.87 -24.08
N SER A 118 33.23 -47.96 -25.41
CA SER A 118 31.98 -47.91 -26.17
C SER A 118 31.27 -49.26 -26.07
N SER A 119 30.21 -49.45 -26.85
CA SER A 119 29.40 -50.67 -26.75
C SER A 119 30.07 -51.87 -27.40
N SER A 120 29.97 -53.03 -26.74
CA SER A 120 30.47 -54.28 -27.28
C SER A 120 29.36 -55.03 -28.00
N SER A 121 28.20 -54.38 -28.15
CA SER A 121 27.05 -54.87 -28.88
C SER A 121 26.44 -56.08 -28.18
N SER A 122 25.62 -55.81 -27.16
CA SER A 122 24.88 -56.85 -26.46
C SER A 122 23.42 -56.43 -26.32
N GLY A 123 22.60 -57.39 -25.92
CA GLY A 123 21.16 -57.20 -25.82
C GLY A 123 20.74 -56.83 -24.41
N CYS A 124 19.77 -55.94 -24.29
CA CYS A 124 19.34 -55.41 -23.01
C CYS A 124 17.95 -55.93 -22.68
N SER A 125 17.73 -56.18 -21.39
CA SER A 125 16.44 -56.65 -20.90
C SER A 125 15.98 -55.84 -19.69
N LEU A 126 16.65 -54.73 -19.40
CA LEU A 126 16.32 -53.95 -18.21
C LEU A 126 14.92 -53.37 -18.30
N GLU A 127 14.26 -53.33 -17.15
CA GLU A 127 13.03 -52.58 -16.94
C GLU A 127 13.24 -51.36 -16.05
N VAL A 128 14.12 -51.50 -15.06
CA VAL A 128 14.49 -50.41 -14.16
C VAL A 128 16.01 -50.25 -14.23
N LEU A 129 16.45 -49.01 -14.41
CA LEU A 129 17.86 -48.67 -14.44
C LEU A 129 18.05 -47.43 -13.59
N ASP A 130 18.97 -47.51 -12.63
CA ASP A 130 19.22 -46.41 -11.69
C ASP A 130 20.73 -46.19 -11.64
N LEU A 131 21.20 -45.16 -12.34
CA LEU A 131 22.60 -44.76 -12.34
C LEU A 131 22.77 -43.37 -11.72
N SER A 132 21.88 -43.01 -10.80
CA SER A 132 21.87 -41.68 -10.21
C SER A 132 23.06 -41.49 -9.29
N SER A 133 23.43 -40.22 -9.09
CA SER A 133 24.49 -39.85 -8.14
C SER A 133 25.74 -40.69 -8.39
N ASN A 134 26.28 -40.51 -9.60
CA ASN A 134 27.53 -41.13 -10.01
C ASN A 134 28.34 -40.08 -10.76
N SER A 135 29.41 -40.51 -11.41
CA SER A 135 30.29 -39.63 -12.17
C SER A 135 30.33 -40.02 -13.64
N LEU A 136 29.18 -40.34 -14.21
CA LEU A 136 29.14 -40.65 -15.64
C LEU A 136 29.31 -39.38 -16.45
N THR A 137 29.98 -39.52 -17.58
CA THR A 137 30.28 -38.41 -18.47
C THR A 137 29.91 -38.70 -19.91
N ASP A 138 30.19 -39.90 -20.39
CA ASP A 138 29.81 -40.30 -21.74
C ASP A 138 28.30 -40.49 -21.78
N SER A 139 27.61 -39.61 -22.49
CA SER A 139 26.16 -39.71 -22.60
C SER A 139 25.71 -40.72 -23.65
N SER A 140 26.64 -41.39 -24.31
CA SER A 140 26.27 -42.49 -25.21
C SER A 140 25.52 -43.58 -24.46
N ILE A 141 25.73 -43.69 -23.15
CA ILE A 141 25.02 -44.66 -22.34
C ILE A 141 23.52 -44.38 -22.39
N VAL A 142 23.12 -43.14 -22.64
CA VAL A 142 21.71 -42.81 -22.80
C VAL A 142 21.21 -43.20 -24.19
N ASP A 143 22.01 -42.95 -25.23
CA ASP A 143 21.62 -43.38 -26.57
C ASP A 143 21.44 -44.89 -26.65
N TYR A 144 22.22 -45.64 -25.87
CA TYR A 144 22.12 -47.10 -25.89
C TYR A 144 20.84 -47.56 -25.19
N VAL A 145 20.55 -47.01 -24.02
CA VAL A 145 19.35 -47.42 -23.30
C VAL A 145 18.09 -46.99 -24.04
N PHE A 146 18.16 -45.92 -24.82
CA PHE A 146 17.01 -45.48 -25.62
C PHE A 146 16.88 -46.32 -26.88
N SER A 147 17.99 -46.71 -27.50
CA SER A 147 17.95 -47.55 -28.69
C SER A 147 17.54 -48.97 -28.33
N THR A 148 18.34 -49.64 -27.49
CA THR A 148 17.97 -50.94 -26.93
C THR A 148 17.09 -50.74 -25.70
N CYS A 149 16.96 -51.77 -24.87
CA CYS A 149 16.13 -51.73 -23.66
C CYS A 149 14.71 -51.30 -24.00
N LEU A 150 14.06 -52.09 -24.87
CA LEU A 150 12.71 -51.77 -25.30
C LEU A 150 11.66 -52.09 -24.23
N ASN A 151 12.02 -52.83 -23.19
CA ASN A 151 11.14 -53.12 -22.08
C ASN A 151 11.38 -52.18 -20.91
N LEU A 152 12.10 -51.08 -21.14
CA LEU A 152 12.49 -50.16 -20.08
C LEU A 152 11.28 -49.39 -19.55
N VAL A 153 11.05 -49.47 -18.25
CA VAL A 153 9.95 -48.79 -17.60
C VAL A 153 10.39 -47.46 -16.98
N SER A 154 11.44 -47.48 -16.17
CA SER A 154 11.94 -46.27 -15.53
C SER A 154 13.47 -46.23 -15.60
N VAL A 155 14.00 -45.06 -15.92
CA VAL A 155 15.44 -44.84 -15.96
C VAL A 155 15.76 -43.50 -15.30
N ASN A 156 16.89 -43.45 -14.60
CA ASN A 156 17.30 -42.26 -13.85
C ASN A 156 18.81 -42.07 -14.02
N PHE A 157 19.20 -41.03 -14.75
CA PHE A 157 20.59 -40.62 -14.83
C PHE A 157 20.89 -39.40 -13.97
N SER A 158 19.99 -39.04 -13.06
CA SER A 158 20.11 -37.75 -12.38
C SER A 158 21.39 -37.69 -11.54
N HIS A 159 21.92 -36.48 -11.41
CA HIS A 159 23.11 -36.20 -10.61
C HIS A 159 24.31 -37.00 -11.13
N ASN A 160 24.62 -36.76 -12.40
CA ASN A 160 25.83 -37.28 -13.03
C ASN A 160 26.51 -36.09 -13.71
N LYS A 161 27.41 -36.38 -14.66
CA LYS A 161 28.07 -35.36 -15.47
C LYS A 161 27.84 -35.58 -16.96
N LEU A 162 26.70 -36.16 -17.34
CA LEU A 162 26.41 -36.41 -18.75
C LEU A 162 26.41 -35.09 -19.52
N ALA A 163 27.26 -35.01 -20.55
CA ALA A 163 27.46 -33.80 -21.33
C ALA A 163 26.96 -34.00 -22.76
N GLY A 164 27.04 -32.93 -23.54
CA GLY A 164 26.66 -32.94 -24.94
C GLY A 164 25.21 -32.53 -25.16
N LYS A 165 24.85 -32.42 -26.43
CA LYS A 165 23.51 -32.01 -26.82
C LYS A 165 22.54 -33.18 -26.67
N LEU A 166 21.27 -32.85 -26.49
CA LEU A 166 20.20 -33.85 -26.51
C LEU A 166 19.88 -34.25 -27.95
N LYS A 167 19.68 -35.54 -28.17
CA LYS A 167 19.45 -36.00 -29.53
C LYS A 167 18.43 -37.15 -29.54
N SER A 168 18.83 -38.30 -29.01
CA SER A 168 18.02 -39.50 -29.13
C SER A 168 16.91 -39.52 -28.09
N SER A 169 15.69 -39.80 -28.54
CA SER A 169 14.56 -40.13 -27.69
C SER A 169 14.33 -41.64 -27.68
N PRO A 170 13.66 -42.16 -26.65
CA PRO A 170 13.48 -43.60 -26.55
C PRO A 170 12.87 -44.19 -27.82
N SER A 171 13.28 -45.43 -28.13
CA SER A 171 12.83 -46.10 -29.34
C SER A 171 11.31 -46.08 -29.43
N ALA A 172 10.82 -45.97 -30.67
CA ALA A 172 9.39 -46.09 -30.91
C ALA A 172 8.88 -47.50 -30.68
N SER A 173 9.77 -48.50 -30.68
CA SER A 173 9.38 -49.86 -30.32
C SER A 173 9.19 -50.02 -28.82
N ASN A 174 9.76 -49.12 -28.03
CA ASN A 174 9.50 -49.10 -26.60
C ASN A 174 8.08 -48.64 -26.36
N LYS A 175 7.26 -49.51 -25.77
CA LYS A 175 5.85 -49.24 -25.58
C LYS A 175 5.47 -49.09 -24.11
N ARG A 176 6.44 -49.13 -23.19
CA ARG A 176 6.14 -49.12 -21.77
C ARG A 176 6.80 -48.00 -20.98
N ILE A 177 7.82 -47.33 -21.53
CA ILE A 177 8.58 -46.38 -20.73
C ILE A 177 7.64 -45.32 -20.16
N THR A 178 7.74 -45.10 -18.84
CA THR A 178 6.84 -44.19 -18.12
C THR A 178 7.56 -43.02 -17.47
N THR A 179 8.70 -43.24 -16.83
CA THR A 179 9.42 -42.20 -16.13
C THR A 179 10.85 -42.15 -16.64
N VAL A 180 11.34 -40.95 -16.92
CA VAL A 180 12.68 -40.73 -17.44
C VAL A 180 13.24 -39.48 -16.76
N ASP A 181 14.40 -39.62 -16.12
CA ASP A 181 14.99 -38.55 -15.31
C ASP A 181 16.41 -38.27 -15.82
N LEU A 182 16.54 -37.16 -16.57
CA LEU A 182 17.83 -36.66 -17.04
C LEU A 182 18.30 -35.46 -16.23
N SER A 183 17.77 -35.26 -15.03
CA SER A 183 17.97 -34.02 -14.31
C SER A 183 19.36 -33.94 -13.69
N ASN A 184 19.83 -32.71 -13.49
CA ASN A 184 21.08 -32.45 -12.78
C ASN A 184 22.26 -33.15 -13.47
N ASN A 185 22.48 -32.78 -14.73
CA ASN A 185 23.65 -33.22 -15.48
C ASN A 185 24.26 -32.00 -16.15
N ARG A 186 24.95 -32.18 -17.27
CA ARG A 186 25.65 -31.09 -17.94
C ARG A 186 25.29 -31.04 -19.41
N PHE A 187 24.03 -31.32 -19.74
CA PHE A 187 23.59 -31.28 -21.13
C PHE A 187 23.59 -29.84 -21.63
N SER A 188 23.72 -29.68 -22.95
CA SER A 188 24.09 -28.40 -23.53
C SER A 188 23.29 -28.12 -24.78
N ASP A 189 23.36 -26.87 -25.24
CA ASP A 189 22.83 -26.44 -26.51
C ASP A 189 21.32 -26.63 -26.61
N GLU A 190 20.76 -26.32 -27.77
CA GLU A 190 19.32 -26.27 -27.94
C GLU A 190 18.70 -27.67 -27.86
N ILE A 191 17.43 -27.71 -27.49
CA ILE A 191 16.65 -28.96 -27.44
C ILE A 191 16.07 -29.25 -28.81
N PRO A 192 16.10 -30.50 -29.28
CA PRO A 192 15.45 -30.82 -30.56
C PRO A 192 13.95 -30.53 -30.53
N GLU A 193 13.46 -29.95 -31.63
CA GLU A 193 12.08 -29.51 -31.69
C GLU A 193 11.11 -30.66 -31.37
N THR A 194 11.45 -31.87 -31.80
CA THR A 194 10.59 -33.04 -31.61
C THR A 194 11.07 -33.94 -30.47
N PHE A 195 12.06 -33.50 -29.68
CA PHE A 195 12.61 -34.36 -28.64
C PHE A 195 11.52 -34.88 -27.70
N ILE A 196 10.78 -33.97 -27.07
CA ILE A 196 9.76 -34.38 -26.11
C ILE A 196 8.67 -35.17 -26.82
N ALA A 197 8.19 -34.67 -27.95
CA ALA A 197 7.13 -35.35 -28.69
C ALA A 197 7.57 -36.73 -29.15
N ASP A 198 8.85 -36.90 -29.47
CA ASP A 198 9.36 -38.19 -29.95
C ASP A 198 9.45 -39.25 -28.85
N PHE A 199 8.88 -39.02 -27.67
CA PHE A 199 8.88 -40.06 -26.65
C PHE A 199 7.69 -41.00 -26.84
N PRO A 200 7.84 -42.27 -26.44
CA PRO A 200 6.68 -43.17 -26.45
C PRO A 200 5.46 -42.54 -25.78
N ASN A 201 4.27 -43.02 -26.14
CA ASN A 201 3.05 -42.37 -25.71
C ASN A 201 2.69 -42.65 -24.25
N SER A 202 3.32 -43.65 -23.63
CA SER A 202 3.01 -43.98 -22.25
C SER A 202 3.78 -43.13 -21.24
N LEU A 203 4.64 -42.23 -21.71
CA LEU A 203 5.44 -41.43 -20.80
C LEU A 203 4.55 -40.65 -19.83
N LYS A 204 4.97 -40.59 -18.57
CA LYS A 204 4.22 -39.87 -17.53
C LYS A 204 5.08 -38.83 -16.81
N HIS A 205 6.37 -39.11 -16.66
CA HIS A 205 7.25 -38.30 -15.83
C HIS A 205 8.54 -38.07 -16.59
N LEU A 206 8.79 -36.82 -16.98
CA LEU A 206 10.03 -36.44 -17.65
C LEU A 206 10.66 -35.27 -16.90
N ASP A 207 11.88 -35.47 -16.42
CA ASP A 207 12.61 -34.45 -15.66
C ASP A 207 13.86 -34.08 -16.46
N LEU A 208 13.92 -32.84 -16.92
CA LEU A 208 15.08 -32.32 -17.64
C LEU A 208 15.74 -31.18 -16.90
N SER A 209 15.40 -30.98 -15.63
CA SER A 209 15.90 -29.83 -14.87
C SER A 209 17.37 -30.01 -14.51
N GLY A 210 18.03 -28.89 -14.27
CA GLY A 210 19.38 -28.92 -13.76
C GLY A 210 20.45 -29.14 -14.81
N ASN A 211 20.21 -28.70 -16.04
CA ASN A 211 21.23 -28.72 -17.08
C ASN A 211 21.44 -27.29 -17.56
N ASN A 212 22.07 -27.11 -18.73
CA ASN A 212 22.19 -25.78 -19.33
C ASN A 212 21.80 -25.86 -20.82
N VAL A 213 20.59 -26.33 -21.07
CA VAL A 213 20.05 -26.33 -22.44
C VAL A 213 19.45 -24.96 -22.75
N THR A 214 19.36 -24.65 -24.04
CA THR A 214 18.86 -23.37 -24.52
C THR A 214 17.75 -23.61 -25.53
N GLY A 215 17.19 -22.51 -26.04
CA GLY A 215 16.19 -22.61 -27.09
C GLY A 215 14.92 -21.84 -26.83
N ASP A 216 14.33 -21.27 -27.89
CA ASP A 216 13.04 -20.63 -27.79
C ASP A 216 11.98 -21.68 -27.46
N PHE A 217 11.33 -21.51 -26.30
CA PHE A 217 10.46 -22.56 -25.77
C PHE A 217 9.27 -22.84 -26.67
N SER A 218 8.84 -21.85 -27.46
CA SER A 218 7.64 -22.04 -28.27
C SER A 218 7.88 -23.00 -29.44
N ARG A 219 9.14 -23.23 -29.81
CA ARG A 219 9.45 -24.12 -30.92
C ARG A 219 9.57 -25.57 -30.50
N LEU A 220 9.46 -25.87 -29.21
CA LEU A 220 9.57 -27.22 -28.71
C LEU A 220 8.21 -27.89 -28.75
N SER A 221 8.12 -29.05 -29.38
CA SER A 221 6.87 -29.78 -29.51
C SER A 221 6.79 -30.84 -28.43
N PHE A 222 5.65 -30.87 -27.73
CA PHE A 222 5.32 -31.97 -26.83
C PHE A 222 4.54 -33.07 -27.53
N GLY A 223 4.22 -32.89 -28.80
CA GLY A 223 3.40 -33.85 -29.52
C GLY A 223 2.01 -33.90 -28.93
N LEU A 224 1.35 -35.06 -29.07
CA LEU A 224 0.03 -35.21 -28.51
C LEU A 224 0.06 -35.22 -26.99
N CYS A 225 1.24 -35.46 -26.40
CA CYS A 225 1.47 -35.28 -24.97
C CYS A 225 0.42 -36.01 -24.14
N GLU A 226 0.25 -37.29 -24.44
CA GLU A 226 -0.70 -38.12 -23.73
C GLU A 226 -0.04 -38.74 -22.50
N ASN A 227 -0.84 -38.92 -21.45
CA ASN A 227 -0.42 -39.64 -20.25
C ASN A 227 0.60 -38.85 -19.43
N LEU A 228 1.13 -37.75 -19.98
CA LEU A 228 2.14 -36.98 -19.26
C LEU A 228 1.52 -36.28 -18.05
N THR A 229 2.12 -36.49 -16.88
CA THR A 229 1.65 -35.88 -15.64
C THR A 229 2.69 -34.99 -14.95
N VAL A 230 3.98 -35.28 -15.10
CA VAL A 230 5.04 -34.50 -14.46
C VAL A 230 6.07 -34.13 -15.51
N PHE A 231 6.27 -32.83 -15.70
CA PHE A 231 7.27 -32.31 -16.62
C PHE A 231 8.01 -31.15 -15.98
N SER A 232 9.33 -31.16 -16.06
CA SER A 232 10.14 -30.09 -15.51
C SER A 232 11.30 -29.78 -16.45
N LEU A 233 11.39 -28.52 -16.87
CA LEU A 233 12.57 -27.98 -17.53
C LEU A 233 13.29 -26.97 -16.65
N SER A 234 13.12 -27.10 -15.34
CA SER A 234 13.59 -26.08 -14.41
C SER A 234 15.12 -25.98 -14.40
N GLN A 235 15.61 -24.75 -14.23
CA GLN A 235 17.03 -24.49 -14.10
C GLN A 235 17.78 -24.79 -15.39
N ASN A 236 17.50 -24.02 -16.43
CA ASN A 236 18.20 -24.12 -17.70
C ASN A 236 18.32 -22.70 -18.24
N SER A 237 18.49 -22.57 -19.55
CA SER A 237 18.59 -21.26 -20.21
C SER A 237 17.62 -21.20 -21.37
N ILE A 238 16.42 -21.72 -21.16
CA ILE A 238 15.41 -21.74 -22.21
C ILE A 238 14.73 -20.39 -22.25
N SER A 239 14.72 -19.79 -23.42
CA SER A 239 14.10 -18.48 -23.61
C SER A 239 12.68 -18.72 -24.07
N GLY A 240 12.05 -17.67 -24.58
CA GLY A 240 10.72 -17.79 -25.12
C GLY A 240 9.80 -16.79 -24.47
N ASP A 241 9.05 -16.12 -25.33
CA ASP A 241 8.04 -15.17 -24.93
C ASP A 241 6.65 -15.74 -25.13
N ARG A 242 6.56 -16.95 -25.65
CA ARG A 242 5.30 -17.67 -25.83
C ARG A 242 5.51 -19.13 -25.44
N PHE A 243 4.42 -19.80 -25.02
CA PHE A 243 4.42 -21.25 -24.81
C PHE A 243 4.18 -21.98 -26.13
N PRO A 244 4.67 -23.22 -26.26
CA PRO A 244 4.36 -24.01 -27.46
C PRO A 244 2.90 -24.47 -27.45
N VAL A 245 2.33 -24.59 -28.65
CA VAL A 245 0.92 -24.97 -28.73
C VAL A 245 0.70 -26.37 -28.21
N SER A 246 1.64 -27.29 -28.47
CA SER A 246 1.49 -28.67 -28.03
C SER A 246 1.29 -28.77 -26.53
N LEU A 247 1.87 -27.86 -25.76
CA LEU A 247 1.77 -27.96 -24.30
C LEU A 247 0.32 -28.03 -23.85
N SER A 248 -0.57 -27.32 -24.55
CA SER A 248 -1.99 -27.37 -24.22
C SER A 248 -2.59 -28.75 -24.44
N ASN A 249 -1.89 -29.66 -25.09
CA ASN A 249 -2.37 -31.02 -25.27
C ASN A 249 -2.14 -31.91 -24.06
N CYS A 250 -1.29 -31.48 -23.12
CA CYS A 250 -0.98 -32.29 -21.93
C CYS A 250 -2.10 -32.13 -20.91
N LYS A 251 -3.24 -32.75 -21.24
CA LYS A 251 -4.44 -32.58 -20.42
C LYS A 251 -4.34 -33.25 -19.06
N LEU A 252 -3.40 -34.18 -18.88
CA LEU A 252 -3.26 -34.92 -17.64
C LEU A 252 -2.15 -34.38 -16.75
N LEU A 253 -1.64 -33.19 -17.06
CA LEU A 253 -0.48 -32.65 -16.36
C LEU A 253 -0.84 -32.34 -14.90
N GLU A 254 0.05 -32.75 -13.99
CA GLU A 254 -0.09 -32.47 -12.56
C GLU A 254 0.99 -31.56 -12.00
N THR A 255 2.22 -31.63 -12.52
CA THR A 255 3.30 -30.77 -12.08
C THR A 255 3.96 -30.16 -13.32
N LEU A 256 3.88 -28.84 -13.45
CA LEU A 256 4.58 -28.11 -14.50
C LEU A 256 5.60 -27.20 -13.81
N ASN A 257 6.88 -27.49 -14.02
CA ASN A 257 7.97 -26.76 -13.38
C ASN A 257 8.89 -26.19 -14.45
N LEU A 258 8.85 -24.87 -14.62
CA LEU A 258 9.63 -24.21 -15.65
C LEU A 258 10.50 -23.11 -15.06
N SER A 259 10.94 -23.28 -13.81
CA SER A 259 11.58 -22.20 -13.08
C SER A 259 13.05 -22.06 -13.47
N ARG A 260 13.60 -20.88 -13.18
CA ARG A 260 15.01 -20.56 -13.40
C ARG A 260 15.38 -20.70 -14.87
N ASN A 261 14.66 -19.95 -15.71
CA ASN A 261 15.00 -19.82 -17.12
C ASN A 261 14.94 -18.36 -17.52
N SER A 262 14.66 -18.06 -18.79
CA SER A 262 14.56 -16.70 -19.28
C SER A 262 13.27 -16.51 -20.08
N LEU A 263 12.19 -17.14 -19.63
CA LEU A 263 10.88 -16.87 -20.20
C LEU A 263 10.48 -15.42 -19.91
N ILE A 264 9.96 -14.74 -20.92
CA ILE A 264 9.69 -13.30 -20.83
C ILE A 264 8.24 -13.04 -21.25
N GLY A 265 7.79 -11.83 -20.97
CA GLY A 265 6.46 -11.40 -21.35
C GLY A 265 5.46 -11.56 -20.23
N LYS A 266 4.19 -11.55 -20.64
CA LYS A 266 3.09 -11.73 -19.70
C LYS A 266 2.84 -13.23 -19.44
N ILE A 267 2.34 -13.53 -18.26
CA ILE A 267 1.90 -14.90 -17.97
C ILE A 267 0.71 -15.22 -18.87
N PRO A 268 0.66 -16.38 -19.52
CA PRO A 268 -0.50 -16.71 -20.35
C PRO A 268 -1.78 -16.64 -19.53
N GLY A 269 -2.70 -15.78 -19.96
CA GLY A 269 -3.98 -15.62 -19.29
C GLY A 269 -5.12 -16.12 -20.13
N ASP A 270 -6.26 -15.45 -20.04
CA ASP A 270 -7.45 -15.87 -20.81
C ASP A 270 -7.75 -17.33 -20.45
N ASP A 271 -8.25 -18.12 -21.39
CA ASP A 271 -8.69 -19.47 -21.07
C ASP A 271 -7.56 -20.49 -21.06
N TYR A 272 -6.30 -20.07 -21.19
CA TYR A 272 -5.22 -21.04 -21.39
C TYR A 272 -5.17 -22.06 -20.26
N TRP A 273 -5.18 -21.60 -19.02
CA TRP A 273 -5.01 -22.49 -17.88
C TRP A 273 -6.20 -23.42 -17.66
N GLY A 274 -7.23 -23.35 -18.51
CA GLY A 274 -8.27 -24.35 -18.48
C GLY A 274 -7.88 -25.68 -19.10
N ASN A 275 -6.79 -25.71 -19.87
CA ASN A 275 -6.33 -26.97 -20.45
C ASN A 275 -5.84 -27.94 -19.39
N PHE A 276 -5.50 -27.45 -18.21
CA PHE A 276 -4.81 -28.23 -17.19
C PHE A 276 -5.73 -28.42 -15.99
N GLN A 277 -6.78 -29.21 -16.22
CA GLN A 277 -7.81 -29.49 -15.24
C GLN A 277 -7.33 -30.39 -14.10
N ASN A 278 -6.05 -30.79 -14.11
CA ASN A 278 -5.50 -31.63 -13.06
C ASN A 278 -4.23 -31.05 -12.46
N LEU A 279 -3.85 -29.83 -12.85
CA LEU A 279 -2.59 -29.26 -12.41
C LEU A 279 -2.62 -29.03 -10.90
N ARG A 280 -1.65 -29.63 -10.21
CA ARG A 280 -1.50 -29.47 -8.77
C ARG A 280 -0.33 -28.58 -8.39
N GLN A 281 0.73 -28.56 -9.19
CA GLN A 281 1.92 -27.75 -8.90
C GLN A 281 2.35 -27.04 -10.17
N LEU A 282 2.35 -25.71 -10.13
CA LEU A 282 2.85 -24.87 -11.21
C LEU A 282 3.97 -24.01 -10.66
N SER A 283 5.07 -23.91 -11.38
CA SER A 283 6.17 -23.01 -11.02
C SER A 283 6.65 -22.30 -12.27
N LEU A 284 6.54 -20.97 -12.27
CA LEU A 284 7.12 -20.11 -13.29
C LEU A 284 8.16 -19.19 -12.66
N ALA A 285 8.76 -19.64 -11.56
CA ALA A 285 9.60 -18.78 -10.75
C ALA A 285 10.91 -18.47 -11.46
N HIS A 286 11.50 -17.33 -11.06
CA HIS A 286 12.82 -16.92 -11.52
C HIS A 286 12.95 -16.98 -13.04
N ASN A 287 11.94 -16.41 -13.71
CA ASN A 287 11.96 -16.11 -15.12
C ASN A 287 11.97 -14.57 -15.27
N LEU A 288 11.45 -14.07 -16.40
CA LEU A 288 11.41 -12.64 -16.67
C LEU A 288 9.98 -12.14 -16.90
N TYR A 289 9.00 -12.76 -16.24
CA TYR A 289 7.61 -12.38 -16.45
C TYR A 289 7.31 -11.03 -15.83
N SER A 290 6.41 -10.27 -16.48
CA SER A 290 6.04 -8.94 -16.03
C SER A 290 4.53 -8.78 -16.22
N GLY A 291 4.03 -7.62 -15.79
CA GLY A 291 2.61 -7.36 -15.79
C GLY A 291 1.95 -7.83 -14.51
N GLU A 292 0.63 -7.93 -14.54
CA GLU A 292 -0.14 -8.43 -13.42
C GLU A 292 -0.25 -9.95 -13.49
N ILE A 293 -0.60 -10.55 -12.36
CA ILE A 293 -0.95 -11.97 -12.31
C ILE A 293 -2.34 -12.09 -12.93
N PRO A 294 -2.48 -12.77 -14.06
CA PRO A 294 -3.80 -12.84 -14.72
C PRO A 294 -4.86 -13.39 -13.78
N PRO A 295 -6.03 -12.74 -13.69
CA PRO A 295 -7.10 -13.33 -12.89
C PRO A 295 -7.50 -14.71 -13.41
N GLU A 296 -7.30 -14.94 -14.71
CA GLU A 296 -7.66 -16.21 -15.31
C GLU A 296 -6.77 -17.35 -14.85
N LEU A 297 -5.62 -17.06 -14.23
CA LEU A 297 -4.81 -18.13 -13.67
C LEU A 297 -5.56 -18.90 -12.60
N SER A 298 -6.63 -18.32 -12.04
CA SER A 298 -7.43 -18.99 -11.03
C SER A 298 -8.28 -20.12 -11.59
N LEU A 299 -8.20 -20.40 -12.90
CA LEU A 299 -8.86 -21.59 -13.42
C LEU A 299 -8.27 -22.87 -12.81
N LEU A 300 -7.01 -22.81 -12.39
CA LEU A 300 -6.36 -23.94 -11.74
C LEU A 300 -6.81 -24.15 -10.31
N CYS A 301 -7.60 -23.23 -9.75
CA CYS A 301 -7.89 -23.23 -8.32
C CYS A 301 -8.80 -24.35 -7.87
N ARG A 302 -9.37 -25.13 -8.79
CA ARG A 302 -10.11 -26.32 -8.37
C ARG A 302 -9.16 -27.40 -7.87
N THR A 303 -7.92 -27.42 -8.38
CA THR A 303 -6.98 -28.49 -8.07
C THR A 303 -5.61 -27.98 -7.66
N LEU A 304 -5.29 -26.70 -7.87
CA LEU A 304 -3.95 -26.21 -7.62
C LEU A 304 -3.61 -26.32 -6.14
N GLU A 305 -2.43 -26.90 -5.86
CA GLU A 305 -1.93 -27.04 -4.51
C GLU A 305 -0.62 -26.29 -4.26
N VAL A 306 0.15 -26.00 -5.31
CA VAL A 306 1.43 -25.30 -5.17
C VAL A 306 1.57 -24.32 -6.33
N LEU A 307 1.84 -23.06 -6.01
CA LEU A 307 2.14 -22.03 -7.01
C LEU A 307 3.39 -21.29 -6.58
N ASP A 308 4.39 -21.24 -7.45
CA ASP A 308 5.62 -20.47 -7.22
C ASP A 308 5.82 -19.54 -8.40
N LEU A 309 5.51 -18.26 -8.19
CA LEU A 309 5.74 -17.21 -9.19
C LEU A 309 6.83 -16.24 -8.75
N SER A 310 7.67 -16.63 -7.80
CA SER A 310 8.65 -15.71 -7.24
C SER A 310 9.75 -15.43 -8.25
N GLY A 311 10.46 -14.32 -8.02
CA GLY A 311 11.61 -13.99 -8.84
C GLY A 311 11.29 -13.47 -10.22
N ASN A 312 10.21 -12.73 -10.38
CA ASN A 312 9.88 -12.10 -11.65
C ASN A 312 9.77 -10.60 -11.44
N SER A 313 9.02 -9.91 -12.29
CA SER A 313 8.75 -8.48 -12.15
C SER A 313 7.25 -8.22 -12.22
N LEU A 314 6.48 -9.03 -11.48
CA LEU A 314 5.03 -8.91 -11.47
C LEU A 314 4.59 -7.73 -10.62
N THR A 315 3.45 -7.14 -10.99
CA THR A 315 2.94 -5.93 -10.35
C THR A 315 1.47 -6.14 -10.01
N GLY A 316 0.88 -5.12 -9.40
CA GLY A 316 -0.48 -5.27 -8.92
C GLY A 316 -0.52 -6.19 -7.73
N GLN A 317 -1.58 -6.98 -7.64
CA GLN A 317 -1.80 -7.87 -6.51
C GLN A 317 -2.29 -9.21 -7.02
N LEU A 318 -2.43 -10.15 -6.09
CA LEU A 318 -3.07 -11.42 -6.42
C LEU A 318 -4.53 -11.13 -6.72
N PRO A 319 -5.01 -11.34 -7.95
CA PRO A 319 -6.39 -10.96 -8.26
C PRO A 319 -7.41 -11.60 -7.33
N GLN A 320 -8.54 -10.93 -7.17
CA GLN A 320 -9.59 -11.41 -6.28
C GLN A 320 -10.11 -12.79 -6.71
N SER A 321 -10.05 -13.09 -8.01
CA SER A 321 -10.56 -14.35 -8.51
C SER A 321 -9.97 -15.56 -7.80
N PHE A 322 -8.83 -15.39 -7.13
CA PHE A 322 -8.13 -16.52 -6.50
C PHE A 322 -8.78 -16.97 -5.19
N THR A 323 -9.90 -16.37 -4.80
CA THR A 323 -10.59 -16.81 -3.59
C THR A 323 -11.09 -18.26 -3.70
N SER A 324 -11.26 -18.78 -4.91
CA SER A 324 -11.74 -20.13 -5.12
C SER A 324 -10.63 -21.18 -5.02
N CYS A 325 -9.45 -20.80 -4.53
CA CYS A 325 -8.32 -21.72 -4.39
C CYS A 325 -8.38 -22.43 -3.03
N GLY A 326 -9.48 -23.15 -2.82
CA GLY A 326 -9.65 -23.90 -1.58
C GLY A 326 -8.63 -25.01 -1.38
N SER A 327 -7.85 -25.34 -2.40
CA SER A 327 -6.86 -26.41 -2.32
C SER A 327 -5.43 -25.90 -2.21
N LEU A 328 -5.19 -24.61 -2.45
CA LEU A 328 -3.83 -24.06 -2.46
C LEU A 328 -3.17 -24.22 -1.09
N GLN A 329 -1.97 -24.80 -1.10
CA GLN A 329 -1.20 -25.02 0.12
C GLN A 329 0.04 -24.13 0.23
N SER A 330 0.79 -23.95 -0.86
CA SER A 330 2.02 -23.16 -0.85
C SER A 330 1.91 -22.07 -1.90
N LEU A 331 1.79 -20.82 -1.45
CA LEU A 331 1.79 -19.66 -2.33
C LEU A 331 3.10 -18.91 -2.13
N ASN A 332 3.90 -18.84 -3.20
CA ASN A 332 5.20 -18.17 -3.17
C ASN A 332 5.23 -17.11 -4.25
N LEU A 333 5.10 -15.84 -3.86
CA LEU A 333 5.12 -14.71 -4.78
C LEU A 333 6.25 -13.73 -4.45
N GLY A 334 7.32 -14.24 -3.85
CA GLY A 334 8.40 -13.37 -3.40
C GLY A 334 9.22 -12.81 -4.55
N ASN A 335 10.02 -11.79 -4.21
CA ASN A 335 10.92 -11.14 -5.15
C ASN A 335 10.17 -10.69 -6.41
N ASN A 336 9.06 -10.00 -6.20
CA ASN A 336 8.32 -9.36 -7.28
C ASN A 336 8.13 -7.89 -6.93
N LYS A 337 7.08 -7.27 -7.46
CA LYS A 337 6.77 -5.87 -7.18
C LYS A 337 5.31 -5.71 -6.77
N LEU A 338 4.76 -6.72 -6.10
CA LEU A 338 3.36 -6.72 -5.74
C LEU A 338 3.07 -5.73 -4.60
N SER A 339 1.85 -5.22 -4.57
CA SER A 339 1.43 -4.26 -3.56
C SER A 339 -0.09 -4.33 -3.43
N GLY A 340 -0.60 -3.67 -2.40
CA GLY A 340 -2.02 -3.62 -2.14
C GLY A 340 -2.40 -4.42 -0.91
N ASP A 341 -3.71 -4.59 -0.74
CA ASP A 341 -4.28 -5.23 0.43
C ASP A 341 -4.65 -6.69 0.19
N PHE A 342 -4.00 -7.36 -0.76
CA PHE A 342 -4.48 -8.67 -1.16
C PHE A 342 -4.23 -9.74 -0.10
N LEU A 343 -3.27 -9.54 0.80
CA LEU A 343 -3.15 -10.46 1.93
C LEU A 343 -4.47 -10.61 2.66
N SER A 344 -5.24 -9.54 2.79
CA SER A 344 -6.50 -9.55 3.50
C SER A 344 -7.68 -9.85 2.57
N THR A 345 -7.75 -9.15 1.44
CA THR A 345 -8.88 -9.33 0.54
C THR A 345 -8.92 -10.73 -0.06
N VAL A 346 -7.77 -11.39 -0.19
CA VAL A 346 -7.69 -12.67 -0.90
C VAL A 346 -7.06 -13.76 -0.03
N VAL A 347 -5.78 -13.60 0.32
CA VAL A 347 -5.04 -14.69 0.93
C VAL A 347 -5.73 -15.18 2.19
N SER A 348 -6.25 -14.26 3.01
CA SER A 348 -6.93 -14.66 4.24
C SER A 348 -8.12 -15.55 3.97
N LYS A 349 -8.70 -15.50 2.76
CA LYS A 349 -9.83 -16.37 2.42
C LYS A 349 -9.38 -17.77 2.03
N LEU A 350 -8.09 -17.97 1.75
CA LEU A 350 -7.55 -19.27 1.41
C LEU A 350 -7.33 -20.07 2.69
N SER A 351 -8.09 -21.15 2.86
CA SER A 351 -8.05 -21.89 4.12
C SER A 351 -6.90 -22.89 4.16
N ARG A 352 -6.64 -23.59 3.06
CA ARG A 352 -5.62 -24.64 3.07
C ARG A 352 -4.20 -24.08 3.03
N ILE A 353 -4.05 -22.76 2.96
CA ILE A 353 -2.71 -22.19 2.90
C ILE A 353 -1.92 -22.63 4.13
N THR A 354 -0.70 -23.09 3.90
CA THR A 354 0.15 -23.60 4.96
C THR A 354 1.54 -22.98 4.88
N ASN A 355 1.97 -22.64 3.66
CA ASN A 355 3.26 -21.98 3.43
C ASN A 355 3.03 -20.76 2.56
N LEU A 356 3.21 -19.57 3.13
CA LEU A 356 2.95 -18.30 2.44
C LEU A 356 4.26 -17.51 2.37
N TYR A 357 4.72 -17.22 1.15
CA TYR A 357 5.94 -16.47 0.93
C TYR A 357 5.61 -15.24 0.08
N LEU A 358 5.80 -14.06 0.67
CA LEU A 358 5.66 -12.81 -0.06
C LEU A 358 6.81 -11.84 0.21
N PRO A 359 8.03 -12.30 0.45
CA PRO A 359 9.11 -11.36 0.74
C PRO A 359 9.62 -10.66 -0.51
N PHE A 360 10.29 -9.54 -0.29
CA PHE A 360 10.85 -8.72 -1.36
C PHE A 360 9.77 -8.22 -2.33
N ASN A 361 8.74 -7.59 -1.77
CA ASN A 361 7.71 -6.94 -2.57
C ASN A 361 7.53 -5.49 -2.13
N ASN A 362 6.45 -4.86 -2.57
CA ASN A 362 6.14 -3.46 -2.26
C ASN A 362 4.91 -3.34 -1.38
N ILE A 363 4.63 -4.37 -0.57
CA ILE A 363 3.45 -4.41 0.26
C ILE A 363 3.66 -3.47 1.45
N SER A 364 2.89 -2.39 1.50
CA SER A 364 2.98 -1.37 2.53
C SER A 364 1.80 -1.52 3.49
N GLY A 365 1.71 -0.58 4.44
CA GLY A 365 0.67 -0.61 5.43
C GLY A 365 1.02 -1.51 6.60
N SER A 366 0.01 -1.82 7.40
CA SER A 366 0.17 -2.74 8.52
C SER A 366 -0.09 -4.17 8.07
N VAL A 367 0.55 -5.11 8.76
CA VAL A 367 0.26 -6.52 8.48
C VAL A 367 -1.22 -6.80 8.79
N PRO A 368 -1.97 -7.43 7.90
CA PRO A 368 -3.40 -7.66 8.18
C PRO A 368 -3.60 -8.73 9.25
N ILE A 369 -4.56 -8.48 10.14
CA ILE A 369 -4.87 -9.45 11.19
C ILE A 369 -5.70 -10.61 10.63
N SER A 370 -6.46 -10.37 9.56
CA SER A 370 -7.22 -11.45 8.93
C SER A 370 -6.33 -12.64 8.58
N LEU A 371 -5.02 -12.43 8.49
CA LEU A 371 -4.10 -13.55 8.23
C LEU A 371 -4.18 -14.63 9.29
N THR A 372 -4.80 -14.35 10.45
CA THR A 372 -5.02 -15.39 11.44
C THR A 372 -6.15 -16.34 11.03
N ASN A 373 -7.08 -15.87 10.20
CA ASN A 373 -8.10 -16.75 9.64
C ASN A 373 -7.48 -17.90 8.85
N CYS A 374 -6.19 -17.82 8.53
CA CYS A 374 -5.46 -18.93 7.91
C CYS A 374 -5.01 -19.87 9.01
N SER A 375 -5.91 -20.81 9.36
CA SER A 375 -5.69 -21.65 10.53
C SER A 375 -4.57 -22.68 10.33
N ASN A 376 -4.25 -23.03 9.09
CA ASN A 376 -3.28 -24.08 8.81
C ASN A 376 -1.92 -23.52 8.40
N LEU A 377 -1.61 -22.29 8.78
CA LEU A 377 -0.41 -21.60 8.32
C LEU A 377 0.76 -21.98 9.23
N ARG A 378 1.75 -22.66 8.65
CA ARG A 378 2.95 -23.04 9.39
C ARG A 378 4.13 -22.14 9.14
N VAL A 379 4.28 -21.59 7.93
CA VAL A 379 5.41 -20.75 7.56
C VAL A 379 4.89 -19.47 6.94
N LEU A 380 5.39 -18.33 7.41
CA LEU A 380 4.98 -17.03 6.92
C LEU A 380 6.22 -16.15 6.77
N ASP A 381 6.42 -15.60 5.57
CA ASP A 381 7.58 -14.77 5.27
C ASP A 381 7.11 -13.49 4.58
N LEU A 382 7.22 -12.37 5.27
CA LEU A 382 6.85 -11.06 4.74
C LEU A 382 8.03 -10.09 4.77
N SER A 383 9.24 -10.62 4.69
CA SER A 383 10.43 -9.80 4.86
C SER A 383 10.65 -8.90 3.63
N SER A 384 11.36 -7.80 3.85
CA SER A 384 11.72 -6.87 2.79
C SER A 384 10.49 -6.38 2.03
N ASN A 385 9.49 -5.92 2.79
CA ASN A 385 8.37 -5.18 2.23
C ASN A 385 8.42 -3.76 2.79
N GLU A 386 7.27 -3.07 2.84
CA GLU A 386 7.21 -1.71 3.37
C GLU A 386 6.25 -1.63 4.56
N PHE A 387 6.16 -2.72 5.33
CA PHE A 387 5.19 -2.80 6.41
C PHE A 387 5.48 -1.79 7.51
N THR A 388 4.40 -1.30 8.13
CA THR A 388 4.46 -0.41 9.28
C THR A 388 3.61 -0.99 10.39
N GLY A 389 3.71 -0.39 11.57
CA GLY A 389 2.91 -0.82 12.71
C GLY A 389 3.58 -1.87 13.58
N GLU A 390 2.77 -2.72 14.21
CA GLU A 390 3.26 -3.68 15.19
C GLU A 390 3.40 -5.08 14.61
N VAL A 391 4.05 -5.94 15.38
CA VAL A 391 4.28 -7.33 14.97
C VAL A 391 2.94 -8.07 14.98
N PRO A 392 2.65 -8.92 13.98
CA PRO A 392 1.45 -9.74 14.07
C PRO A 392 1.58 -10.79 15.16
N SER A 393 0.49 -11.00 15.89
CA SER A 393 0.51 -11.94 17.00
C SER A 393 -0.76 -12.77 17.13
N GLY A 394 -1.84 -12.45 16.43
CA GLY A 394 -3.09 -13.17 16.58
C GLY A 394 -3.01 -14.63 16.20
N PHE A 395 -1.96 -15.04 15.48
CA PHE A 395 -1.86 -16.44 15.08
C PHE A 395 -1.94 -17.38 16.27
N CYS A 396 -1.42 -16.94 17.42
CA CYS A 396 -1.23 -17.83 18.56
C CYS A 396 -2.52 -18.02 19.37
N SER A 397 -3.29 -16.95 19.54
CA SER A 397 -4.54 -17.03 20.29
C SER A 397 -5.68 -17.59 19.45
N LEU A 398 -5.36 -18.35 18.40
CA LEU A 398 -6.39 -19.08 17.66
C LEU A 398 -7.20 -19.94 18.62
N GLN A 399 -8.46 -20.20 18.27
CA GLN A 399 -9.33 -20.98 19.14
C GLN A 399 -8.68 -22.28 19.56
N SER A 400 -7.80 -22.83 18.73
CA SER A 400 -6.94 -23.95 19.06
C SER A 400 -5.49 -23.47 19.13
N SER A 401 -4.60 -24.39 19.48
CA SER A 401 -3.17 -24.07 19.38
C SER A 401 -2.84 -23.75 17.93
N SER A 402 -1.86 -22.87 17.74
CA SER A 402 -1.44 -22.49 16.42
C SER A 402 -0.28 -23.38 15.99
N VAL A 403 -0.26 -23.72 14.69
CA VAL A 403 0.79 -24.56 14.14
C VAL A 403 1.92 -23.74 13.55
N LEU A 404 1.84 -22.42 13.64
CA LEU A 404 2.89 -21.56 13.10
C LEU A 404 4.25 -21.96 13.65
N GLU A 405 5.20 -22.16 12.74
CA GLU A 405 6.56 -22.55 13.10
C GLU A 405 7.62 -21.55 12.65
N LYS A 406 7.38 -20.80 11.58
CA LYS A 406 8.35 -19.86 11.05
C LYS A 406 7.67 -18.52 10.83
N LEU A 407 8.20 -17.47 11.44
CA LEU A 407 7.69 -16.11 11.31
C LEU A 407 8.85 -15.19 10.93
N LEU A 408 8.80 -14.65 9.71
CA LEU A 408 9.88 -13.83 9.18
C LEU A 408 9.33 -12.52 8.63
N ILE A 409 9.77 -11.39 9.19
CA ILE A 409 9.37 -10.06 8.72
C ILE A 409 10.57 -9.13 8.78
N ALA A 410 11.72 -9.57 8.27
CA ALA A 410 12.92 -8.75 8.32
C ALA A 410 12.83 -7.59 7.33
N ASN A 411 13.71 -6.61 7.53
CA ASN A 411 13.81 -5.42 6.68
C ASN A 411 12.44 -4.82 6.35
N ASN A 412 11.68 -4.54 7.41
CA ASN A 412 10.47 -3.73 7.29
C ASN A 412 10.61 -2.55 8.23
N TYR A 413 9.51 -1.86 8.53
CA TYR A 413 9.52 -0.73 9.43
C TYR A 413 8.57 -0.96 10.60
N LEU A 414 8.59 -2.17 11.17
CA LEU A 414 7.78 -2.43 12.35
C LEU A 414 8.32 -1.68 13.55
N SER A 415 7.42 -1.34 14.47
CA SER A 415 7.76 -0.55 15.63
C SER A 415 7.00 -1.09 16.83
N GLY A 416 7.30 -0.52 18.00
CA GLY A 416 6.75 -1.03 19.24
C GLY A 416 7.67 -2.04 19.89
N THR A 417 7.09 -3.07 20.49
CA THR A 417 7.86 -4.09 21.21
C THR A 417 7.51 -5.47 20.67
N VAL A 418 8.38 -6.44 20.96
CA VAL A 418 8.12 -7.83 20.60
C VAL A 418 6.90 -8.29 21.41
N PRO A 419 5.75 -8.53 20.78
CA PRO A 419 4.54 -8.85 21.55
C PRO A 419 4.72 -10.09 22.41
N VAL A 420 4.28 -9.98 23.67
CA VAL A 420 4.29 -11.13 24.56
C VAL A 420 3.32 -12.20 24.07
N GLU A 421 2.33 -11.81 23.26
CA GLU A 421 1.39 -12.77 22.69
C GLU A 421 2.09 -13.83 21.85
N LEU A 422 3.29 -13.56 21.34
CA LEU A 422 4.01 -14.55 20.56
C LEU A 422 4.38 -15.77 21.39
N GLY A 423 4.44 -15.63 22.72
CA GLY A 423 4.72 -16.75 23.58
C GLY A 423 3.67 -17.84 23.51
N LYS A 424 2.50 -17.52 22.95
CA LYS A 424 1.42 -18.49 22.82
C LYS A 424 1.63 -19.44 21.64
N CYS A 425 2.43 -19.04 20.65
CA CYS A 425 2.70 -19.86 19.47
C CYS A 425 3.74 -20.94 19.81
N LYS A 426 3.28 -21.95 20.55
CA LYS A 426 4.19 -22.96 21.06
C LYS A 426 4.88 -23.76 19.97
N SER A 427 4.35 -23.76 18.75
CA SER A 427 5.00 -24.48 17.66
C SER A 427 6.10 -23.66 16.99
N LEU A 428 6.36 -22.45 17.46
CA LEU A 428 7.35 -21.59 16.81
C LEU A 428 8.75 -22.18 16.97
N LYS A 429 9.50 -22.19 15.87
CA LYS A 429 10.90 -22.59 15.87
C LYS A 429 11.84 -21.50 15.36
N THR A 430 11.37 -20.61 14.49
CA THR A 430 12.18 -19.55 13.91
C THR A 430 11.43 -18.23 14.04
N ILE A 431 12.12 -17.20 14.49
CA ILE A 431 11.59 -15.86 14.61
C ILE A 431 12.63 -14.90 14.04
N ASP A 432 12.30 -14.23 12.94
CA ASP A 432 13.21 -13.28 12.29
C ASP A 432 12.49 -11.93 12.22
N LEU A 433 12.86 -11.02 13.12
CA LEU A 433 12.31 -9.68 13.17
C LEU A 433 13.40 -8.63 12.95
N SER A 434 14.45 -9.01 12.24
CA SER A 434 15.63 -8.16 12.13
C SER A 434 15.34 -6.94 11.25
N PHE A 435 16.15 -5.91 11.47
CA PHE A 435 16.16 -4.71 10.62
C PHE A 435 14.78 -4.06 10.55
N ASN A 436 14.10 -4.02 11.70
CA ASN A 436 12.88 -3.22 11.85
C ASN A 436 13.24 -1.99 12.68
N ALA A 437 12.29 -1.50 13.49
CA ALA A 437 12.57 -0.40 14.41
C ALA A 437 12.05 -0.74 15.81
N LEU A 438 12.09 -2.01 16.17
CA LEU A 438 11.56 -2.44 17.46
C LEU A 438 12.37 -1.82 18.60
N THR A 439 11.75 -1.79 19.77
CA THR A 439 12.37 -1.26 20.98
C THR A 439 11.92 -2.10 22.16
N GLY A 440 12.38 -1.73 23.35
CA GLY A 440 11.97 -2.43 24.55
C GLY A 440 12.75 -3.72 24.79
N LEU A 441 12.25 -4.48 25.76
CA LEU A 441 12.87 -5.73 26.18
C LEU A 441 12.38 -6.90 25.34
N ILE A 442 13.12 -8.00 25.43
CA ILE A 442 12.69 -9.28 24.87
C ILE A 442 11.83 -9.97 25.93
N PRO A 443 10.52 -10.10 25.74
CA PRO A 443 9.68 -10.67 26.79
C PRO A 443 10.21 -12.02 27.26
N LYS A 444 10.02 -12.29 28.56
CA LYS A 444 10.38 -13.59 29.10
C LYS A 444 9.73 -14.71 28.30
N GLU A 445 8.51 -14.47 27.81
CA GLU A 445 7.76 -15.51 27.13
C GLU A 445 8.40 -15.95 25.82
N ILE A 446 9.31 -15.16 25.26
CA ILE A 446 10.01 -15.58 24.05
C ILE A 446 11.05 -16.64 24.38
N TRP A 447 11.87 -16.38 25.41
CA TRP A 447 12.96 -17.27 25.77
C TRP A 447 12.49 -18.62 26.28
N THR A 448 11.20 -18.80 26.50
CA THR A 448 10.65 -20.04 27.02
C THR A 448 9.80 -20.79 26.01
N LEU A 449 9.64 -20.27 24.81
CA LEU A 449 9.01 -21.03 23.74
C LEU A 449 9.69 -22.39 23.63
N PRO A 450 8.96 -23.49 23.81
CA PRO A 450 9.64 -24.80 23.94
C PRO A 450 10.39 -25.21 22.69
N LYS A 451 9.80 -25.07 21.50
CA LYS A 451 10.41 -25.56 20.28
C LYS A 451 11.31 -24.53 19.59
N LEU A 452 11.49 -23.35 20.19
CA LEU A 452 12.25 -22.29 19.53
C LEU A 452 13.65 -22.77 19.18
N SER A 453 14.18 -22.28 18.06
CA SER A 453 15.47 -22.74 17.57
C SER A 453 16.28 -21.59 16.98
N ASP A 454 15.63 -20.66 16.28
CA ASP A 454 16.30 -19.54 15.64
C ASP A 454 15.65 -18.25 16.15
N LEU A 455 16.40 -17.50 16.96
CA LEU A 455 15.97 -16.22 17.49
C LEU A 455 16.86 -15.16 16.84
N VAL A 456 16.27 -14.37 15.94
CA VAL A 456 17.02 -13.51 15.04
C VAL A 456 16.32 -12.16 14.98
N MET A 457 16.90 -11.13 15.60
CA MET A 457 16.30 -9.81 15.61
C MET A 457 17.37 -8.73 15.61
N TRP A 458 18.44 -8.92 14.84
CA TRP A 458 19.51 -7.94 14.85
C TRP A 458 19.08 -6.68 14.10
N ALA A 459 19.83 -5.59 14.35
CA ALA A 459 19.55 -4.29 13.75
C ALA A 459 18.21 -3.73 14.23
N ASN A 460 17.97 -3.81 15.52
CA ASN A 460 16.87 -3.11 16.16
C ASN A 460 17.40 -2.24 17.28
N ASN A 461 16.55 -1.88 18.23
CA ASN A 461 16.92 -1.14 19.43
C ASN A 461 16.40 -1.85 20.66
N LEU A 462 16.50 -3.18 20.66
CA LEU A 462 16.06 -3.97 21.80
C LEU A 462 16.99 -3.76 22.98
N THR A 463 16.42 -3.71 24.17
CA THR A 463 17.16 -3.50 25.40
C THR A 463 16.95 -4.70 26.34
N GLY A 464 17.46 -4.58 27.55
CA GLY A 464 17.44 -5.68 28.48
C GLY A 464 18.68 -6.55 28.35
N GLY A 465 18.59 -7.76 28.91
CA GLY A 465 19.67 -8.71 28.86
C GLY A 465 19.18 -10.09 28.45
N ILE A 466 20.13 -11.02 28.40
CA ILE A 466 19.82 -12.42 28.12
C ILE A 466 19.47 -13.11 29.43
N PRO A 467 18.31 -13.75 29.54
CA PRO A 467 17.95 -14.43 30.79
C PRO A 467 18.99 -15.46 31.19
N GLU A 468 19.05 -15.72 32.50
CA GLU A 468 19.81 -16.85 33.00
C GLU A 468 19.06 -18.17 32.82
N SER A 469 17.87 -18.13 32.23
CA SER A 469 17.01 -19.30 32.08
C SER A 469 16.81 -19.64 30.61
N ILE A 470 17.87 -19.59 29.83
CA ILE A 470 17.80 -19.86 28.41
C ILE A 470 18.09 -21.32 28.15
N CYS A 471 17.40 -21.91 27.17
CA CYS A 471 17.67 -23.28 26.76
C CYS A 471 17.43 -24.30 27.86
N VAL A 472 16.95 -23.85 29.03
CA VAL A 472 16.64 -24.76 30.12
C VAL A 472 15.13 -24.95 30.18
N ASP A 473 14.39 -23.84 30.33
CA ASP A 473 12.94 -23.88 30.28
C ASP A 473 12.40 -23.64 28.88
N GLY A 474 13.21 -23.04 28.00
CA GLY A 474 12.86 -22.85 26.61
C GLY A 474 13.63 -23.75 25.68
N GLY A 475 13.53 -23.46 24.40
CA GLY A 475 14.09 -24.33 23.39
C GLY A 475 15.61 -24.27 23.34
N ASN A 476 16.21 -25.40 23.01
CA ASN A 476 17.65 -25.49 22.76
C ASN A 476 17.94 -24.88 21.39
N LEU A 477 18.52 -23.70 21.38
CA LEU A 477 18.61 -22.90 20.16
C LEU A 477 19.76 -23.36 19.27
N GLU A 478 19.61 -23.09 17.97
CA GLU A 478 20.70 -23.20 17.00
C GLU A 478 21.32 -21.87 16.63
N THR A 479 20.57 -20.78 16.71
CA THR A 479 21.07 -19.46 16.32
C THR A 479 20.50 -18.42 17.29
N LEU A 480 21.37 -17.52 17.75
CA LEU A 480 20.98 -16.40 18.61
C LEU A 480 21.69 -15.18 18.05
N ILE A 481 20.97 -14.39 17.27
CA ILE A 481 21.54 -13.33 16.45
C ILE A 481 20.85 -12.04 16.84
N LEU A 482 21.47 -11.27 17.73
CA LEU A 482 20.90 -10.03 18.26
C LEU A 482 21.91 -8.90 18.22
N ASN A 483 22.87 -8.98 17.31
CA ASN A 483 23.86 -7.92 17.17
C ASN A 483 23.18 -6.61 16.79
N ASN A 484 23.90 -5.52 17.03
CA ASN A 484 23.43 -4.17 16.69
C ASN A 484 22.07 -3.91 17.35
N ASN A 485 22.06 -4.05 18.66
CA ASN A 485 20.92 -3.70 19.49
C ASN A 485 21.48 -2.86 20.64
N LEU A 486 20.71 -2.77 21.73
CA LEU A 486 21.13 -2.03 22.92
C LEU A 486 21.09 -2.94 24.15
N LEU A 487 21.25 -4.24 23.94
CA LEU A 487 21.20 -5.18 25.06
C LEU A 487 22.28 -4.83 26.08
N THR A 488 22.00 -5.20 27.34
CA THR A 488 22.91 -4.89 28.44
C THR A 488 23.18 -6.12 29.29
N GLY A 489 23.89 -5.93 30.40
CA GLY A 489 24.22 -7.05 31.26
C GLY A 489 25.38 -7.87 30.70
N SER A 490 25.44 -9.11 31.14
CA SER A 490 26.49 -10.04 30.73
C SER A 490 25.87 -11.22 30.00
N LEU A 491 26.74 -12.13 29.54
CA LEU A 491 26.32 -13.31 28.82
C LEU A 491 26.16 -14.46 29.81
N PRO A 492 24.94 -14.92 30.10
CA PRO A 492 24.78 -15.88 31.19
C PRO A 492 25.65 -17.10 31.02
N GLU A 493 26.19 -17.59 32.15
CA GLU A 493 26.87 -18.86 32.15
C GLU A 493 25.94 -19.97 31.68
N SER A 494 24.63 -19.77 31.83
CA SER A 494 23.63 -20.72 31.40
C SER A 494 23.69 -21.03 29.90
N ILE A 495 24.36 -20.17 29.11
CA ILE A 495 24.49 -20.42 27.68
C ILE A 495 25.03 -21.81 27.38
N SER A 496 25.81 -22.38 28.31
CA SER A 496 26.34 -23.72 28.12
C SER A 496 25.26 -24.74 27.81
N LYS A 497 23.99 -24.44 28.14
CA LYS A 497 22.91 -25.40 27.93
C LYS A 497 22.37 -25.39 26.51
N CYS A 498 22.80 -24.46 25.67
CA CYS A 498 22.33 -24.40 24.28
C CYS A 498 23.24 -25.25 23.38
N THR A 499 23.23 -26.56 23.67
CA THR A 499 24.18 -27.46 23.03
C THR A 499 23.96 -27.58 21.52
N ASN A 500 22.82 -27.16 21.00
CA ASN A 500 22.56 -27.19 19.57
C ASN A 500 23.01 -25.90 18.87
N MET A 501 23.63 -24.98 19.60
CA MET A 501 23.95 -23.67 19.04
C MET A 501 24.90 -23.79 17.86
N LEU A 502 24.53 -23.17 16.74
CA LEU A 502 25.40 -23.05 15.58
C LEU A 502 26.02 -21.67 15.43
N TRP A 503 25.31 -20.61 15.81
CA TRP A 503 25.71 -19.26 15.49
C TRP A 503 25.23 -18.31 16.59
N ILE A 504 26.17 -17.62 17.22
CA ILE A 504 25.87 -16.57 18.18
C ILE A 504 26.41 -15.25 17.63
N SER A 505 25.55 -14.23 17.58
CA SER A 505 25.97 -12.89 17.21
C SER A 505 25.37 -11.89 18.17
N LEU A 506 26.22 -11.19 18.92
CA LEU A 506 25.81 -10.14 19.85
C LEU A 506 26.66 -8.90 19.69
N SER A 507 27.35 -8.76 18.56
CA SER A 507 28.22 -7.61 18.32
C SER A 507 27.43 -6.31 18.44
N SER A 508 28.15 -5.25 18.81
CA SER A 508 27.61 -3.89 18.81
C SER A 508 26.37 -3.79 19.71
N ASN A 509 26.43 -4.42 20.88
CA ASN A 509 25.48 -4.21 21.95
C ASN A 509 26.15 -3.38 23.04
N LEU A 510 25.59 -3.42 24.25
CA LEU A 510 26.17 -2.78 25.42
C LEU A 510 26.44 -3.83 26.51
N LEU A 511 26.85 -5.02 26.08
CA LEU A 511 27.09 -6.12 27.00
C LEU A 511 28.37 -5.88 27.81
N THR A 512 28.42 -6.51 28.99
CA THR A 512 29.56 -6.42 29.89
C THR A 512 29.82 -7.80 30.47
N GLY A 513 30.68 -7.85 31.48
CA GLY A 513 31.00 -9.09 32.15
C GLY A 513 32.10 -9.86 31.48
N GLU A 514 32.26 -11.10 31.93
CA GLU A 514 33.22 -12.03 31.35
C GLU A 514 32.52 -12.96 30.37
N ILE A 515 33.30 -13.46 29.42
CA ILE A 515 32.84 -14.50 28.50
C ILE A 515 32.71 -15.78 29.33
N PRO A 516 31.51 -16.34 29.50
CA PRO A 516 31.38 -17.52 30.36
C PRO A 516 32.21 -18.68 29.81
N VAL A 517 32.93 -19.34 30.72
CA VAL A 517 33.78 -20.45 30.28
C VAL A 517 32.94 -21.60 29.75
N GLY A 518 31.69 -21.71 30.20
CA GLY A 518 30.81 -22.77 29.73
C GLY A 518 30.60 -22.78 28.23
N ILE A 519 30.97 -21.69 27.54
CA ILE A 519 30.86 -21.65 26.08
C ILE A 519 31.55 -22.85 25.45
N GLY A 520 32.58 -23.38 26.10
CA GLY A 520 33.31 -24.51 25.57
C GLY A 520 32.51 -25.79 25.47
N LYS A 521 31.38 -25.87 26.17
CA LYS A 521 30.52 -27.04 26.02
C LYS A 521 29.72 -27.02 24.72
N LEU A 522 29.66 -25.89 24.02
CA LEU A 522 28.89 -25.78 22.79
C LEU A 522 29.75 -26.33 21.65
N GLU A 523 29.66 -27.63 21.44
CA GLU A 523 30.51 -28.33 20.47
C GLU A 523 29.97 -28.28 19.05
N LYS A 524 28.77 -27.77 18.86
CA LYS A 524 28.21 -27.49 17.54
C LYS A 524 28.37 -26.04 17.13
N LEU A 525 28.90 -25.20 18.02
CA LEU A 525 29.01 -23.77 17.77
C LEU A 525 30.06 -23.52 16.69
N ALA A 526 29.63 -22.92 15.58
CA ALA A 526 30.52 -22.64 14.45
C ALA A 526 30.95 -21.19 14.37
N ILE A 527 30.06 -20.25 14.71
CA ILE A 527 30.33 -18.82 14.59
C ILE A 527 30.05 -18.15 15.93
N LEU A 528 30.94 -17.24 16.33
CA LEU A 528 30.79 -16.50 17.58
C LEU A 528 31.29 -15.08 17.36
N GLN A 529 30.37 -14.11 17.42
CA GLN A 529 30.67 -12.70 17.22
C GLN A 529 30.29 -11.92 18.46
N LEU A 530 31.28 -11.35 19.14
CA LEU A 530 31.04 -10.53 20.33
C LEU A 530 31.69 -9.16 20.21
N GLY A 531 31.94 -8.68 18.99
CA GLY A 531 32.68 -7.45 18.81
C GLY A 531 31.92 -6.20 19.23
N ASN A 532 32.67 -5.12 19.38
CA ASN A 532 32.14 -3.79 19.69
C ASN A 532 31.23 -3.82 20.91
N ASN A 533 31.71 -4.47 21.96
CA ASN A 533 31.09 -4.43 23.28
C ASN A 533 32.11 -3.93 24.29
N SER A 534 31.79 -4.11 25.58
CA SER A 534 32.69 -3.71 26.66
C SER A 534 33.02 -4.91 27.55
N LEU A 535 33.38 -6.04 26.92
CA LEU A 535 33.65 -7.26 27.67
C LEU A 535 34.98 -7.16 28.41
N THR A 536 35.05 -7.80 29.57
CA THR A 536 36.24 -7.79 30.41
C THR A 536 36.63 -9.22 30.76
N GLY A 537 37.83 -9.36 31.30
CA GLY A 537 38.36 -10.65 31.71
C GLY A 537 39.35 -11.22 30.71
N ASN A 538 39.62 -12.50 30.85
CA ASN A 538 40.48 -13.23 29.94
C ASN A 538 39.64 -13.93 28.87
N ILE A 539 40.28 -14.19 27.74
CA ILE A 539 39.68 -15.04 26.70
C ILE A 539 39.68 -16.47 27.22
N PRO A 540 38.52 -17.06 27.50
CA PRO A 540 38.49 -18.39 28.11
C PRO A 540 39.29 -19.41 27.30
N SER A 541 40.16 -20.14 28.00
CA SER A 541 40.83 -21.28 27.39
C SER A 541 39.84 -22.34 26.93
N GLU A 542 38.64 -22.35 27.50
CA GLU A 542 37.67 -23.40 27.21
C GLU A 542 37.09 -23.29 25.81
N LEU A 543 37.26 -22.14 25.15
CA LEU A 543 36.86 -22.04 23.74
C LEU A 543 37.43 -23.17 22.91
N GLY A 544 38.60 -23.68 23.31
CA GLY A 544 39.24 -24.76 22.58
C GLY A 544 38.48 -26.08 22.57
N ASN A 545 37.50 -26.22 23.47
CA ASN A 545 36.68 -27.43 23.48
C ASN A 545 35.57 -27.39 22.45
N CYS A 546 35.31 -26.23 21.84
CA CYS A 546 34.32 -26.08 20.77
C CYS A 546 34.85 -26.75 19.52
N LYS A 547 34.44 -28.00 19.30
CA LYS A 547 35.01 -28.81 18.22
C LYS A 547 34.76 -28.23 16.84
N ASN A 548 33.72 -27.42 16.66
CA ASN A 548 33.32 -26.95 15.33
C ASN A 548 33.46 -25.44 15.15
N LEU A 549 34.08 -24.75 16.10
CA LEU A 549 34.22 -23.30 16.03
C LEU A 549 35.15 -22.91 14.89
N ILE A 550 34.68 -22.03 13.99
CA ILE A 550 35.45 -21.64 12.83
C ILE A 550 35.49 -20.13 12.65
N TRP A 551 34.67 -19.40 13.40
CA TRP A 551 34.58 -17.95 13.26
C TRP A 551 34.49 -17.32 14.64
N LEU A 552 35.53 -16.59 15.03
CA LEU A 552 35.62 -15.98 16.36
C LEU A 552 35.95 -14.51 16.20
N ASP A 553 35.04 -13.65 16.67
CA ASP A 553 35.22 -12.20 16.60
C ASP A 553 34.95 -11.61 17.99
N LEU A 554 36.02 -11.25 18.69
CA LEU A 554 35.92 -10.59 19.98
C LEU A 554 36.54 -9.19 19.96
N ASN A 555 36.66 -8.60 18.77
CA ASN A 555 37.37 -7.34 18.63
C ASN A 555 36.66 -6.20 19.36
N SER A 556 37.44 -5.18 19.70
CA SER A 556 36.91 -3.94 20.29
C SER A 556 36.13 -4.22 21.57
N ASN A 557 36.73 -5.02 22.46
CA ASN A 557 36.20 -5.19 23.81
C ASN A 557 37.24 -4.67 24.80
N ASN A 558 37.17 -5.12 26.06
CA ASN A 558 38.11 -4.71 27.10
C ASN A 558 38.74 -5.94 27.75
N LEU A 559 39.16 -6.90 26.94
CA LEU A 559 39.69 -8.17 27.45
C LEU A 559 41.18 -8.06 27.71
N THR A 560 41.62 -8.80 28.73
CA THR A 560 43.03 -8.82 29.11
C THR A 560 43.51 -10.27 29.26
N GLY A 561 44.70 -10.45 29.82
CA GLY A 561 45.29 -11.77 29.93
C GLY A 561 46.17 -12.07 28.74
N ASN A 562 46.34 -13.35 28.41
CA ASN A 562 47.18 -13.76 27.29
C ASN A 562 46.33 -14.48 26.26
N LEU A 563 46.84 -14.51 25.03
CA LEU A 563 46.26 -15.29 23.95
C LEU A 563 46.27 -16.76 24.35
N PRO A 564 45.10 -17.39 24.55
CA PRO A 564 45.10 -18.82 24.86
C PRO A 564 45.56 -19.65 23.68
N GLY A 565 46.42 -20.63 23.96
CA GLY A 565 46.91 -21.51 22.92
C GLY A 565 45.91 -22.55 22.45
N GLU A 566 44.90 -22.84 23.27
CA GLU A 566 43.89 -23.82 22.93
C GLU A 566 42.99 -23.38 21.77
N LEU A 567 43.03 -22.10 21.38
CA LEU A 567 42.22 -21.65 20.26
C LEU A 567 42.59 -22.38 18.97
N ALA A 568 43.79 -22.95 18.89
CA ALA A 568 44.22 -23.71 17.73
C ALA A 568 44.19 -25.22 17.99
N SER A 569 43.74 -25.65 19.16
CA SER A 569 43.76 -27.07 19.48
C SER A 569 42.82 -27.89 18.61
N GLN A 570 42.01 -27.25 17.75
CA GLN A 570 41.13 -27.94 16.84
C GLN A 570 41.63 -27.93 15.40
N ALA A 571 42.70 -27.19 15.11
CA ALA A 571 43.27 -27.18 13.77
C ALA A 571 43.45 -28.61 13.26
N GLY A 572 42.96 -28.85 12.04
CA GLY A 572 43.05 -30.17 11.43
C GLY A 572 42.04 -31.18 11.92
N LEU A 573 41.11 -30.77 12.78
CA LEU A 573 40.09 -31.68 13.29
C LEU A 573 38.66 -31.18 13.08
N VAL A 574 38.48 -29.97 12.57
CA VAL A 574 37.15 -29.37 12.52
C VAL A 574 36.28 -30.12 11.53
N MET A 575 35.10 -30.54 11.98
CA MET A 575 34.12 -31.11 11.07
C MET A 575 33.15 -30.02 10.63
N PRO A 576 32.71 -30.02 9.37
CA PRO A 576 31.62 -29.12 8.98
C PRO A 576 30.32 -29.51 9.68
N GLY A 577 29.38 -28.57 9.67
CA GLY A 577 28.14 -28.79 10.37
C GLY A 577 26.93 -28.08 9.80
N SER A 578 25.84 -28.07 10.55
CA SER A 578 24.55 -27.56 10.07
C SER A 578 24.53 -26.03 9.92
N VAL A 579 25.62 -25.32 10.23
CA VAL A 579 25.62 -23.88 10.04
C VAL A 579 25.73 -23.49 8.57
N SER A 580 26.07 -24.42 7.70
CA SER A 580 26.18 -24.13 6.27
C SER A 580 24.79 -24.03 5.65
N GLY A 581 24.71 -23.27 4.56
CA GLY A 581 23.45 -23.08 3.86
C GLY A 581 22.61 -21.95 4.40
N LYS A 582 23.20 -20.98 5.08
CA LYS A 582 22.48 -19.84 5.63
C LYS A 582 22.90 -18.57 4.89
N GLN A 583 21.91 -17.72 4.60
CA GLN A 583 22.19 -16.49 3.88
C GLN A 583 23.00 -15.54 4.74
N PHE A 584 24.10 -15.04 4.19
CA PHE A 584 24.98 -14.11 4.89
C PHE A 584 25.32 -12.94 3.96
N ALA A 585 25.87 -11.90 4.57
CA ALA A 585 26.47 -10.79 3.85
C ALA A 585 27.72 -10.37 4.61
N PHE A 586 28.75 -9.99 3.86
CA PHE A 586 30.03 -9.58 4.43
C PHE A 586 30.39 -8.22 3.89
N VAL A 587 30.52 -7.24 4.78
CA VAL A 587 30.89 -5.88 4.41
C VAL A 587 32.35 -5.70 4.77
N ARG A 588 33.19 -5.51 3.76
CA ARG A 588 34.63 -5.39 3.97
C ARG A 588 34.96 -3.94 4.28
N ASN A 589 35.48 -3.70 5.48
CA ASN A 589 35.99 -2.38 5.83
C ASN A 589 37.28 -2.13 5.06
N GLU A 590 37.26 -1.15 4.17
CA GLU A 590 38.42 -0.86 3.34
C GLU A 590 39.14 0.40 3.82
N GLY A 591 39.63 0.38 5.05
CA GLY A 591 40.34 1.52 5.58
C GLY A 591 41.54 1.17 6.44
N GLY A 592 42.27 0.12 6.06
CA GLY A 592 43.46 -0.21 6.82
C GLY A 592 43.09 -0.64 8.24
N THR A 593 43.91 -0.19 9.19
CA THR A 593 43.65 -0.44 10.60
C THR A 593 42.86 0.69 11.26
N ASP A 594 42.81 1.87 10.62
CA ASP A 594 42.03 2.98 11.20
C ASP A 594 40.56 2.61 11.34
N CYS A 595 40.08 1.67 10.53
CA CYS A 595 38.73 1.15 10.65
C CYS A 595 38.72 -0.04 11.61
N ARG A 596 37.79 -0.01 12.57
CA ARG A 596 37.79 -1.02 13.62
C ARG A 596 37.29 -2.35 13.06
N GLY A 597 37.99 -3.42 13.35
CA GLY A 597 37.64 -4.73 12.84
C GLY A 597 38.01 -4.88 11.38
N ALA A 598 38.05 -6.14 10.94
CA ALA A 598 38.40 -6.47 9.56
C ALA A 598 37.18 -6.53 8.64
N GLY A 599 36.03 -6.08 9.09
CA GLY A 599 34.84 -6.05 8.26
C GLY A 599 33.59 -6.33 9.08
N GLY A 600 32.58 -6.85 8.40
CA GLY A 600 31.36 -7.25 9.06
C GLY A 600 30.64 -8.39 8.37
N LEU A 601 30.50 -9.52 9.06
CA LEU A 601 29.67 -10.64 8.62
C LEU A 601 28.33 -10.55 9.33
N VAL A 602 27.25 -10.59 8.55
CA VAL A 602 25.90 -10.48 9.12
C VAL A 602 24.99 -11.53 8.50
N GLU A 603 24.18 -12.16 9.33
CA GLU A 603 23.05 -12.95 8.85
C GLU A 603 22.17 -12.06 7.98
N PHE A 604 21.66 -12.62 6.87
CA PHE A 604 21.05 -11.79 5.84
C PHE A 604 19.79 -12.43 5.26
N GLU A 605 19.08 -13.23 6.04
CA GLU A 605 17.82 -13.79 5.58
C GLU A 605 16.81 -12.67 5.39
N GLY A 606 16.19 -12.62 4.20
CA GLY A 606 15.10 -11.69 3.99
C GLY A 606 15.46 -10.23 3.93
N ILE A 607 16.75 -9.88 3.82
CA ILE A 607 17.20 -8.49 3.89
C ILE A 607 17.71 -8.06 2.53
N ARG A 608 17.42 -6.80 2.19
CA ARG A 608 17.91 -6.21 0.95
C ARG A 608 19.33 -5.69 1.14
N ALA A 609 20.16 -5.87 0.12
CA ALA A 609 21.49 -5.27 0.16
C ALA A 609 21.39 -3.75 0.28
N GLU A 610 20.44 -3.14 -0.44
CA GLU A 610 20.34 -1.68 -0.43
C GLU A 610 20.15 -1.15 1.00
N ARG A 611 19.46 -1.90 1.85
CA ARG A 611 19.23 -1.44 3.21
C ARG A 611 20.50 -1.54 4.05
N LEU A 612 21.40 -2.45 3.69
CA LEU A 612 22.67 -2.56 4.40
C LEU A 612 23.64 -1.46 3.98
N GLU A 613 23.74 -1.21 2.68
CA GLU A 613 24.69 -0.20 2.18
C GLU A 613 24.42 1.19 2.73
N HIS A 614 23.26 1.42 3.36
CA HIS A 614 22.95 2.69 3.99
C HIS A 614 22.96 2.63 5.51
N PHE A 615 23.27 1.48 6.09
CA PHE A 615 23.36 1.38 7.54
C PHE A 615 24.55 2.20 8.00
N PRO A 616 24.38 3.13 8.96
CA PRO A 616 25.51 3.98 9.36
C PRO A 616 26.78 3.21 9.73
N MET A 617 26.66 1.99 10.26
CA MET A 617 27.86 1.21 10.55
C MET A 617 28.60 0.86 9.26
N VAL A 618 27.92 0.89 8.12
CA VAL A 618 28.61 0.73 6.84
C VAL A 618 29.42 1.99 6.53
N HIS A 619 28.89 3.15 6.90
CA HIS A 619 29.66 4.40 6.81
C HIS A 619 30.74 4.50 7.89
N SER A 620 30.84 3.51 8.78
CA SER A 620 31.89 3.55 9.81
C SER A 620 33.27 3.53 9.18
N CYS A 621 33.41 2.92 8.01
CA CYS A 621 34.65 2.94 7.26
C CYS A 621 34.43 3.70 5.95
N PRO A 622 35.36 4.58 5.56
CA PRO A 622 35.09 5.44 4.39
C PRO A 622 34.81 4.65 3.12
N LYS A 623 35.35 3.44 2.97
CA LYS A 623 35.21 2.68 1.73
C LYS A 623 34.78 1.26 2.05
N THR A 624 33.82 0.73 1.28
CA THR A 624 33.28 -0.59 1.57
C THR A 624 32.87 -1.31 0.28
N ARG A 625 32.81 -2.65 0.39
CA ARG A 625 32.27 -3.53 -0.63
C ARG A 625 31.48 -4.62 0.09
N ILE A 626 30.37 -5.04 -0.51
CA ILE A 626 29.43 -5.96 0.14
C ILE A 626 29.45 -7.29 -0.61
N TYR A 627 29.96 -8.32 0.04
CA TYR A 627 29.85 -9.70 -0.44
C TYR A 627 28.61 -10.35 0.16
N SER A 628 27.96 -11.21 -0.63
CA SER A 628 26.76 -11.87 -0.17
C SER A 628 26.66 -13.26 -0.79
N GLY A 629 26.08 -14.19 -0.02
CA GLY A 629 25.92 -15.54 -0.50
C GLY A 629 25.40 -16.43 0.62
N MET A 630 25.67 -17.73 0.49
CA MET A 630 25.27 -18.72 1.48
C MET A 630 26.50 -19.33 2.13
N THR A 631 26.42 -19.55 3.44
CA THR A 631 27.55 -20.11 4.18
C THR A 631 27.92 -21.47 3.61
N MET A 632 29.21 -21.67 3.36
CA MET A 632 29.69 -22.87 2.67
C MET A 632 31.10 -23.17 3.14
N TYR A 633 31.30 -24.37 3.69
CA TYR A 633 32.64 -24.80 4.07
C TYR A 633 33.47 -25.08 2.82
N MET A 634 34.78 -24.78 2.91
CA MET A 634 35.71 -25.12 1.84
C MET A 634 36.55 -26.34 2.19
N PHE A 635 36.11 -27.15 3.15
CA PHE A 635 36.77 -28.40 3.49
C PHE A 635 35.70 -29.40 3.94
N SER A 636 35.88 -30.66 3.55
CA SER A 636 34.91 -31.69 3.88
C SER A 636 35.16 -32.27 5.27
N SER A 637 36.41 -32.23 5.74
CA SER A 637 36.76 -32.74 7.06
C SER A 637 38.16 -32.22 7.38
N ASN A 638 38.59 -32.49 8.61
CA ASN A 638 39.95 -32.20 9.03
C ASN A 638 40.32 -30.75 8.72
N GLY A 639 39.39 -29.82 8.99
CA GLY A 639 39.62 -28.41 8.78
C GLY A 639 40.15 -27.72 10.02
N SER A 640 40.15 -26.39 9.96
CA SER A 640 40.62 -25.54 11.05
C SER A 640 39.68 -24.35 11.15
N MET A 641 40.04 -23.41 12.04
CA MET A 641 39.31 -22.16 12.14
C MET A 641 39.54 -21.32 10.88
N ILE A 642 38.57 -20.46 10.59
CA ILE A 642 38.54 -19.71 9.34
C ILE A 642 38.72 -18.21 9.58
N TYR A 643 38.12 -17.67 10.62
CA TYR A 643 38.11 -16.23 10.87
C TYR A 643 38.40 -15.97 12.34
N LEU A 644 39.40 -15.13 12.60
CA LEU A 644 39.80 -14.81 13.97
C LEU A 644 40.16 -13.34 14.05
N ASP A 645 39.30 -12.55 14.69
CA ASP A 645 39.53 -11.12 14.91
C ASP A 645 39.53 -10.88 16.42
N LEU A 646 40.72 -10.61 16.97
CA LEU A 646 40.86 -10.27 18.39
C LEU A 646 41.36 -8.85 18.59
N SER A 647 41.27 -8.02 17.56
CA SER A 647 41.89 -6.70 17.62
C SER A 647 41.20 -5.82 18.65
N TYR A 648 41.89 -4.76 19.04
CA TYR A 648 41.35 -3.74 19.95
C TYR A 648 40.89 -4.36 21.28
N ASN A 649 41.81 -5.05 21.92
CA ASN A 649 41.65 -5.43 23.32
C ASN A 649 42.96 -5.06 24.01
N ALA A 650 43.20 -5.66 25.17
CA ALA A 650 44.44 -5.45 25.92
C ALA A 650 45.09 -6.78 26.26
N VAL A 651 44.98 -7.75 25.35
CA VAL A 651 45.62 -9.03 25.56
C VAL A 651 47.13 -8.86 25.42
N SER A 652 47.88 -9.49 26.33
CA SER A 652 49.33 -9.36 26.39
C SER A 652 49.97 -10.75 26.27
N GLY A 653 51.29 -10.78 26.24
CA GLY A 653 52.02 -12.02 26.13
C GLY A 653 52.56 -12.25 24.73
N SER A 654 52.89 -13.51 24.47
CA SER A 654 53.45 -13.91 23.20
C SER A 654 52.39 -14.58 22.33
N ILE A 655 52.61 -14.52 21.02
CA ILE A 655 51.72 -15.18 20.07
C ILE A 655 51.96 -16.68 20.18
N PRO A 656 50.97 -17.47 20.61
CA PRO A 656 51.18 -18.93 20.69
C PRO A 656 51.62 -19.50 19.35
N LEU A 657 52.66 -20.33 19.40
CA LEU A 657 53.20 -20.91 18.17
C LEU A 657 52.16 -21.76 17.45
N GLY A 658 51.27 -22.41 18.20
CA GLY A 658 50.27 -23.28 17.60
C GLY A 658 49.33 -22.58 16.63
N TYR A 659 49.27 -21.25 16.68
CA TYR A 659 48.39 -20.52 15.77
C TYR A 659 48.82 -20.65 14.31
N GLY A 660 50.08 -20.99 14.06
CA GLY A 660 50.53 -21.20 12.68
C GLY A 660 49.99 -22.44 12.02
N ALA A 661 49.33 -23.32 12.77
CA ALA A 661 48.81 -24.59 12.26
C ALA A 661 47.44 -24.47 11.61
N MET A 662 46.86 -23.27 11.53
CA MET A 662 45.48 -23.09 11.06
C MET A 662 45.52 -23.00 9.53
N GLY A 663 45.33 -24.15 8.87
CA GLY A 663 45.56 -24.22 7.44
C GLY A 663 44.49 -23.55 6.60
N TYR A 664 43.25 -23.52 7.10
CA TYR A 664 42.15 -22.89 6.39
C TYR A 664 41.87 -21.49 6.92
N LEU A 665 42.72 -20.97 7.79
CA LEU A 665 42.54 -19.63 8.36
C LEU A 665 42.76 -18.58 7.28
N GLN A 666 41.71 -17.81 6.98
CA GLN A 666 41.79 -16.75 5.99
C GLN A 666 41.94 -15.36 6.59
N VAL A 667 41.59 -15.19 7.86
CA VAL A 667 41.69 -13.90 8.54
C VAL A 667 42.31 -14.12 9.92
N LEU A 668 43.31 -13.31 10.26
CA LEU A 668 43.93 -13.31 11.58
C LEU A 668 44.21 -11.85 11.94
N ASN A 669 43.38 -11.28 12.80
CA ASN A 669 43.51 -9.87 13.20
C ASN A 669 43.82 -9.81 14.69
N LEU A 670 45.10 -9.87 15.02
CA LEU A 670 45.58 -9.67 16.38
C LEU A 670 46.04 -8.24 16.63
N GLY A 671 45.60 -7.30 15.80
CA GLY A 671 46.10 -5.94 15.87
C GLY A 671 45.59 -5.17 17.07
N HIS A 672 46.32 -4.11 17.41
CA HIS A 672 45.93 -3.18 18.47
C HIS A 672 45.74 -3.89 19.81
N ASN A 673 46.84 -4.46 20.32
CA ASN A 673 46.86 -5.04 21.65
C ASN A 673 48.22 -4.73 22.27
N LEU A 674 48.60 -5.50 23.27
CA LEU A 674 49.86 -5.34 23.98
C LEU A 674 50.71 -6.61 23.85
N LEU A 675 50.63 -7.25 22.70
CA LEU A 675 51.35 -8.50 22.47
C LEU A 675 52.84 -8.25 22.39
N THR A 676 53.61 -9.21 22.90
CA THR A 676 55.06 -9.13 22.94
C THR A 676 55.64 -10.39 22.31
N GLY A 677 56.96 -10.46 22.25
CA GLY A 677 57.64 -11.60 21.67
C GLY A 677 57.87 -11.45 20.18
N THR A 678 57.96 -12.58 19.48
CA THR A 678 58.30 -12.60 18.06
C THR A 678 57.13 -13.19 17.27
N ILE A 679 57.12 -12.89 15.98
CA ILE A 679 56.16 -13.49 15.06
C ILE A 679 56.63 -14.93 14.79
N PRO A 680 55.85 -15.94 15.15
CA PRO A 680 56.30 -17.33 14.92
C PRO A 680 56.56 -17.59 13.45
N ASP A 681 57.70 -18.26 13.19
CA ASP A 681 57.96 -18.78 11.85
C ASP A 681 56.90 -19.79 11.42
N SER A 682 56.20 -20.40 12.37
CA SER A 682 55.10 -21.31 12.00
C SER A 682 54.05 -20.60 11.16
N PHE A 683 53.94 -19.28 11.29
CA PHE A 683 52.97 -18.55 10.48
C PHE A 683 53.20 -18.76 8.99
N GLY A 684 54.34 -19.34 8.59
CA GLY A 684 54.54 -19.73 7.22
C GLY A 684 53.58 -20.79 6.72
N GLY A 685 52.85 -21.45 7.63
CA GLY A 685 51.90 -22.48 7.27
C GLY A 685 50.46 -22.02 7.24
N LEU A 686 50.23 -20.71 7.19
CA LEU A 686 48.89 -20.15 7.05
C LEU A 686 48.53 -20.01 5.57
N LYS A 687 48.46 -21.16 4.90
CA LYS A 687 48.35 -21.16 3.44
C LYS A 687 47.10 -20.44 2.95
N ALA A 688 46.03 -20.45 3.74
CA ALA A 688 44.76 -19.90 3.31
C ALA A 688 44.63 -18.42 3.63
N ILE A 689 45.63 -17.81 4.23
CA ILE A 689 45.47 -16.48 4.81
C ILE A 689 45.54 -15.43 3.71
N GLY A 690 44.69 -14.41 3.85
CA GLY A 690 44.69 -13.27 2.94
C GLY A 690 44.88 -11.95 3.68
N VAL A 691 44.40 -11.89 4.92
CA VAL A 691 44.52 -10.71 5.77
C VAL A 691 45.27 -11.12 7.03
N LEU A 692 46.34 -10.38 7.35
CA LEU A 692 47.12 -10.63 8.55
C LEU A 692 47.47 -9.30 9.19
N ASP A 693 46.81 -8.99 10.31
CA ASP A 693 47.00 -7.73 11.02
C ASP A 693 47.68 -8.01 12.35
N LEU A 694 48.92 -7.54 12.48
CA LEU A 694 49.69 -7.67 13.72
C LEU A 694 50.14 -6.31 14.24
N SER A 695 49.54 -5.22 13.72
CA SER A 695 49.99 -3.87 14.01
C SER A 695 49.63 -3.46 15.44
N HIS A 696 50.20 -2.33 15.85
CA HIS A 696 49.91 -1.70 17.14
C HIS A 696 49.98 -2.73 18.28
N ASN A 697 51.04 -3.53 18.26
CA ASN A 697 51.41 -4.38 19.39
C ASN A 697 52.83 -4.01 19.80
N ASP A 698 53.52 -4.90 20.51
CA ASP A 698 54.90 -4.67 20.92
C ASP A 698 55.76 -5.87 20.53
N LEU A 699 55.67 -6.27 19.27
CA LEU A 699 56.38 -7.44 18.79
C LEU A 699 57.82 -7.09 18.44
N GLN A 700 58.72 -8.04 18.72
CA GLN A 700 60.15 -7.85 18.50
C GLN A 700 60.64 -8.85 17.45
N GLY A 701 61.81 -8.56 16.91
CA GLY A 701 62.50 -9.50 16.04
C GLY A 701 62.26 -9.26 14.56
N PHE A 702 62.46 -10.32 13.80
CA PHE A 702 62.37 -10.29 12.35
C PHE A 702 61.00 -10.78 11.88
N LEU A 703 60.69 -10.44 10.64
CA LEU A 703 59.53 -11.02 9.98
C LEU A 703 59.88 -12.40 9.44
N PRO A 704 59.12 -13.45 9.76
CA PRO A 704 59.44 -14.77 9.21
C PRO A 704 59.54 -14.74 7.70
N GLY A 705 60.65 -15.27 7.18
CA GLY A 705 60.80 -15.36 5.74
C GLY A 705 59.75 -16.22 5.07
N SER A 706 59.15 -17.14 5.83
CA SER A 706 58.12 -18.01 5.28
C SER A 706 56.85 -17.26 4.89
N LEU A 707 56.66 -16.04 5.42
CA LEU A 707 55.51 -15.25 4.98
C LEU A 707 55.56 -15.01 3.47
N GLY A 708 56.75 -14.98 2.88
CA GLY A 708 56.84 -14.82 1.44
C GLY A 708 56.19 -15.95 0.67
N GLY A 709 56.13 -17.14 1.26
CA GLY A 709 55.47 -18.26 0.63
C GLY A 709 53.96 -18.22 0.69
N LEU A 710 53.39 -17.18 1.28
CA LEU A 710 51.94 -17.09 1.47
C LEU A 710 51.34 -16.48 0.20
N SER A 711 50.71 -17.33 -0.60
CA SER A 711 50.29 -16.96 -1.95
C SER A 711 48.96 -16.21 -2.00
N PHE A 712 48.17 -16.24 -0.92
CA PHE A 712 46.92 -15.49 -0.86
C PHE A 712 47.01 -14.26 0.03
N LEU A 713 48.12 -14.07 0.76
CA LEU A 713 48.28 -12.91 1.61
C LEU A 713 48.13 -11.62 0.81
N SER A 714 46.97 -10.96 0.93
CA SER A 714 46.68 -9.75 0.18
C SER A 714 46.64 -8.50 1.04
N ASP A 715 46.67 -8.63 2.37
CA ASP A 715 46.55 -7.47 3.26
C ASP A 715 47.37 -7.76 4.51
N LEU A 716 48.56 -7.19 4.56
CA LEU A 716 49.47 -7.35 5.68
C LEU A 716 49.63 -6.00 6.38
N ASP A 717 49.64 -6.02 7.70
CA ASP A 717 49.92 -4.80 8.46
C ASP A 717 50.68 -5.21 9.72
N VAL A 718 51.97 -4.89 9.76
CA VAL A 718 52.81 -5.07 10.92
C VAL A 718 53.34 -3.76 11.46
N SER A 719 52.78 -2.65 11.01
CA SER A 719 53.24 -1.32 11.43
C SER A 719 53.00 -1.11 12.92
N ASN A 720 53.83 -0.25 13.51
CA ASN A 720 53.69 0.16 14.91
C ASN A 720 53.97 -1.00 15.87
N ASN A 721 55.03 -1.75 15.58
CA ASN A 721 55.64 -2.64 16.56
C ASN A 721 57.09 -2.20 16.72
N ASN A 722 57.94 -3.08 17.27
CA ASN A 722 59.38 -2.87 17.23
C ASN A 722 60.02 -4.00 16.42
N LEU A 723 59.54 -4.19 15.19
CA LEU A 723 60.12 -5.18 14.31
C LEU A 723 61.36 -4.59 13.65
N THR A 724 62.22 -5.48 13.16
CA THR A 724 63.50 -5.05 12.62
C THR A 724 63.98 -6.08 11.62
N GLY A 725 65.02 -5.72 10.87
CA GLY A 725 65.62 -6.60 9.92
C GLY A 725 64.93 -6.56 8.57
N PRO A 726 65.37 -7.39 7.65
CA PRO A 726 64.85 -7.32 6.28
C PRO A 726 63.41 -7.77 6.18
N ILE A 727 62.69 -7.14 5.25
CA ILE A 727 61.33 -7.56 4.90
C ILE A 727 61.43 -8.77 3.97
N PRO A 728 60.70 -9.87 4.26
CA PRO A 728 60.80 -11.05 3.39
C PRO A 728 60.67 -10.67 1.92
N PHE A 729 61.54 -11.24 1.11
CA PHE A 729 61.66 -10.84 -0.28
C PHE A 729 60.68 -11.56 -1.19
N GLY A 730 60.03 -12.62 -0.71
CA GLY A 730 59.13 -13.40 -1.53
C GLY A 730 57.67 -13.02 -1.33
N GLY A 731 56.83 -13.57 -2.21
CA GLY A 731 55.40 -13.34 -2.14
C GLY A 731 55.06 -11.89 -2.42
N GLN A 732 53.92 -11.47 -1.88
CA GLN A 732 53.40 -10.12 -2.07
C GLN A 732 53.97 -9.13 -1.06
N LEU A 733 54.81 -9.59 -0.13
CA LEU A 733 55.23 -8.75 0.98
C LEU A 733 56.10 -7.57 0.53
N THR A 734 56.65 -7.62 -0.67
CA THR A 734 57.50 -6.55 -1.14
C THR A 734 56.72 -5.43 -1.83
N THR A 735 55.42 -5.62 -2.05
CA THR A 735 54.60 -4.67 -2.80
C THR A 735 53.62 -3.90 -1.94
N PHE A 736 53.58 -4.15 -0.63
CA PHE A 736 52.56 -3.53 0.20
C PHE A 736 52.89 -2.06 0.46
N PRO A 737 51.89 -1.26 0.86
CA PRO A 737 52.14 0.16 1.11
C PRO A 737 53.11 0.36 2.27
N LEU A 738 53.75 1.54 2.27
CA LEU A 738 54.71 1.86 3.32
C LEU A 738 54.07 1.81 4.69
N THR A 739 52.81 2.24 4.79
CA THR A 739 52.14 2.34 6.08
C THR A 739 51.99 1.00 6.77
N ARG A 740 52.19 -0.11 6.06
CA ARG A 740 52.05 -1.42 6.69
C ARG A 740 53.31 -1.86 7.42
N TYR A 741 54.46 -1.21 7.17
CA TYR A 741 55.68 -1.46 7.92
C TYR A 741 56.14 -0.26 8.73
N ALA A 742 55.46 0.87 8.61
CA ALA A 742 55.93 2.10 9.23
C ALA A 742 55.99 1.95 10.75
N ASN A 743 56.82 2.79 11.38
CA ASN A 743 56.88 2.93 12.83
C ASN A 743 57.40 1.65 13.49
N ASN A 744 58.45 1.07 12.93
CA ASN A 744 59.18 -0.04 13.54
C ASN A 744 60.61 0.38 13.84
N SER A 745 61.34 -0.50 14.52
CA SER A 745 62.69 -0.21 14.99
C SER A 745 63.74 -0.84 14.07
N GLY A 746 63.74 -0.42 12.83
CA GLY A 746 64.80 -0.77 11.90
C GLY A 746 64.48 -1.81 10.86
N LEU A 747 63.23 -1.92 10.43
CA LEU A 747 62.93 -2.70 9.25
C LEU A 747 63.67 -2.11 8.05
N CYS A 748 63.92 -2.94 7.05
CA CYS A 748 64.65 -2.49 5.87
C CYS A 748 64.34 -3.44 4.72
N GLY A 749 64.76 -3.04 3.53
CA GLY A 749 64.42 -3.80 2.34
C GLY A 749 63.12 -3.31 1.71
N VAL A 750 63.06 -3.43 0.40
CA VAL A 750 61.89 -2.99 -0.38
C VAL A 750 60.62 -3.41 0.35
N PRO A 751 59.62 -2.52 0.48
CA PRO A 751 59.54 -1.16 -0.07
C PRO A 751 60.32 -0.11 0.73
N LEU A 752 60.96 -0.50 1.83
CA LEU A 752 61.81 0.41 2.59
C LEU A 752 63.17 0.50 1.91
N PRO A 753 64.03 1.42 2.37
CA PRO A 753 65.36 1.53 1.78
C PRO A 753 66.12 0.25 1.95
N PRO A 754 67.09 -0.04 1.08
CA PRO A 754 67.84 -1.29 1.18
C PRO A 754 68.60 -1.38 2.48
N CYS A 755 68.79 -2.61 2.95
CA CYS A 755 69.49 -2.83 4.22
C CYS A 755 70.99 -2.59 4.10
N SER A 756 71.53 -2.59 2.89
CA SER A 756 72.98 -2.47 2.68
C SER A 756 73.48 -1.03 2.65
N SER A 757 72.60 -0.04 2.76
CA SER A 757 73.03 1.36 2.75
C SER A 757 72.89 1.99 4.13
N ASP B 30 -59.51 30.60 -40.15
CA ASP B 30 -58.26 31.39 -40.25
C ASP B 30 -58.22 32.51 -39.21
N VAL B 31 -57.18 32.50 -38.38
CA VAL B 31 -57.00 33.48 -37.31
C VAL B 31 -55.69 34.21 -37.55
N ASN B 32 -55.72 35.53 -37.38
CA ASN B 32 -54.53 36.34 -37.57
C ASN B 32 -53.49 36.01 -36.50
N ASP B 33 -52.22 36.01 -36.89
CA ASP B 33 -51.16 35.78 -35.91
C ASP B 33 -51.17 36.82 -34.81
N THR B 34 -51.44 38.09 -35.18
CA THR B 34 -51.48 39.16 -34.19
C THR B 34 -52.43 38.85 -33.05
N ALA B 35 -53.50 38.09 -33.31
CA ALA B 35 -54.47 37.80 -32.26
C ALA B 35 -53.96 36.68 -31.35
N LEU B 36 -53.34 35.66 -31.93
CA LEU B 36 -52.87 34.53 -31.14
C LEU B 36 -51.81 34.96 -30.12
N LEU B 37 -50.88 35.82 -30.55
CA LEU B 37 -49.89 36.36 -29.62
C LEU B 37 -50.56 37.17 -28.53
N THR B 38 -51.54 38.01 -28.91
CA THR B 38 -52.27 38.79 -27.93
C THR B 38 -53.01 37.87 -26.96
N ALA B 39 -53.52 36.74 -27.45
CA ALA B 39 -54.11 35.74 -26.57
C ALA B 39 -53.15 35.34 -25.46
N PHE B 40 -51.93 34.96 -25.83
CA PHE B 40 -50.93 34.53 -24.85
C PHE B 40 -50.68 35.59 -23.78
N LYS B 41 -50.58 36.86 -24.18
CA LYS B 41 -50.28 37.91 -23.21
C LYS B 41 -51.44 38.13 -22.24
N GLN B 42 -52.67 37.84 -22.66
CA GLN B 42 -53.85 38.07 -21.84
C GLN B 42 -54.18 36.91 -20.92
N THR B 43 -53.90 35.67 -21.35
CA THR B 43 -54.27 34.49 -20.59
C THR B 43 -53.14 33.95 -19.74
N SER B 44 -51.96 33.75 -20.33
CA SER B 44 -50.85 33.17 -19.59
C SER B 44 -50.19 34.20 -18.68
N ILE B 45 -49.73 35.30 -19.26
CA ILE B 45 -48.88 36.24 -18.53
C ILE B 45 -49.71 36.96 -17.47
N LYS B 46 -49.26 36.86 -16.22
CA LYS B 46 -49.85 37.55 -15.08
C LYS B 46 -49.01 38.69 -14.56
N SER B 47 -47.71 38.70 -14.84
CA SER B 47 -46.82 39.71 -14.30
C SER B 47 -45.63 39.88 -15.22
N ASP B 48 -45.39 41.12 -15.63
CA ASP B 48 -44.26 41.49 -16.49
C ASP B 48 -43.52 42.62 -15.80
N PRO B 49 -42.89 42.33 -14.65
CA PRO B 49 -42.31 43.43 -13.84
C PRO B 49 -41.27 44.24 -14.58
N THR B 50 -40.78 43.76 -15.71
CA THR B 50 -39.80 44.47 -16.52
C THR B 50 -40.40 45.19 -17.71
N ASN B 51 -41.73 45.09 -17.90
CA ASN B 51 -42.39 45.62 -19.08
C ASN B 51 -41.64 45.20 -20.33
N PHE B 52 -41.32 43.91 -20.40
CA PHE B 52 -40.62 43.35 -21.55
C PHE B 52 -41.57 43.17 -22.72
N LEU B 53 -42.88 43.19 -22.46
CA LEU B 53 -43.89 43.05 -23.51
C LEU B 53 -44.72 44.31 -23.71
N GLY B 54 -44.26 45.43 -23.16
CA GLY B 54 -44.92 46.70 -23.43
C GLY B 54 -45.05 46.99 -24.91
N ASN B 55 -44.16 46.41 -25.72
CA ASN B 55 -44.15 46.63 -27.17
C ASN B 55 -45.21 45.81 -27.90
N TRP B 56 -45.99 45.01 -27.19
CA TRP B 56 -47.00 44.15 -27.80
C TRP B 56 -48.32 44.92 -27.91
N ARG B 57 -48.32 45.92 -28.79
CA ARG B 57 -49.47 46.78 -28.99
C ARG B 57 -49.94 46.70 -30.43
N TYR B 58 -51.26 46.62 -30.60
CA TYR B 58 -51.85 46.52 -31.93
C TYR B 58 -51.49 47.75 -32.76
N GLY B 59 -51.19 47.51 -34.04
CA GLY B 59 -50.82 48.59 -34.95
C GLY B 59 -49.69 49.44 -34.42
N ASP B 63 -47.74 45.84 -37.57
CA ASP B 63 -47.55 44.42 -37.84
C ASP B 63 -47.02 43.71 -36.59
N PRO B 64 -47.34 42.42 -36.44
CA PRO B 64 -46.95 41.70 -35.21
C PRO B 64 -45.45 41.56 -35.05
N CYS B 65 -44.69 41.67 -36.14
CA CYS B 65 -43.27 41.34 -36.10
C CYS B 65 -42.47 42.38 -35.35
N THR B 66 -42.94 43.63 -35.31
CA THR B 66 -42.21 44.67 -34.60
C THR B 66 -42.12 44.37 -33.11
N TRP B 67 -43.02 43.54 -32.60
CA TRP B 67 -43.09 43.33 -31.16
C TRP B 67 -41.81 42.70 -30.65
N ARG B 68 -41.63 42.75 -29.34
CA ARG B 68 -40.39 42.29 -28.73
C ARG B 68 -40.42 40.77 -28.61
N GLY B 69 -39.26 40.14 -28.87
CA GLY B 69 -39.12 38.71 -28.79
C GLY B 69 -39.66 37.92 -29.97
N VAL B 70 -40.51 38.51 -30.81
CA VAL B 70 -41.11 37.80 -31.93
C VAL B 70 -40.23 37.95 -33.17
N SER B 71 -39.85 36.81 -33.76
CA SER B 71 -39.12 36.78 -35.02
C SER B 71 -40.07 36.38 -36.13
N CYS B 72 -39.90 36.97 -37.31
CA CYS B 72 -40.84 36.81 -38.41
C CYS B 72 -40.15 36.31 -39.68
N SER B 73 -40.99 35.84 -40.60
CA SER B 73 -40.59 35.52 -41.97
C SER B 73 -40.90 36.70 -42.89
N SER B 74 -40.42 36.61 -44.12
CA SER B 74 -40.57 37.73 -45.06
C SER B 74 -42.03 38.01 -45.35
N ASP B 75 -42.83 36.96 -45.52
CA ASP B 75 -44.26 37.13 -45.80
C ASP B 75 -45.02 37.73 -44.62
N GLY B 76 -44.34 38.05 -43.52
CA GLY B 76 -45.01 38.67 -42.40
C GLY B 76 -45.66 37.67 -41.47
N ARG B 77 -45.06 36.50 -41.29
CA ARG B 77 -45.59 35.47 -40.42
C ARG B 77 -44.64 35.20 -39.27
N VAL B 78 -45.20 34.81 -38.14
CA VAL B 78 -44.42 34.49 -36.95
C VAL B 78 -43.79 33.12 -37.14
N ILE B 79 -42.50 33.03 -36.78
CA ILE B 79 -41.79 31.76 -36.86
C ILE B 79 -40.94 31.55 -35.62
N GLY B 80 -40.96 32.52 -34.70
CA GLY B 80 -40.17 32.40 -33.49
C GLY B 80 -40.58 33.35 -32.38
N LEU B 81 -40.76 32.83 -31.18
CA LEU B 81 -41.10 33.64 -30.00
C LEU B 81 -40.03 33.36 -28.94
N ASP B 82 -39.18 34.35 -28.68
CA ASP B 82 -38.05 34.22 -27.78
C ASP B 82 -38.24 35.21 -26.63
N LEU B 83 -38.77 34.72 -25.51
CA LEU B 83 -38.99 35.54 -24.32
C LEU B 83 -38.19 34.97 -23.14
N ARG B 84 -36.96 34.54 -23.41
CA ARG B 84 -36.14 33.91 -22.39
C ARG B 84 -35.69 34.93 -21.35
N ASN B 85 -35.63 34.48 -20.10
CA ASN B 85 -35.13 35.31 -18.99
C ASN B 85 -35.81 36.67 -18.97
N GLY B 86 -37.14 36.65 -18.99
CA GLY B 86 -37.94 37.85 -18.97
C GLY B 86 -38.64 38.14 -17.66
N GLY B 87 -38.38 37.38 -16.61
CA GLY B 87 -39.11 37.58 -15.36
C GLY B 87 -40.60 37.50 -15.51
N LEU B 88 -41.09 36.68 -16.44
CA LEU B 88 -42.52 36.52 -16.64
C LEU B 88 -43.09 35.52 -15.64
N THR B 89 -44.14 35.92 -14.94
CA THR B 89 -44.94 35.01 -14.14
C THR B 89 -46.27 34.80 -14.83
N GLY B 90 -46.64 33.54 -15.02
CA GLY B 90 -47.87 33.27 -15.75
C GLY B 90 -48.25 31.82 -15.63
N THR B 91 -49.31 31.47 -16.36
CA THR B 91 -49.80 30.10 -16.45
C THR B 91 -49.71 29.72 -17.92
N LEU B 92 -48.78 28.84 -18.26
CA LEU B 92 -48.58 28.50 -19.65
C LEU B 92 -49.70 27.59 -20.14
N ASN B 93 -50.33 27.98 -21.24
CA ASN B 93 -51.23 27.13 -22.01
C ASN B 93 -50.63 27.00 -23.40
N LEU B 94 -49.98 25.87 -23.66
CA LEU B 94 -49.23 25.73 -24.91
C LEU B 94 -50.14 25.81 -26.12
N ASN B 95 -51.43 25.47 -25.94
CA ASN B 95 -52.35 25.43 -27.07
C ASN B 95 -52.58 26.81 -27.68
N ASN B 96 -52.33 27.88 -26.92
CA ASN B 96 -52.57 29.21 -27.45
C ASN B 96 -51.41 29.73 -28.28
N LEU B 97 -50.19 29.22 -28.04
CA LEU B 97 -49.01 29.56 -28.81
C LEU B 97 -48.78 28.59 -29.97
N THR B 98 -48.95 27.30 -29.71
CA THR B 98 -48.78 26.29 -30.73
C THR B 98 -49.86 26.37 -31.80
N ALA B 99 -50.94 27.10 -31.55
CA ALA B 99 -51.95 27.34 -32.58
C ALA B 99 -51.37 28.05 -33.79
N LEU B 100 -50.29 28.81 -33.60
CA LEU B 100 -49.66 29.53 -34.70
C LEU B 100 -49.18 28.56 -35.78
N SER B 101 -49.53 28.86 -37.03
CA SER B 101 -49.30 27.92 -38.12
C SER B 101 -47.81 27.73 -38.39
N ASN B 102 -47.02 28.81 -38.33
CA ASN B 102 -45.62 28.76 -38.70
C ASN B 102 -44.67 28.82 -37.51
N LEU B 103 -45.20 28.83 -36.28
CA LEU B 103 -44.31 28.86 -35.12
C LEU B 103 -43.43 27.62 -35.12
N ARG B 104 -42.12 27.82 -35.31
CA ARG B 104 -41.17 26.73 -35.29
C ARG B 104 -40.14 26.83 -34.16
N SER B 105 -39.94 28.01 -33.59
CA SER B 105 -39.01 28.22 -32.49
C SER B 105 -39.75 28.87 -31.33
N LEU B 106 -39.65 28.27 -30.15
CA LEU B 106 -40.31 28.81 -28.95
C LEU B 106 -39.35 28.70 -27.78
N TYR B 107 -38.82 29.84 -27.34
CA TYR B 107 -37.89 29.89 -26.22
C TYR B 107 -38.59 30.64 -25.08
N LEU B 108 -38.92 29.91 -24.00
CA LEU B 108 -39.55 30.50 -22.83
C LEU B 108 -38.81 30.16 -21.54
N GLN B 109 -37.54 29.76 -21.64
CA GLN B 109 -36.80 29.29 -20.47
C GLN B 109 -36.39 30.45 -19.58
N GLY B 110 -36.43 30.24 -18.27
CA GLY B 110 -36.01 31.24 -17.31
C GLY B 110 -37.10 32.20 -16.87
N ASN B 111 -38.27 31.66 -16.53
CA ASN B 111 -39.39 32.48 -16.11
C ASN B 111 -40.05 31.78 -14.91
N ASN B 112 -41.28 32.18 -14.60
CA ASN B 112 -42.06 31.62 -13.49
C ASN B 112 -43.40 31.14 -14.01
N PHE B 113 -43.37 30.42 -15.13
CA PHE B 113 -44.60 29.89 -15.71
C PHE B 113 -45.05 28.67 -14.93
N SER B 114 -46.33 28.65 -14.56
CA SER B 114 -46.95 27.47 -13.97
C SER B 114 -47.64 26.71 -15.10
N SER B 115 -48.20 25.54 -14.78
CA SER B 115 -48.88 24.74 -15.77
C SER B 115 -50.36 25.11 -15.79
N GLY B 116 -50.89 25.39 -16.97
CA GLY B 116 -52.26 25.78 -17.14
C GLY B 116 -53.12 24.69 -17.75
N ASP B 117 -54.23 25.12 -18.35
CA ASP B 117 -55.13 24.18 -19.01
C ASP B 117 -54.47 23.59 -20.23
N SER B 118 -54.47 22.26 -20.31
CA SER B 118 -53.87 21.56 -21.44
C SER B 118 -54.84 21.37 -22.60
N SER B 119 -56.14 21.48 -22.35
CA SER B 119 -57.14 21.26 -23.40
C SER B 119 -56.89 19.88 -24.00
N SER B 120 -57.32 19.66 -25.24
CA SER B 120 -57.07 18.42 -25.97
C SER B 120 -56.04 18.54 -27.07
N SER B 121 -56.06 19.63 -27.84
CA SER B 121 -55.12 19.86 -28.93
C SER B 121 -55.50 21.07 -29.77
N SER B 122 -54.48 21.69 -30.39
CA SER B 122 -54.68 22.81 -31.31
C SER B 122 -53.86 22.66 -32.58
N GLY B 123 -53.18 21.53 -32.77
CA GLY B 123 -52.28 21.32 -33.88
C GLY B 123 -50.98 22.09 -33.68
N CYS B 124 -49.85 21.40 -33.84
CA CYS B 124 -48.53 21.97 -33.54
C CYS B 124 -47.61 21.89 -34.76
N SER B 125 -46.71 22.88 -34.84
CA SER B 125 -45.70 22.92 -35.90
C SER B 125 -44.30 23.21 -35.36
N LEU B 126 -44.10 23.15 -34.05
CA LEU B 126 -42.82 23.52 -33.44
C LEU B 126 -41.69 22.61 -33.92
N GLU B 127 -40.50 23.18 -34.04
CA GLU B 127 -39.27 22.41 -34.26
C GLU B 127 -38.33 22.44 -33.07
N VAL B 128 -38.19 23.59 -32.41
CA VAL B 128 -37.37 23.72 -31.21
C VAL B 128 -38.25 24.32 -30.10
N LEU B 129 -38.22 23.70 -28.92
CA LEU B 129 -39.01 24.15 -27.78
C LEU B 129 -38.14 24.14 -26.54
N ASP B 130 -38.11 25.26 -25.82
CA ASP B 130 -37.27 25.41 -24.63
C ASP B 130 -38.14 25.99 -23.51
N LEU B 131 -38.56 25.13 -22.57
CA LEU B 131 -39.35 25.53 -21.42
C LEU B 131 -38.57 25.31 -20.12
N SER B 132 -37.25 25.43 -20.17
CA SER B 132 -36.41 25.13 -19.03
C SER B 132 -36.61 26.14 -17.90
N SER B 133 -36.29 25.70 -16.69
CA SER B 133 -36.24 26.56 -15.50
C SER B 133 -37.53 27.36 -15.32
N ASN B 134 -38.62 26.62 -15.08
CA ASN B 134 -39.92 27.20 -14.76
C ASN B 134 -40.50 26.40 -13.60
N SER B 135 -41.78 26.62 -13.32
CA SER B 135 -42.50 25.91 -12.26
C SER B 135 -43.65 25.10 -12.84
N LEU B 136 -43.39 24.42 -13.95
CA LEU B 136 -44.39 23.56 -14.57
C LEU B 136 -44.54 22.26 -13.79
N THR B 137 -45.76 21.74 -13.77
CA THR B 137 -46.07 20.52 -13.05
C THR B 137 -46.86 19.50 -13.86
N ASP B 138 -47.83 19.95 -14.66
CA ASP B 138 -48.62 19.05 -15.49
C ASP B 138 -47.75 18.48 -16.59
N SER B 139 -47.51 17.17 -16.56
CA SER B 139 -46.66 16.51 -17.55
C SER B 139 -47.39 16.22 -18.85
N SER B 140 -48.68 16.57 -18.95
CA SER B 140 -49.39 16.46 -20.23
C SER B 140 -48.74 17.31 -21.31
N ILE B 141 -48.03 18.37 -20.93
CA ILE B 141 -47.32 19.19 -21.91
C ILE B 141 -46.28 18.37 -22.66
N VAL B 142 -45.72 17.35 -22.00
CA VAL B 142 -44.75 16.50 -22.67
C VAL B 142 -45.46 15.50 -23.57
N ASP B 143 -46.56 14.92 -23.10
CA ASP B 143 -47.35 14.02 -23.92
C ASP B 143 -47.90 14.71 -25.16
N TYR B 144 -48.25 16.00 -25.04
CA TYR B 144 -48.77 16.75 -26.17
C TYR B 144 -47.65 17.08 -27.16
N VAL B 145 -46.52 17.57 -26.64
CA VAL B 145 -45.39 17.92 -27.48
C VAL B 145 -44.84 16.68 -28.18
N PHE B 146 -45.04 15.50 -27.57
CA PHE B 146 -44.63 14.25 -28.22
C PHE B 146 -45.65 13.76 -29.23
N SER B 147 -46.94 13.91 -28.92
CA SER B 147 -47.99 13.43 -29.81
C SER B 147 -48.09 14.30 -31.06
N THR B 148 -48.42 15.58 -30.87
CA THR B 148 -48.36 16.54 -31.96
C THR B 148 -46.91 16.98 -32.09
N CYS B 149 -46.65 18.11 -32.75
CA CYS B 149 -45.29 18.61 -32.95
C CYS B 149 -44.41 17.52 -33.58
N LEU B 150 -44.82 17.10 -34.78
CA LEU B 150 -44.07 16.04 -35.45
C LEU B 150 -42.75 16.51 -36.01
N ASN B 151 -42.50 17.82 -36.05
CA ASN B 151 -41.22 18.36 -36.50
C ASN B 151 -40.28 18.68 -35.36
N LEU B 152 -40.55 18.20 -34.15
CA LEU B 152 -39.75 18.57 -33.00
C LEU B 152 -38.35 17.98 -33.13
N VAL B 153 -37.35 18.86 -33.14
CA VAL B 153 -35.95 18.46 -33.25
C VAL B 153 -35.28 18.41 -31.89
N SER B 154 -35.41 19.49 -31.12
CA SER B 154 -34.86 19.55 -29.77
C SER B 154 -35.91 20.14 -28.85
N VAL B 155 -36.10 19.52 -27.70
CA VAL B 155 -37.05 19.99 -26.70
C VAL B 155 -36.38 19.89 -25.33
N ASN B 156 -36.68 20.84 -24.46
CA ASN B 156 -36.03 20.91 -23.15
C ASN B 156 -37.08 21.27 -22.11
N PHE B 157 -37.47 20.30 -21.29
CA PHE B 157 -38.30 20.52 -20.12
C PHE B 157 -37.49 20.53 -18.82
N SER B 158 -36.17 20.62 -18.93
CA SER B 158 -35.33 20.43 -17.75
C SER B 158 -35.57 21.53 -16.72
N HIS B 159 -35.38 21.17 -15.45
CA HIS B 159 -35.51 22.10 -14.34
C HIS B 159 -36.93 22.67 -14.26
N ASN B 160 -37.89 21.76 -14.12
CA ASN B 160 -39.26 22.12 -13.82
C ASN B 160 -39.68 21.24 -12.63
N LYS B 161 -40.99 21.13 -12.42
CA LYS B 161 -41.54 20.25 -11.39
C LYS B 161 -42.46 19.22 -12.01
N LEU B 162 -42.17 18.82 -13.25
CA LEU B 162 -42.99 17.83 -13.94
C LEU B 162 -42.99 16.54 -13.17
N ALA B 163 -44.17 16.07 -12.80
CA ALA B 163 -44.34 14.90 -11.97
C ALA B 163 -45.00 13.78 -12.79
N GLY B 164 -45.16 12.63 -12.15
CA GLY B 164 -45.81 11.50 -12.78
C GLY B 164 -44.84 10.55 -13.45
N LYS B 165 -45.41 9.46 -13.95
CA LYS B 165 -44.65 8.39 -14.57
C LYS B 165 -44.24 8.76 -16.00
N LEU B 166 -43.16 8.12 -16.45
CA LEU B 166 -42.83 8.16 -17.86
C LEU B 166 -43.75 7.18 -18.61
N LYS B 167 -44.23 7.63 -19.76
CA LYS B 167 -45.28 6.91 -20.48
C LYS B 167 -45.09 7.04 -21.99
N SER B 168 -45.35 8.24 -22.50
CA SER B 168 -45.35 8.48 -23.93
C SER B 168 -43.93 8.75 -24.41
N SER B 169 -43.56 8.10 -25.48
CA SER B 169 -42.37 8.46 -26.22
C SER B 169 -42.78 9.28 -27.43
N PRO B 170 -41.87 10.09 -27.98
CA PRO B 170 -42.25 10.94 -29.11
C PRO B 170 -42.89 10.09 -30.22
N SER B 171 -43.82 10.72 -30.93
CA SER B 171 -44.59 10.00 -31.94
C SER B 171 -43.67 9.21 -32.87
N ALA B 172 -44.14 8.05 -33.30
CA ALA B 172 -43.39 7.26 -34.27
C ALA B 172 -43.35 7.96 -35.62
N SER B 173 -44.26 8.91 -35.85
CA SER B 173 -44.21 9.75 -37.05
C SER B 173 -43.14 10.83 -36.95
N ASN B 174 -42.68 11.15 -35.75
CA ASN B 174 -41.56 12.08 -35.61
C ASN B 174 -40.29 11.38 -36.08
N LYS B 175 -39.68 11.93 -37.12
CA LYS B 175 -38.49 11.35 -37.74
C LYS B 175 -37.25 12.22 -37.58
N ARG B 176 -37.35 13.31 -36.81
CA ARG B 176 -36.29 14.30 -36.74
C ARG B 176 -35.77 14.56 -35.33
N ILE B 177 -36.51 14.15 -34.29
CA ILE B 177 -36.15 14.55 -32.94
C ILE B 177 -34.73 14.14 -32.65
N THR B 178 -33.94 15.08 -32.14
CA THR B 178 -32.52 14.90 -31.91
C THR B 178 -32.15 15.04 -30.44
N THR B 179 -32.69 16.03 -29.75
CA THR B 179 -32.33 16.32 -28.37
C THR B 179 -33.59 16.32 -27.51
N VAL B 180 -33.52 15.63 -26.37
CA VAL B 180 -34.63 15.54 -25.43
C VAL B 180 -34.05 15.59 -24.03
N ASP B 181 -34.49 16.58 -23.23
CA ASP B 181 -33.96 16.80 -21.89
C ASP B 181 -35.14 16.81 -20.91
N LEU B 182 -35.32 15.72 -20.18
CA LEU B 182 -36.32 15.64 -19.12
C LEU B 182 -35.70 15.78 -17.74
N SER B 183 -34.48 16.31 -17.65
CA SER B 183 -33.73 16.24 -16.41
C SER B 183 -34.23 17.27 -15.39
N ASN B 184 -33.99 16.97 -14.12
CA ASN B 184 -34.30 17.88 -13.03
C ASN B 184 -35.80 18.20 -12.99
N ASN B 185 -36.59 17.15 -12.84
CA ASN B 185 -38.03 17.25 -12.63
C ASN B 185 -38.40 16.36 -11.45
N ARG B 186 -39.64 15.86 -11.41
CA ARG B 186 -40.11 15.03 -10.31
C ARG B 186 -40.72 13.74 -10.84
N PHE B 187 -40.15 13.19 -11.90
CA PHE B 187 -40.67 11.94 -12.47
C PHE B 187 -40.38 10.78 -11.53
N SER B 188 -41.24 9.77 -11.59
CA SER B 188 -41.32 8.76 -10.54
C SER B 188 -41.57 7.37 -11.12
N ASP B 189 -41.43 6.37 -10.25
CA ASP B 189 -41.80 4.99 -10.52
C ASP B 189 -41.00 4.39 -11.67
N GLU B 190 -41.32 3.16 -12.06
CA GLU B 190 -40.49 2.44 -13.00
C GLU B 190 -40.53 3.10 -14.37
N ILE B 191 -39.46 2.92 -15.13
CA ILE B 191 -39.38 3.40 -16.50
C ILE B 191 -39.99 2.32 -17.39
N PRO B 192 -40.84 2.67 -18.36
CA PRO B 192 -41.32 1.65 -19.30
C PRO B 192 -40.16 1.03 -20.06
N GLU B 193 -40.17 -0.30 -20.16
CA GLU B 193 -39.05 -1.02 -20.75
C GLU B 193 -38.72 -0.50 -22.14
N THR B 194 -39.71 -0.09 -22.91
CA THR B 194 -39.52 0.35 -24.28
C THR B 194 -39.45 1.86 -24.42
N PHE B 195 -39.38 2.60 -23.31
CA PHE B 195 -39.35 4.06 -23.39
C PHE B 195 -38.23 4.54 -24.30
N ILE B 196 -36.98 4.18 -23.97
CA ILE B 196 -35.85 4.67 -24.74
C ILE B 196 -35.90 4.15 -26.17
N ALA B 197 -36.15 2.85 -26.33
CA ALA B 197 -36.18 2.26 -27.67
C ALA B 197 -37.27 2.88 -28.53
N ASP B 198 -38.40 3.27 -27.92
CA ASP B 198 -39.52 3.85 -28.66
C ASP B 198 -39.25 5.28 -29.12
N PHE B 199 -38.02 5.81 -29.03
CA PHE B 199 -37.74 7.14 -29.55
C PHE B 199 -37.40 7.05 -31.03
N PRO B 200 -37.69 8.11 -31.82
CA PRO B 200 -37.25 8.10 -33.21
C PRO B 200 -35.79 7.72 -33.34
N ASN B 201 -35.42 7.21 -34.52
CA ASN B 201 -34.09 6.66 -34.68
C ASN B 201 -33.02 7.74 -34.77
N SER B 202 -33.42 9.00 -34.95
CA SER B 202 -32.48 10.11 -35.08
C SER B 202 -32.01 10.66 -33.74
N LEU B 203 -32.50 10.12 -32.62
CA LEU B 203 -32.14 10.65 -31.32
C LEU B 203 -30.62 10.63 -31.13
N LYS B 204 -30.11 11.70 -30.53
CA LYS B 204 -28.68 11.84 -30.26
C LYS B 204 -28.39 12.10 -28.78
N HIS B 205 -29.20 12.91 -28.11
CA HIS B 205 -29.04 13.21 -26.70
C HIS B 205 -30.34 12.93 -25.97
N LEU B 206 -30.28 12.10 -24.93
CA LEU B 206 -31.41 11.85 -24.05
C LEU B 206 -30.94 12.05 -22.61
N ASP B 207 -31.53 13.02 -21.92
CA ASP B 207 -31.16 13.35 -20.55
C ASP B 207 -32.35 13.07 -19.64
N LEU B 208 -32.20 12.11 -18.74
CA LEU B 208 -33.23 11.77 -17.76
C LEU B 208 -32.75 11.97 -16.33
N SER B 209 -31.64 12.67 -16.12
CA SER B 209 -31.06 12.79 -14.79
C SER B 209 -31.91 13.69 -13.90
N GLY B 210 -31.77 13.48 -12.59
CA GLY B 210 -32.39 14.38 -11.64
C GLY B 210 -33.85 14.14 -11.33
N ASN B 211 -34.30 12.89 -11.40
CA ASN B 211 -35.65 12.55 -10.96
C ASN B 211 -35.57 11.48 -9.88
N ASN B 212 -36.70 10.79 -9.60
CA ASN B 212 -36.71 9.64 -8.72
C ASN B 212 -37.44 8.50 -9.44
N VAL B 213 -36.94 8.16 -10.63
CA VAL B 213 -37.45 7.02 -11.37
C VAL B 213 -36.77 5.75 -10.87
N THR B 214 -37.44 4.62 -11.07
CA THR B 214 -36.98 3.34 -10.56
C THR B 214 -36.93 2.34 -11.72
N GLY B 215 -36.51 1.12 -11.40
CA GLY B 215 -36.52 0.05 -12.37
C GLY B 215 -35.23 -0.73 -12.50
N ASP B 216 -35.36 -2.03 -12.75
CA ASP B 216 -34.21 -2.89 -13.04
C ASP B 216 -33.62 -2.49 -14.39
N PHE B 217 -32.36 -2.04 -14.37
CA PHE B 217 -31.75 -1.46 -15.56
C PHE B 217 -31.61 -2.47 -16.69
N SER B 218 -31.52 -3.77 -16.35
CA SER B 218 -31.30 -4.79 -17.37
C SER B 218 -32.56 -5.05 -18.20
N ARG B 219 -33.74 -4.67 -17.70
CA ARG B 219 -34.99 -4.86 -18.42
C ARG B 219 -35.31 -3.71 -19.37
N LEU B 220 -34.49 -2.66 -19.39
CA LEU B 220 -34.74 -1.49 -20.22
C LEU B 220 -34.10 -1.66 -21.60
N SER B 221 -34.88 -1.43 -22.65
CA SER B 221 -34.40 -1.53 -24.01
C SER B 221 -34.01 -0.15 -24.54
N PHE B 222 -32.83 -0.06 -25.14
CA PHE B 222 -32.40 1.08 -25.92
C PHE B 222 -32.73 0.96 -27.40
N GLY B 223 -33.32 -0.16 -27.82
CA GLY B 223 -33.63 -0.35 -29.21
C GLY B 223 -32.39 -0.46 -30.07
N LEU B 224 -32.53 -0.07 -31.33
CA LEU B 224 -31.42 -0.12 -32.27
C LEU B 224 -30.32 0.87 -31.92
N CYS B 225 -30.65 1.93 -31.18
CA CYS B 225 -29.69 2.88 -30.63
C CYS B 225 -28.60 3.22 -31.65
N GLU B 226 -29.04 3.80 -32.76
CA GLU B 226 -28.15 4.01 -33.89
C GLU B 226 -27.49 5.39 -33.92
N ASN B 227 -28.08 6.39 -33.25
CA ASN B 227 -27.47 7.71 -33.17
C ASN B 227 -27.25 8.24 -31.75
N LEU B 228 -27.67 7.51 -30.72
CA LEU B 228 -27.55 8.05 -29.37
C LEU B 228 -26.07 8.27 -29.03
N THR B 229 -25.73 9.49 -28.63
CA THR B 229 -24.37 9.87 -28.27
C THR B 229 -24.24 10.34 -26.84
N VAL B 230 -25.29 10.92 -26.25
CA VAL B 230 -25.27 11.42 -24.90
C VAL B 230 -26.48 10.81 -24.18
N PHE B 231 -26.22 10.03 -23.14
CA PHE B 231 -27.30 9.44 -22.36
C PHE B 231 -26.95 9.54 -20.89
N SER B 232 -27.89 10.00 -20.09
CA SER B 232 -27.70 10.11 -18.65
C SER B 232 -28.97 9.69 -17.94
N LEU B 233 -28.85 8.70 -17.05
CA LEU B 233 -29.89 8.38 -16.08
C LEU B 233 -29.43 8.73 -14.66
N SER B 234 -28.49 9.66 -14.55
CA SER B 234 -27.84 9.93 -13.28
C SER B 234 -28.81 10.52 -12.27
N GLN B 235 -28.62 10.14 -11.01
CA GLN B 235 -29.40 10.69 -9.90
C GLN B 235 -30.86 10.24 -9.97
N ASN B 236 -31.07 8.93 -9.84
CA ASN B 236 -32.41 8.36 -9.76
C ASN B 236 -32.34 7.20 -8.78
N SER B 237 -33.24 6.22 -8.90
CA SER B 237 -33.25 5.06 -8.01
C SER B 237 -33.26 3.76 -8.81
N ILE B 238 -32.42 3.69 -9.83
CA ILE B 238 -32.39 2.55 -10.74
C ILE B 238 -31.52 1.44 -10.15
N SER B 239 -32.08 0.24 -10.05
CA SER B 239 -31.40 -0.93 -9.52
C SER B 239 -30.88 -1.83 -10.67
N GLY B 240 -30.40 -3.02 -10.33
CA GLY B 240 -29.96 -3.97 -11.36
C GLY B 240 -28.51 -4.41 -11.24
N ASP B 241 -28.21 -5.69 -11.51
CA ASP B 241 -26.83 -6.18 -11.48
C ASP B 241 -26.24 -6.44 -12.87
N ARG B 242 -27.00 -6.23 -13.95
CA ARG B 242 -26.51 -6.36 -15.31
C ARG B 242 -26.90 -5.13 -16.11
N PHE B 243 -26.12 -4.86 -17.15
CA PHE B 243 -26.57 -3.89 -18.13
C PHE B 243 -27.53 -4.58 -19.09
N PRO B 244 -28.47 -3.85 -19.67
CA PRO B 244 -29.31 -4.46 -20.71
C PRO B 244 -28.49 -4.72 -21.95
N VAL B 245 -28.84 -5.80 -22.66
CA VAL B 245 -28.09 -6.18 -23.85
C VAL B 245 -28.20 -5.09 -24.90
N SER B 246 -29.35 -4.42 -24.96
CA SER B 246 -29.58 -3.38 -25.95
C SER B 246 -28.53 -2.27 -25.88
N LEU B 247 -28.03 -1.96 -24.69
CA LEU B 247 -27.09 -0.84 -24.56
C LEU B 247 -25.87 -1.01 -25.46
N SER B 248 -25.43 -2.25 -25.66
CA SER B 248 -24.28 -2.51 -26.52
C SER B 248 -24.52 -2.12 -27.97
N ASN B 249 -25.76 -1.80 -28.35
CA ASN B 249 -26.02 -1.32 -29.71
C ASN B 249 -25.66 0.14 -29.88
N CYS B 250 -25.47 0.89 -28.79
CA CYS B 250 -25.15 2.31 -28.87
C CYS B 250 -23.65 2.47 -29.17
N LYS B 251 -23.31 2.13 -30.41
CA LYS B 251 -21.90 2.12 -30.83
C LYS B 251 -21.32 3.52 -30.92
N LEU B 252 -22.16 4.56 -30.96
CA LEU B 252 -21.73 5.94 -31.10
C LEU B 252 -21.71 6.69 -29.78
N LEU B 253 -21.79 5.98 -28.65
CA LEU B 253 -21.90 6.65 -27.36
C LEU B 253 -20.64 7.46 -27.09
N GLU B 254 -20.83 8.69 -26.64
CA GLU B 254 -19.72 9.57 -26.26
C GLU B 254 -19.72 9.90 -24.77
N THR B 255 -20.90 9.97 -24.14
CA THR B 255 -21.01 10.23 -22.70
C THR B 255 -22.09 9.32 -22.14
N LEU B 256 -21.70 8.40 -21.27
CA LEU B 256 -22.61 7.51 -20.56
C LEU B 256 -22.52 7.85 -19.08
N ASN B 257 -23.62 8.36 -18.51
CA ASN B 257 -23.66 8.82 -17.13
C ASN B 257 -24.75 8.05 -16.41
N LEU B 258 -24.35 7.15 -15.51
CA LEU B 258 -25.26 6.30 -14.76
C LEU B 258 -25.04 6.46 -13.27
N SER B 259 -24.61 7.65 -12.84
CA SER B 259 -24.17 7.85 -11.47
C SER B 259 -25.37 8.09 -10.54
N ARG B 260 -25.14 7.86 -9.25
CA ARG B 260 -26.12 8.11 -8.20
C ARG B 260 -27.41 7.32 -8.45
N ASN B 261 -27.25 6.02 -8.55
CA ASN B 261 -28.38 5.09 -8.60
C ASN B 261 -28.08 3.94 -7.65
N SER B 262 -28.62 2.75 -7.91
CA SER B 262 -28.37 1.59 -7.09
C SER B 262 -27.97 0.40 -7.96
N LEU B 263 -27.19 0.66 -8.99
CA LEU B 263 -26.59 -0.41 -9.77
C LEU B 263 -25.63 -1.20 -8.90
N ILE B 264 -25.72 -2.53 -8.98
CA ILE B 264 -25.00 -3.41 -8.07
C ILE B 264 -24.21 -4.42 -8.89
N GLY B 265 -23.32 -5.13 -8.22
CA GLY B 265 -22.54 -6.17 -8.85
C GLY B 265 -21.18 -5.68 -9.33
N LYS B 266 -20.59 -6.47 -10.23
CA LYS B 266 -19.31 -6.14 -10.81
C LYS B 266 -19.47 -5.20 -12.00
N ILE B 267 -18.44 -4.41 -12.25
CA ILE B 267 -18.40 -3.59 -13.47
C ILE B 267 -18.29 -4.53 -14.67
N PRO B 268 -19.10 -4.35 -15.72
CA PRO B 268 -18.99 -5.23 -16.90
C PRO B 268 -17.59 -5.20 -17.50
N GLY B 269 -16.98 -6.38 -17.60
CA GLY B 269 -15.66 -6.51 -18.16
C GLY B 269 -15.64 -7.26 -19.48
N ASP B 270 -14.61 -8.06 -19.70
CA ASP B 270 -14.46 -8.83 -20.94
C ASP B 270 -14.45 -7.85 -22.11
N ASP B 271 -14.96 -8.26 -23.27
CA ASP B 271 -14.91 -7.40 -24.45
C ASP B 271 -16.03 -6.38 -24.48
N TYR B 272 -16.79 -6.25 -23.39
CA TYR B 272 -18.01 -5.43 -23.42
C TYR B 272 -17.71 -4.00 -23.83
N TRP B 273 -16.75 -3.35 -23.15
CA TRP B 273 -16.50 -1.94 -23.43
C TRP B 273 -15.84 -1.72 -24.78
N GLY B 274 -15.60 -2.78 -25.56
CA GLY B 274 -15.20 -2.60 -26.94
C GLY B 274 -16.34 -2.16 -27.83
N ASN B 275 -17.58 -2.30 -27.36
CA ASN B 275 -18.73 -1.84 -28.13
C ASN B 275 -18.77 -0.32 -28.25
N PHE B 276 -18.09 0.40 -27.36
CA PHE B 276 -18.21 1.85 -27.29
C PHE B 276 -16.87 2.46 -27.65
N GLN B 277 -16.49 2.32 -28.92
CA GLN B 277 -15.21 2.79 -29.43
C GLN B 277 -15.11 4.31 -29.53
N ASN B 278 -16.13 5.06 -29.09
CA ASN B 278 -16.09 6.52 -29.15
C ASN B 278 -16.41 7.16 -27.80
N LEU B 279 -16.52 6.36 -26.74
CA LEU B 279 -16.90 6.89 -25.43
C LEU B 279 -15.82 7.81 -24.90
N ARG B 280 -16.21 9.04 -24.54
CA ARG B 280 -15.27 9.98 -23.95
C ARG B 280 -15.46 10.20 -22.45
N GLN B 281 -16.68 10.08 -21.95
CA GLN B 281 -16.97 10.33 -20.54
C GLN B 281 -17.88 9.23 -20.01
N LEU B 282 -17.39 8.48 -19.03
CA LEU B 282 -18.15 7.43 -18.37
C LEU B 282 -18.23 7.72 -16.88
N SER B 283 -19.42 7.58 -16.31
CA SER B 283 -19.59 7.70 -14.86
C SER B 283 -20.51 6.59 -14.37
N LEU B 284 -19.98 5.76 -13.47
CA LEU B 284 -20.77 4.78 -12.72
C LEU B 284 -20.71 5.09 -11.23
N ALA B 285 -20.50 6.36 -10.91
CA ALA B 285 -20.20 6.77 -9.54
C ALA B 285 -21.42 6.64 -8.64
N HIS B 286 -21.15 6.50 -7.33
CA HIS B 286 -22.17 6.48 -6.30
C HIS B 286 -23.28 5.48 -6.62
N ASN B 287 -22.87 4.28 -7.00
CA ASN B 287 -23.71 3.11 -7.11
C ASN B 287 -23.28 2.11 -6.04
N LEU B 288 -23.51 0.82 -6.27
CA LEU B 288 -23.14 -0.23 -5.32
C LEU B 288 -22.17 -1.23 -5.95
N TYR B 289 -21.32 -0.75 -6.85
CA TYR B 289 -20.39 -1.66 -7.53
C TYR B 289 -19.31 -2.14 -6.56
N SER B 290 -18.89 -3.39 -6.76
CA SER B 290 -17.90 -4.02 -5.91
C SER B 290 -16.97 -4.85 -6.79
N GLY B 291 -15.97 -5.44 -6.16
CA GLY B 291 -14.97 -6.19 -6.90
C GLY B 291 -13.85 -5.30 -7.38
N GLU B 292 -13.07 -5.84 -8.31
CA GLU B 292 -11.98 -5.11 -8.94
C GLU B 292 -12.49 -4.32 -10.14
N ILE B 293 -11.72 -3.33 -10.55
CA ILE B 293 -11.96 -2.66 -11.82
C ILE B 293 -11.47 -3.59 -12.93
N PRO B 294 -12.34 -4.09 -13.80
CA PRO B 294 -11.90 -5.03 -14.85
C PRO B 294 -10.79 -4.43 -15.69
N PRO B 295 -9.70 -5.17 -15.95
CA PRO B 295 -8.66 -4.65 -16.84
C PRO B 295 -9.18 -4.33 -18.22
N GLU B 296 -10.24 -5.03 -18.65
CA GLU B 296 -10.81 -4.80 -19.98
C GLU B 296 -11.47 -3.44 -20.11
N LEU B 297 -11.67 -2.73 -18.99
CA LEU B 297 -12.18 -1.37 -19.07
C LEU B 297 -11.26 -0.47 -19.89
N SER B 298 -10.01 -0.88 -20.08
CA SER B 298 -9.05 -0.09 -20.85
C SER B 298 -9.31 -0.11 -22.35
N LEU B 299 -10.36 -0.81 -22.81
CA LEU B 299 -10.70 -0.72 -24.23
C LEU B 299 -11.13 0.70 -24.60
N LEU B 300 -11.66 1.45 -23.63
CA LEU B 300 -12.07 2.83 -23.87
C LEU B 300 -10.89 3.78 -23.96
N CYS B 301 -9.67 3.31 -23.69
CA CYS B 301 -8.54 4.22 -23.51
C CYS B 301 -8.10 4.91 -24.80
N ARG B 302 -8.69 4.57 -25.95
CA ARG B 302 -8.39 5.34 -27.15
C ARG B 302 -8.99 6.73 -27.07
N THR B 303 -10.13 6.86 -26.39
CA THR B 303 -10.93 8.08 -26.43
C THR B 303 -11.36 8.59 -25.06
N LEU B 304 -11.23 7.81 -24.00
CA LEU B 304 -11.76 8.20 -22.70
C LEU B 304 -11.09 9.48 -22.22
N GLU B 305 -11.92 10.46 -21.81
CA GLU B 305 -11.45 11.72 -21.28
C GLU B 305 -11.83 11.95 -19.82
N VAL B 306 -12.89 11.33 -19.34
CA VAL B 306 -13.37 11.48 -17.98
C VAL B 306 -13.83 10.13 -17.48
N LEU B 307 -13.32 9.71 -16.33
CA LEU B 307 -13.76 8.48 -15.68
C LEU B 307 -14.09 8.78 -14.23
N ASP B 308 -15.31 8.47 -13.82
CA ASP B 308 -15.73 8.64 -12.43
C ASP B 308 -16.30 7.30 -11.97
N LEU B 309 -15.52 6.56 -11.17
CA LEU B 309 -15.98 5.34 -10.52
C LEU B 309 -16.10 5.53 -9.02
N SER B 310 -16.22 6.78 -8.57
CA SER B 310 -16.21 7.09 -7.15
C SER B 310 -17.51 6.66 -6.48
N GLY B 311 -17.44 6.50 -5.16
CA GLY B 311 -18.63 6.22 -4.36
C GLY B 311 -19.17 4.83 -4.50
N ASN B 312 -18.31 3.84 -4.71
CA ASN B 312 -18.73 2.45 -4.75
C ASN B 312 -17.96 1.68 -3.69
N SER B 313 -17.77 0.38 -3.88
CA SER B 313 -16.97 -0.45 -2.99
C SER B 313 -15.93 -1.21 -3.80
N LEU B 314 -15.25 -0.50 -4.69
CA LEU B 314 -14.24 -1.14 -5.53
C LEU B 314 -12.99 -1.43 -4.74
N THR B 315 -12.31 -2.50 -5.12
CA THR B 315 -11.16 -3.03 -4.40
C THR B 315 -10.01 -3.28 -5.38
N GLY B 316 -8.88 -3.72 -4.85
CA GLY B 316 -7.71 -3.87 -5.68
C GLY B 316 -7.19 -2.51 -6.11
N GLN B 317 -6.70 -2.44 -7.34
CA GLN B 317 -6.13 -1.20 -7.86
C GLN B 317 -6.60 -0.98 -9.28
N LEU B 318 -6.23 0.17 -9.83
CA LEU B 318 -6.46 0.46 -11.24
C LEU B 318 -5.60 -0.47 -12.08
N PRO B 319 -6.19 -1.35 -12.90
CA PRO B 319 -5.39 -2.33 -13.63
C PRO B 319 -4.28 -1.68 -14.46
N GLN B 320 -3.21 -2.45 -14.67
CA GLN B 320 -2.06 -1.94 -15.40
C GLN B 320 -2.43 -1.53 -16.82
N SER B 321 -3.43 -2.18 -17.41
CA SER B 321 -3.82 -1.92 -18.78
C SER B 321 -4.13 -0.44 -19.03
N PHE B 322 -4.41 0.33 -17.99
CA PHE B 322 -4.83 1.72 -18.17
C PHE B 322 -3.68 2.67 -18.51
N THR B 323 -2.46 2.17 -18.65
CA THR B 323 -1.37 3.05 -19.07
C THR B 323 -1.59 3.59 -20.47
N SER B 324 -2.43 2.93 -21.27
CA SER B 324 -2.72 3.36 -22.64
C SER B 324 -3.81 4.43 -22.71
N CYS B 325 -4.22 5.00 -21.58
CA CYS B 325 -5.24 6.05 -21.55
C CYS B 325 -4.61 7.42 -21.68
N GLY B 326 -3.90 7.61 -22.80
CA GLY B 326 -3.19 8.86 -23.03
C GLY B 326 -4.09 10.08 -23.14
N SER B 327 -5.40 9.89 -23.20
CA SER B 327 -6.33 11.01 -23.33
C SER B 327 -7.05 11.33 -22.02
N LEU B 328 -6.95 10.45 -21.02
CA LEU B 328 -7.70 10.65 -19.79
C LEU B 328 -7.28 11.94 -19.11
N GLN B 329 -8.27 12.79 -18.83
CA GLN B 329 -8.05 14.08 -18.19
C GLN B 329 -8.53 14.12 -16.74
N SER B 330 -9.69 13.52 -16.45
CA SER B 330 -10.26 13.52 -15.11
C SER B 330 -10.50 12.08 -14.69
N LEU B 331 -9.69 11.60 -13.75
CA LEU B 331 -9.88 10.29 -13.14
C LEU B 331 -10.33 10.51 -11.70
N ASN B 332 -11.55 10.06 -11.39
CA ASN B 332 -12.13 10.20 -10.05
C ASN B 332 -12.49 8.81 -9.55
N LEU B 333 -11.69 8.28 -8.64
CA LEU B 333 -11.92 6.97 -8.04
C LEU B 333 -12.11 7.08 -6.53
N GLY B 334 -12.63 8.22 -6.08
CA GLY B 334 -12.75 8.47 -4.65
C GLY B 334 -13.83 7.63 -4.00
N ASN B 335 -13.67 7.42 -2.70
CA ASN B 335 -14.65 6.71 -1.86
C ASN B 335 -14.84 5.28 -2.35
N ASN B 336 -13.73 4.54 -2.37
CA ASN B 336 -13.75 3.11 -2.66
C ASN B 336 -12.90 2.39 -1.61
N LYS B 337 -12.33 1.25 -1.97
CA LYS B 337 -11.44 0.50 -1.09
C LYS B 337 -10.16 0.14 -1.83
N LEU B 338 -9.74 1.02 -2.75
CA LEU B 338 -8.60 0.75 -3.59
C LEU B 338 -7.30 0.85 -2.78
N SER B 339 -6.29 0.11 -3.22
CA SER B 339 -5.01 0.07 -2.53
C SER B 339 -3.92 -0.32 -3.52
N GLY B 340 -2.68 -0.18 -3.09
CA GLY B 340 -1.52 -0.55 -3.87
C GLY B 340 -0.74 0.66 -4.35
N ASP B 341 0.22 0.39 -5.24
CA ASP B 341 1.12 1.40 -5.76
C ASP B 341 0.73 1.88 -7.14
N PHE B 342 -0.56 1.81 -7.49
CA PHE B 342 -0.98 2.12 -8.85
C PHE B 342 -0.86 3.61 -9.16
N LEU B 343 -0.81 4.47 -8.14
CA LEU B 343 -0.50 5.87 -8.39
C LEU B 343 0.78 6.01 -9.20
N SER B 344 1.76 5.16 -8.90
CA SER B 344 3.07 5.21 -9.54
C SER B 344 3.13 4.30 -10.76
N THR B 345 2.65 3.06 -10.63
CA THR B 345 2.76 2.11 -11.73
C THR B 345 1.95 2.56 -12.94
N VAL B 346 0.86 3.31 -12.72
CA VAL B 346 -0.07 3.63 -13.79
C VAL B 346 -0.27 5.13 -13.91
N VAL B 347 -0.83 5.76 -12.87
CA VAL B 347 -1.31 7.13 -13.01
C VAL B 347 -0.21 8.05 -13.50
N SER B 348 1.02 7.89 -12.96
CA SER B 348 2.10 8.76 -13.40
C SER B 348 2.38 8.64 -14.89
N LYS B 349 1.99 7.52 -15.51
CA LYS B 349 2.20 7.30 -16.93
C LYS B 349 1.13 7.92 -17.82
N LEU B 350 0.00 8.36 -17.25
CA LEU B 350 -0.98 9.13 -18.02
C LEU B 350 -0.48 10.58 -18.12
N SER B 351 -0.22 11.03 -19.35
CA SER B 351 0.42 12.32 -19.54
C SER B 351 -0.59 13.46 -19.44
N ARG B 352 -1.77 13.28 -20.03
CA ARG B 352 -2.77 14.34 -20.08
C ARG B 352 -3.58 14.50 -18.81
N ILE B 353 -3.30 13.70 -17.77
CA ILE B 353 -4.08 13.77 -16.54
C ILE B 353 -4.03 15.17 -15.97
N THR B 354 -5.18 15.72 -15.55
CA THR B 354 -5.24 17.07 -15.00
C THR B 354 -6.01 17.14 -13.69
N ASN B 355 -7.01 16.28 -13.51
CA ASN B 355 -7.81 16.25 -12.29
C ASN B 355 -7.81 14.82 -11.77
N LEU B 356 -7.13 14.61 -10.64
CA LEU B 356 -6.95 13.28 -10.07
C LEU B 356 -7.52 13.27 -8.65
N TYR B 357 -8.54 12.44 -8.43
CA TYR B 357 -9.20 12.34 -7.14
C TYR B 357 -9.13 10.88 -6.69
N LEU B 358 -8.43 10.61 -5.60
CA LEU B 358 -8.41 9.28 -5.02
C LEU B 358 -8.65 9.28 -3.52
N PRO B 359 -9.48 10.18 -2.98
CA PRO B 359 -9.67 10.22 -1.53
C PRO B 359 -10.59 9.12 -1.05
N PHE B 360 -10.51 8.87 0.25
CA PHE B 360 -11.35 7.86 0.92
C PHE B 360 -11.11 6.48 0.31
N ASN B 361 -9.85 6.09 0.22
CA ASN B 361 -9.45 4.78 -0.26
C ASN B 361 -8.50 4.14 0.77
N ASN B 362 -7.79 3.07 0.40
CA ASN B 362 -6.88 2.38 1.32
C ASN B 362 -5.43 2.43 0.88
N ILE B 363 -5.04 3.47 0.14
CA ILE B 363 -3.70 3.57 -0.43
C ILE B 363 -2.70 3.89 0.67
N SER B 364 -1.78 2.95 0.95
CA SER B 364 -0.78 3.10 1.99
C SER B 364 0.58 3.45 1.40
N GLY B 365 1.58 3.56 2.27
CA GLY B 365 2.93 3.95 1.87
C GLY B 365 3.11 5.45 1.80
N SER B 366 4.20 5.85 1.12
CA SER B 366 4.49 7.27 0.89
C SER B 366 3.81 7.72 -0.39
N VAL B 367 3.52 9.01 -0.47
CA VAL B 367 3.02 9.52 -1.74
C VAL B 367 4.07 9.26 -2.81
N PRO B 368 3.72 8.68 -3.95
CA PRO B 368 4.75 8.39 -4.96
C PRO B 368 5.31 9.66 -5.57
N ILE B 369 6.62 9.68 -5.74
CA ILE B 369 7.26 10.85 -6.32
C ILE B 369 7.04 10.88 -7.82
N SER B 370 6.88 9.70 -8.43
CA SER B 370 6.58 9.61 -9.85
C SER B 370 5.34 10.41 -10.23
N LEU B 371 4.47 10.71 -9.27
CA LEU B 371 3.30 11.54 -9.54
C LEU B 371 3.68 12.91 -10.07
N THR B 372 4.95 13.30 -9.98
CA THR B 372 5.40 14.55 -10.57
C THR B 372 5.52 14.45 -12.09
N ASN B 373 5.75 13.25 -12.62
CA ASN B 373 5.76 13.06 -14.06
C ASN B 373 4.44 13.46 -14.71
N CYS B 374 3.39 13.68 -13.93
CA CYS B 374 2.13 14.20 -14.46
C CYS B 374 2.27 15.71 -14.51
N SER B 375 2.80 16.20 -15.63
CA SER B 375 3.15 17.61 -15.76
C SER B 375 1.94 18.51 -15.84
N ASN B 376 0.77 17.97 -16.22
CA ASN B 376 -0.43 18.77 -16.43
C ASN B 376 -1.41 18.67 -15.27
N LEU B 377 -0.92 18.37 -14.07
CA LEU B 377 -1.78 18.08 -12.93
C LEU B 377 -2.17 19.38 -12.25
N ARG B 378 -3.46 19.70 -12.28
CA ARG B 378 -3.99 20.89 -11.62
C ARG B 378 -4.65 20.59 -10.28
N VAL B 379 -5.31 19.44 -10.14
CA VAL B 379 -6.03 19.08 -8.92
C VAL B 379 -5.62 17.69 -8.51
N LEU B 380 -5.25 17.54 -7.23
CA LEU B 380 -4.81 16.26 -6.67
C LEU B 380 -5.42 16.12 -5.29
N ASP B 381 -6.14 15.03 -5.05
CA ASP B 381 -6.82 14.79 -3.78
C ASP B 381 -6.50 13.38 -3.32
N LEU B 382 -5.74 13.26 -2.23
CA LEU B 382 -5.35 11.98 -1.66
C LEU B 382 -5.79 11.86 -0.20
N SER B 383 -6.85 12.57 0.17
CA SER B 383 -7.26 12.64 1.56
C SER B 383 -7.91 11.33 2.01
N SER B 384 -7.87 11.09 3.32
CA SER B 384 -8.49 9.93 3.94
C SER B 384 -7.99 8.63 3.30
N ASN B 385 -6.68 8.52 3.18
CA ASN B 385 -6.01 7.27 2.88
C ASN B 385 -5.14 6.94 4.09
N GLU B 386 -4.08 6.15 3.91
CA GLU B 386 -3.16 5.84 4.99
C GLU B 386 -1.73 6.24 4.65
N PHE B 387 -1.57 7.35 3.92
CA PHE B 387 -0.23 7.76 3.50
C PHE B 387 0.64 8.08 4.69
N THR B 388 1.93 7.75 4.56
CA THR B 388 2.93 8.03 5.57
C THR B 388 4.10 8.77 4.93
N GLY B 389 5.01 9.25 5.75
CA GLY B 389 6.18 9.93 5.24
C GLY B 389 6.00 11.43 5.15
N GLU B 390 6.66 12.05 4.18
CA GLU B 390 6.71 13.50 4.07
C GLU B 390 5.67 13.99 3.06
N VAL B 391 5.45 15.30 3.08
CA VAL B 391 4.49 15.93 2.16
C VAL B 391 5.05 15.88 0.75
N PRO B 392 4.23 15.65 -0.27
CA PRO B 392 4.72 15.75 -1.64
C PRO B 392 5.14 17.18 -1.98
N SER B 393 6.27 17.29 -2.68
CA SER B 393 6.80 18.60 -3.04
C SER B 393 7.41 18.68 -4.42
N GLY B 394 7.70 17.55 -5.09
CA GLY B 394 8.35 17.59 -6.38
C GLY B 394 7.54 18.24 -7.48
N PHE B 395 6.23 18.41 -7.28
CA PHE B 395 5.41 19.03 -8.32
C PHE B 395 5.91 20.41 -8.68
N CYS B 396 6.46 21.15 -7.71
CA CYS B 396 6.81 22.54 -7.95
C CYS B 396 8.18 22.67 -8.59
N SER B 397 9.16 21.90 -8.11
CA SER B 397 10.50 21.90 -8.68
C SER B 397 10.62 21.01 -9.92
N LEU B 398 9.50 20.75 -10.58
CA LEU B 398 9.52 20.06 -11.86
C LEU B 398 10.45 20.79 -12.82
N GLN B 399 10.99 20.05 -13.79
CA GLN B 399 11.89 20.65 -14.77
C GLN B 399 11.32 21.92 -15.39
N SER B 400 10.00 22.15 -15.27
CA SER B 400 9.34 23.34 -15.77
C SER B 400 8.52 23.96 -14.65
N SER B 401 7.87 25.08 -14.96
CA SER B 401 6.91 25.67 -14.03
C SER B 401 5.80 24.68 -13.72
N SER B 402 5.26 24.78 -12.51
CA SER B 402 4.20 23.90 -12.06
C SER B 402 2.82 24.53 -12.29
N VAL B 403 1.86 23.70 -12.71
CA VAL B 403 0.49 24.13 -12.91
C VAL B 403 -0.43 23.73 -11.76
N LEU B 404 0.10 23.05 -10.75
CA LEU B 404 -0.71 22.59 -9.62
C LEU B 404 -1.42 23.76 -8.95
N GLU B 405 -2.73 23.61 -8.74
CA GLU B 405 -3.55 24.62 -8.07
C GLU B 405 -4.18 24.12 -6.77
N LYS B 406 -4.45 22.83 -6.64
CA LYS B 406 -5.08 22.26 -5.46
C LYS B 406 -4.29 21.04 -5.00
N LEU B 407 -3.89 21.04 -3.73
CA LEU B 407 -3.18 19.93 -3.11
C LEU B 407 -3.93 19.56 -1.84
N LEU B 408 -4.52 18.37 -1.82
CA LEU B 408 -5.37 17.93 -0.71
C LEU B 408 -4.85 16.57 -0.25
N ILE B 409 -4.39 16.49 0.99
CA ILE B 409 -3.92 15.24 1.55
C ILE B 409 -4.34 15.17 3.01
N ALA B 410 -5.61 15.48 3.29
CA ALA B 410 -6.08 15.49 4.66
C ALA B 410 -6.27 14.07 5.18
N ASN B 411 -6.40 13.97 6.51
CA ASN B 411 -6.64 12.72 7.22
C ASN B 411 -5.78 11.60 6.67
N ASN B 412 -4.47 11.84 6.67
CA ASN B 412 -3.47 10.81 6.42
C ASN B 412 -2.52 10.75 7.60
N TYR B 413 -1.36 10.13 7.42
CA TYR B 413 -0.34 10.04 8.47
C TYR B 413 0.98 10.65 8.00
N LEU B 414 0.89 11.80 7.35
CA LEU B 414 2.08 12.54 6.94
C LEU B 414 2.79 13.10 8.16
N SER B 415 4.10 13.23 8.05
CA SER B 415 4.93 13.67 9.16
C SER B 415 6.03 14.58 8.63
N GLY B 416 6.76 15.18 9.56
CA GLY B 416 7.78 16.16 9.21
C GLY B 416 7.22 17.57 9.23
N THR B 417 7.67 18.41 8.30
CA THR B 417 7.27 19.80 8.25
C THR B 417 6.73 20.13 6.87
N VAL B 418 6.02 21.25 6.78
CA VAL B 418 5.50 21.74 5.51
C VAL B 418 6.70 22.05 4.62
N PRO B 419 6.93 21.31 3.54
CA PRO B 419 8.14 21.55 2.74
C PRO B 419 8.20 22.98 2.23
N VAL B 420 9.36 23.61 2.42
CA VAL B 420 9.57 24.94 1.85
C VAL B 420 9.55 24.86 0.33
N GLU B 421 9.81 23.67 -0.22
CA GLU B 421 9.75 23.47 -1.66
C GLU B 421 8.38 23.80 -2.25
N LEU B 422 7.32 23.77 -1.42
CA LEU B 422 5.98 24.10 -1.92
C LEU B 422 5.87 25.54 -2.38
N GLY B 423 6.75 26.43 -1.93
CA GLY B 423 6.70 27.82 -2.36
C GLY B 423 6.90 28.03 -3.85
N LYS B 424 7.41 27.01 -4.55
CA LYS B 424 7.63 27.15 -5.99
C LYS B 424 6.37 26.94 -6.82
N CYS B 425 5.34 26.31 -6.26
CA CYS B 425 4.09 26.08 -6.98
C CYS B 425 3.30 27.39 -7.01
N LYS B 426 3.80 28.32 -7.83
CA LYS B 426 3.22 29.66 -7.84
C LYS B 426 1.77 29.66 -8.27
N SER B 427 1.31 28.61 -8.94
CA SER B 427 -0.09 28.50 -9.31
C SER B 427 -0.96 27.94 -8.19
N LEU B 428 -0.38 27.62 -7.04
CA LEU B 428 -1.12 26.99 -5.96
C LEU B 428 -2.16 27.96 -5.40
N LYS B 429 -3.38 27.46 -5.20
CA LYS B 429 -4.48 28.23 -4.64
C LYS B 429 -5.06 27.63 -3.37
N THR B 430 -5.01 26.31 -3.22
CA THR B 430 -5.57 25.62 -2.06
C THR B 430 -4.57 24.59 -1.55
N ILE B 431 -4.36 24.57 -0.23
CA ILE B 431 -3.49 23.59 0.40
C ILE B 431 -4.22 23.06 1.64
N ASP B 432 -4.54 21.77 1.63
CA ASP B 432 -5.23 21.12 2.74
C ASP B 432 -4.36 19.96 3.23
N LEU B 433 -3.71 20.16 4.37
CA LEU B 433 -2.86 19.15 4.98
C LEU B 433 -3.37 18.77 6.36
N SER B 434 -4.67 18.90 6.59
CA SER B 434 -5.24 18.74 7.92
C SER B 434 -5.17 17.29 8.40
N PHE B 435 -5.20 17.15 9.73
CA PHE B 435 -5.35 15.85 10.39
C PHE B 435 -4.26 14.86 9.97
N ASN B 436 -3.03 15.35 9.87
CA ASN B 436 -1.84 14.54 9.75
C ASN B 436 -1.09 14.57 11.08
N ALA B 437 0.24 14.49 11.04
CA ALA B 437 1.08 14.65 12.22
C ALA B 437 2.21 15.62 11.93
N LEU B 438 1.96 16.63 11.09
CA LEU B 438 2.99 17.59 10.72
C LEU B 438 3.46 18.36 11.95
N THR B 439 4.66 18.91 11.85
CA THR B 439 5.26 19.69 12.92
C THR B 439 6.08 20.83 12.33
N GLY B 440 6.71 21.60 13.22
CA GLY B 440 7.55 22.69 12.81
C GLY B 440 6.76 23.94 12.47
N LEU B 441 7.48 24.93 11.92
CA LEU B 441 6.87 26.19 11.55
C LEU B 441 6.31 26.10 10.13
N ILE B 442 5.43 27.05 9.81
CA ILE B 442 4.94 27.22 8.45
C ILE B 442 5.90 28.15 7.73
N PRO B 443 6.71 27.66 6.79
CA PRO B 443 7.72 28.52 6.15
C PRO B 443 7.11 29.78 5.55
N LYS B 444 7.89 30.86 5.57
CA LYS B 444 7.49 32.09 4.89
C LYS B 444 7.06 31.83 3.45
N GLU B 445 7.70 30.87 2.79
CA GLU B 445 7.44 30.65 1.37
C GLU B 445 6.00 30.23 1.11
N ILE B 446 5.30 29.73 2.13
CA ILE B 446 3.87 29.43 1.99
C ILE B 446 3.05 30.72 2.00
N TRP B 447 3.30 31.59 2.97
CA TRP B 447 2.52 32.80 3.11
C TRP B 447 2.69 33.76 1.95
N THR B 448 3.61 33.50 1.02
CA THR B 448 3.85 34.38 -0.11
C THR B 448 3.45 33.77 -1.45
N LEU B 449 2.91 32.55 -1.46
CA LEU B 449 2.35 31.99 -2.68
C LEU B 449 1.39 33.00 -3.31
N PRO B 450 1.62 33.46 -4.53
CA PRO B 450 0.82 34.58 -5.05
C PRO B 450 -0.66 34.29 -5.15
N LYS B 451 -1.04 33.12 -5.67
CA LYS B 451 -2.43 32.79 -5.93
C LYS B 451 -3.13 32.15 -4.74
N LEU B 452 -2.45 31.98 -3.61
CA LEU B 452 -3.01 31.24 -2.49
C LEU B 452 -4.35 31.83 -2.05
N SER B 453 -5.26 30.95 -1.63
CA SER B 453 -6.59 31.36 -1.25
C SER B 453 -7.12 30.57 -0.05
N ASP B 454 -6.79 29.28 0.01
CA ASP B 454 -7.26 28.39 1.07
C ASP B 454 -6.06 27.72 1.71
N LEU B 455 -5.78 28.11 2.96
CA LEU B 455 -4.70 27.52 3.76
C LEU B 455 -5.34 26.75 4.91
N VAL B 456 -5.24 25.42 4.85
CA VAL B 456 -6.02 24.52 5.71
C VAL B 456 -5.08 23.43 6.21
N MET B 457 -4.73 23.47 7.50
CA MET B 457 -3.84 22.46 8.06
C MET B 457 -4.16 22.21 9.53
N TRP B 458 -5.44 22.18 9.88
CA TRP B 458 -5.81 22.03 11.28
C TRP B 458 -5.60 20.58 11.74
N ALA B 459 -5.55 20.41 13.06
CA ALA B 459 -5.34 19.11 13.69
C ALA B 459 -3.97 18.54 13.33
N ASN B 460 -2.95 19.39 13.40
CA ASN B 460 -1.55 18.95 13.33
C ASN B 460 -0.85 19.49 14.57
N ASN B 461 0.47 19.62 14.52
CA ASN B 461 1.23 20.22 15.62
C ASN B 461 2.14 21.32 15.12
N LEU B 462 1.62 22.16 14.23
CA LEU B 462 2.43 23.27 13.71
C LEU B 462 2.63 24.32 14.79
N THR B 463 3.82 24.90 14.81
CA THR B 463 4.21 25.91 15.78
C THR B 463 4.57 27.20 15.05
N GLY B 464 5.05 28.18 15.81
CA GLY B 464 5.32 29.49 15.25
C GLY B 464 4.09 30.38 15.34
N GLY B 465 4.14 31.47 14.58
CA GLY B 465 3.05 32.42 14.54
C GLY B 465 2.68 32.78 13.12
N ILE B 466 1.70 33.66 13.01
CA ILE B 466 1.27 34.20 11.72
C ILE B 466 2.14 35.42 11.41
N PRO B 467 2.84 35.44 10.28
CA PRO B 467 3.68 36.61 9.96
C PRO B 467 2.88 37.90 9.95
N GLU B 468 3.58 39.01 10.15
CA GLU B 468 3.01 40.34 9.94
C GLU B 468 2.91 40.71 8.46
N SER B 469 3.25 39.78 7.56
CA SER B 469 3.28 40.06 6.13
C SER B 469 2.22 39.24 5.39
N ILE B 470 1.00 39.21 5.92
CA ILE B 470 -0.06 38.38 5.37
C ILE B 470 -0.87 39.17 4.34
N CYS B 471 -1.25 38.51 3.25
CA CYS B 471 -2.14 39.08 2.25
C CYS B 471 -1.55 40.33 1.60
N VAL B 472 -0.34 40.71 2.00
CA VAL B 472 0.35 41.85 1.42
C VAL B 472 1.42 41.31 0.48
N ASP B 473 2.29 40.46 1.00
CA ASP B 473 3.31 39.80 0.20
C ASP B 473 2.81 38.49 -0.40
N GLY B 474 1.76 37.90 0.19
CA GLY B 474 1.11 36.74 -0.38
C GLY B 474 -0.30 37.06 -0.87
N GLY B 475 -1.02 35.99 -1.19
CA GLY B 475 -2.34 36.15 -1.77
C GLY B 475 -3.36 36.60 -0.75
N ASN B 476 -4.34 37.37 -1.23
CA ASN B 476 -5.48 37.76 -0.40
C ASN B 476 -6.36 36.54 -0.19
N LEU B 477 -6.32 35.98 1.01
CA LEU B 477 -6.90 34.67 1.26
C LEU B 477 -8.41 34.74 1.44
N GLU B 478 -9.05 33.60 1.15
CA GLU B 478 -10.45 33.37 1.49
C GLU B 478 -10.62 32.53 2.74
N THR B 479 -9.63 31.69 3.06
CA THR B 479 -9.75 30.74 4.16
C THR B 479 -8.40 30.59 4.86
N LEU B 480 -8.43 30.65 6.19
CA LEU B 480 -7.24 30.42 7.03
C LEU B 480 -7.68 29.56 8.21
N ILE B 481 -7.41 28.26 8.12
CA ILE B 481 -7.97 27.27 9.04
C ILE B 481 -6.80 26.51 9.65
N LEU B 482 -6.40 26.91 10.87
CA LEU B 482 -5.25 26.32 11.55
C LEU B 482 -5.57 25.97 12.98
N ASN B 483 -6.85 25.73 13.28
CA ASN B 483 -7.24 25.37 14.64
C ASN B 483 -6.58 24.06 15.06
N ASN B 484 -6.53 23.85 16.37
CA ASN B 484 -5.95 22.63 16.95
C ASN B 484 -4.51 22.43 16.46
N ASN B 485 -3.71 23.47 16.68
CA ASN B 485 -2.27 23.41 16.44
C ASN B 485 -1.60 23.98 17.68
N LEU B 486 -0.34 24.39 17.55
CA LEU B 486 0.42 25.00 18.64
C LEU B 486 0.94 26.38 18.27
N LEU B 487 0.24 27.07 17.37
CA LEU B 487 0.65 28.42 16.99
C LEU B 487 0.71 29.34 18.20
N THR B 488 1.62 30.31 18.13
CA THR B 488 1.84 31.25 19.23
C THR B 488 1.87 32.67 18.70
N GLY B 489 2.21 33.63 19.56
CA GLY B 489 2.22 35.01 19.15
C GLY B 489 0.82 35.60 19.10
N SER B 490 0.68 36.65 18.31
CA SER B 490 -0.58 37.38 18.17
C SER B 490 -1.07 37.28 16.73
N LEU B 491 -2.24 37.88 16.50
CA LEU B 491 -2.87 37.90 15.18
C LEU B 491 -2.50 39.20 14.50
N PRO B 492 -1.67 39.18 13.44
CA PRO B 492 -1.16 40.43 12.88
C PRO B 492 -2.27 41.39 12.47
N GLU B 493 -2.03 42.68 12.70
CA GLU B 493 -2.95 43.69 12.17
C GLU B 493 -3.06 43.60 10.66
N SER B 494 -2.03 43.09 9.99
CA SER B 494 -2.10 42.92 8.54
C SER B 494 -3.28 42.04 8.14
N ILE B 495 -3.84 41.29 9.08
CA ILE B 495 -5.05 40.50 8.81
C ILE B 495 -6.10 41.40 8.18
N SER B 496 -6.09 42.68 8.52
CA SER B 496 -7.00 43.65 7.91
C SER B 496 -6.89 43.67 6.40
N LYS B 497 -5.75 43.23 5.85
CA LYS B 497 -5.53 43.26 4.41
C LYS B 497 -6.15 42.08 3.68
N CYS B 498 -6.68 41.09 4.40
CA CYS B 498 -7.27 39.90 3.78
C CYS B 498 -8.75 40.13 3.50
N THR B 499 -9.01 41.08 2.60
CA THR B 499 -10.37 41.52 2.33
C THR B 499 -11.24 40.41 1.73
N ASN B 500 -10.63 39.35 1.22
CA ASN B 500 -11.38 38.22 0.68
C ASN B 500 -11.73 37.18 1.73
N MET B 501 -11.41 37.45 2.99
CA MET B 501 -11.55 36.43 4.02
C MET B 501 -13.00 36.00 4.17
N LEU B 502 -13.22 34.70 4.11
CA LEU B 502 -14.52 34.10 4.41
C LEU B 502 -14.55 33.43 5.78
N TRP B 503 -13.43 32.82 6.19
CA TRP B 503 -13.42 31.92 7.34
C TRP B 503 -12.04 31.95 7.97
N ILE B 504 -11.97 32.35 9.24
CA ILE B 504 -10.77 32.24 10.05
C ILE B 504 -11.04 31.26 11.18
N SER B 505 -10.19 30.27 11.33
CA SER B 505 -10.27 29.32 12.44
C SER B 505 -8.86 29.12 12.99
N LEU B 506 -8.68 29.51 14.25
CA LEU B 506 -7.41 29.34 14.96
C LEU B 506 -7.64 28.79 16.35
N SER B 507 -8.80 28.16 16.58
CA SER B 507 -9.13 27.62 17.88
C SER B 507 -8.04 26.66 18.37
N SER B 508 -7.90 26.57 19.69
CA SER B 508 -7.02 25.58 20.31
C SER B 508 -5.59 25.70 19.79
N ASN B 509 -5.12 26.93 19.65
CA ASN B 509 -3.71 27.22 19.46
C ASN B 509 -3.18 27.81 20.77
N LEU B 510 -2.05 28.49 20.71
CA LEU B 510 -1.49 29.18 21.87
C LEU B 510 -1.30 30.66 21.57
N LEU B 511 -2.24 31.24 20.83
CA LEU B 511 -2.14 32.63 20.45
C LEU B 511 -2.36 33.54 21.66
N THR B 512 -1.81 34.74 21.59
CA THR B 512 -1.93 35.72 22.67
C THR B 512 -2.18 37.09 22.05
N GLY B 513 -2.11 38.13 22.87
CA GLY B 513 -2.32 39.47 22.39
C GLY B 513 -3.78 39.84 22.35
N GLU B 514 -4.06 40.96 21.70
CA GLU B 514 -5.41 41.45 21.50
C GLU B 514 -5.92 41.04 20.13
N ILE B 515 -7.24 40.95 20.01
CA ILE B 515 -7.89 40.73 18.72
C ILE B 515 -7.69 42.00 17.89
N PRO B 516 -6.98 41.93 16.77
CA PRO B 516 -6.69 43.16 16.02
C PRO B 516 -7.97 43.85 15.54
N VAL B 517 -8.00 45.17 15.69
CA VAL B 517 -9.19 45.93 15.30
C VAL B 517 -9.39 45.88 13.79
N GLY B 518 -8.30 45.74 13.04
CA GLY B 518 -8.40 45.69 11.59
C GLY B 518 -9.29 44.58 11.07
N ILE B 519 -9.57 43.58 11.91
CA ILE B 519 -10.48 42.51 11.50
C ILE B 519 -11.80 43.08 11.01
N GLY B 520 -12.19 44.25 11.53
CA GLY B 520 -13.42 44.89 11.12
C GLY B 520 -13.42 45.36 9.68
N LYS B 521 -12.26 45.43 9.04
CA LYS B 521 -12.21 45.73 7.62
C LYS B 521 -12.65 44.55 6.76
N LEU B 522 -12.75 43.36 7.35
CA LEU B 522 -13.06 42.13 6.62
C LEU B 522 -14.58 42.04 6.43
N GLU B 523 -15.06 42.63 5.34
CA GLU B 523 -16.50 42.71 5.10
C GLU B 523 -17.06 41.46 4.41
N LYS B 524 -16.21 40.53 3.99
CA LYS B 524 -16.69 39.23 3.54
C LYS B 524 -16.57 38.17 4.63
N LEU B 525 -15.99 38.51 5.78
CA LEU B 525 -15.71 37.52 6.80
C LEU B 525 -17.00 37.01 7.43
N ALA B 526 -17.26 35.72 7.28
CA ALA B 526 -18.48 35.09 7.78
C ALA B 526 -18.26 34.30 9.07
N ILE B 527 -17.11 33.63 9.20
CA ILE B 527 -16.84 32.77 10.35
C ILE B 527 -15.52 33.19 10.97
N LEU B 528 -15.50 33.27 12.30
CA LEU B 528 -14.31 33.65 13.05
C LEU B 528 -14.29 32.84 14.33
N GLN B 529 -13.34 31.91 14.43
CA GLN B 529 -13.18 31.03 15.57
C GLN B 529 -11.79 31.28 16.16
N LEU B 530 -11.75 31.85 17.36
CA LEU B 530 -10.49 32.10 18.06
C LEU B 530 -10.50 31.48 19.46
N GLY B 531 -11.34 30.47 19.69
CA GLY B 531 -11.52 29.93 21.02
C GLY B 531 -10.31 29.17 21.51
N ASN B 532 -10.32 28.93 22.82
CA ASN B 532 -9.29 28.14 23.49
C ASN B 532 -7.89 28.67 23.18
N ASN B 533 -7.75 29.98 23.28
CA ASN B 533 -6.44 30.63 23.24
C ASN B 533 -6.26 31.44 24.52
N SER B 534 -5.28 32.33 24.54
CA SER B 534 -5.08 33.20 25.70
C SER B 534 -5.18 34.66 25.30
N LEU B 535 -6.22 35.01 24.52
CA LEU B 535 -6.37 36.37 24.04
C LEU B 535 -6.80 37.29 25.17
N THR B 536 -6.31 38.53 25.12
CA THR B 536 -6.58 39.54 26.12
C THR B 536 -7.12 40.80 25.44
N GLY B 537 -7.62 41.72 26.25
CA GLY B 537 -8.16 42.97 25.75
C GLY B 537 -9.67 42.97 25.69
N ASN B 538 -10.20 43.91 24.92
CA ASN B 538 -11.63 44.02 24.70
C ASN B 538 -12.04 43.28 23.45
N ILE B 539 -13.32 42.91 23.40
CA ILE B 539 -13.93 42.46 22.15
C ILE B 539 -14.04 43.70 21.29
N PRO B 540 -13.26 43.83 20.21
CA PRO B 540 -13.29 45.08 19.44
C PRO B 540 -14.70 45.42 18.98
N SER B 541 -15.10 46.67 19.21
CA SER B 541 -16.37 47.15 18.67
C SER B 541 -16.42 47.04 17.16
N GLU B 542 -15.25 46.99 16.51
CA GLU B 542 -15.21 47.00 15.05
C GLU B 542 -15.70 45.71 14.44
N LEU B 543 -15.80 44.62 15.23
CA LEU B 543 -16.42 43.41 14.71
C LEU B 543 -17.78 43.70 14.09
N GLY B 544 -18.48 44.71 14.62
CA GLY B 544 -19.77 45.07 14.07
C GLY B 544 -19.70 45.61 12.66
N ASN B 545 -18.52 46.01 12.20
CA ASN B 545 -18.34 46.45 10.82
C ASN B 545 -18.17 45.30 9.85
N CYS B 546 -17.96 44.07 10.35
CA CYS B 546 -17.90 42.89 9.48
C CYS B 546 -19.29 42.64 8.93
N LYS B 547 -19.55 43.15 7.72
CA LYS B 547 -20.91 43.16 7.19
C LYS B 547 -21.50 41.77 7.05
N ASN B 548 -20.67 40.72 6.96
CA ASN B 548 -21.16 39.37 6.72
C ASN B 548 -20.87 38.41 7.87
N LEU B 549 -20.41 38.90 9.01
CA LEU B 549 -20.05 38.03 10.12
C LEU B 549 -21.29 37.36 10.68
N ILE B 550 -21.29 36.02 10.73
CA ILE B 550 -22.45 35.25 11.18
C ILE B 550 -22.06 34.21 12.22
N TRP B 551 -20.76 33.99 12.40
CA TRP B 551 -20.27 32.98 13.35
C TRP B 551 -19.07 33.55 14.09
N LEU B 552 -19.23 33.80 15.38
CA LEU B 552 -18.19 34.40 16.21
C LEU B 552 -18.00 33.52 17.43
N ASP B 553 -16.80 32.95 17.58
CA ASP B 553 -16.48 32.06 18.69
C ASP B 553 -15.16 32.55 19.31
N LEU B 554 -15.26 33.22 20.46
CA LEU B 554 -14.10 33.66 21.21
C LEU B 554 -14.01 32.99 22.58
N ASN B 555 -14.67 31.84 22.75
CA ASN B 555 -14.80 31.25 24.07
C ASN B 555 -13.44 30.83 24.62
N SER B 556 -13.36 30.76 25.95
CA SER B 556 -12.18 30.27 26.66
C SER B 556 -10.92 31.06 26.28
N ASN B 557 -11.05 32.39 26.32
CA ASN B 557 -9.89 33.27 26.20
C ASN B 557 -9.72 34.06 27.49
N ASN B 558 -9.03 35.20 27.42
CA ASN B 558 -8.81 36.06 28.57
C ASN B 558 -9.29 37.48 28.28
N LEU B 559 -10.48 37.61 27.68
CA LEU B 559 -10.97 38.91 27.26
C LEU B 559 -11.70 39.61 28.39
N THR B 560 -11.60 40.93 28.41
CA THR B 560 -12.25 41.74 29.42
C THR B 560 -12.98 42.90 28.75
N GLY B 561 -13.43 43.87 29.55
CA GLY B 561 -14.20 44.97 29.01
C GLY B 561 -15.69 44.70 29.06
N ASN B 562 -16.43 45.29 28.14
CA ASN B 562 -17.88 45.11 28.08
C ASN B 562 -18.26 44.42 26.78
N LEU B 563 -19.42 43.78 26.79
CA LEU B 563 -20.01 43.27 25.55
C LEU B 563 -20.25 44.47 24.63
N PRO B 564 -19.54 44.58 23.51
CA PRO B 564 -19.82 45.69 22.60
C PRO B 564 -21.19 45.55 21.97
N GLY B 565 -21.91 46.68 21.91
CA GLY B 565 -23.24 46.68 21.34
C GLY B 565 -23.27 46.58 19.83
N GLU B 566 -22.16 46.93 19.17
CA GLU B 566 -22.09 46.87 17.72
C GLU B 566 -22.13 45.44 17.19
N LEU B 567 -21.97 44.43 18.05
CA LEU B 567 -22.04 43.05 17.58
C LEU B 567 -23.40 42.73 16.97
N ALA B 568 -24.44 43.48 17.31
CA ALA B 568 -25.75 43.30 16.72
C ALA B 568 -26.09 44.36 15.68
N SER B 569 -25.17 45.27 15.38
CA SER B 569 -25.46 46.38 14.48
C SER B 569 -25.70 45.94 13.04
N GLN B 570 -25.48 44.67 12.71
CA GLN B 570 -25.73 44.15 11.37
C GLN B 570 -27.00 43.30 11.29
N ALA B 571 -27.64 43.02 12.42
CA ALA B 571 -28.90 42.28 12.41
C ALA B 571 -29.85 42.86 11.39
N GLY B 572 -30.42 41.99 10.56
CA GLY B 572 -31.34 42.40 9.51
C GLY B 572 -30.68 42.95 8.27
N LEU B 573 -29.34 42.93 8.19
CA LEU B 573 -28.62 43.40 7.02
C LEU B 573 -27.65 42.37 6.45
N VAL B 574 -27.47 41.23 7.11
CA VAL B 574 -26.43 40.29 6.71
C VAL B 574 -26.77 39.68 5.36
N MET B 575 -25.82 39.77 4.42
CA MET B 575 -25.97 39.07 3.16
C MET B 575 -25.25 37.73 3.20
N PRO B 576 -25.81 36.68 2.59
CA PRO B 576 -25.03 35.45 2.42
C PRO B 576 -23.86 35.69 1.47
N GLY B 577 -22.90 34.79 1.52
CA GLY B 577 -21.69 34.96 0.74
C GLY B 577 -21.01 33.68 0.33
N SER B 578 -19.78 33.80 -0.16
CA SER B 578 -19.07 32.67 -0.74
C SER B 578 -18.63 31.64 0.29
N VAL B 579 -18.93 31.84 1.59
CA VAL B 579 -18.60 30.82 2.56
C VAL B 579 -19.50 29.61 2.47
N SER B 580 -20.61 29.73 1.73
CA SER B 580 -21.55 28.63 1.59
C SER B 580 -21.00 27.57 0.64
N GLY B 581 -21.43 26.33 0.84
CA GLY B 581 -21.00 25.23 0.01
C GLY B 581 -19.71 24.57 0.42
N LYS B 582 -19.30 24.69 1.68
CA LYS B 582 -18.07 24.10 2.17
C LYS B 582 -18.38 22.97 3.14
N GLN B 583 -17.61 21.89 3.05
CA GLN B 583 -17.83 20.75 3.92
C GLN B 583 -17.48 21.12 5.36
N PHE B 584 -18.39 20.85 6.28
CA PHE B 584 -18.21 21.16 7.69
C PHE B 584 -18.60 19.95 8.54
N ALA B 585 -18.22 20.00 9.81
CA ALA B 585 -18.70 19.05 10.81
C ALA B 585 -18.92 19.78 12.12
N PHE B 586 -19.99 19.41 12.83
CA PHE B 586 -20.33 20.03 14.11
C PHE B 586 -20.55 18.92 15.14
N VAL B 587 -19.75 18.93 16.19
CA VAL B 587 -19.85 17.95 17.27
C VAL B 587 -20.52 18.61 18.46
N ARG B 588 -21.70 18.13 18.85
CA ARG B 588 -22.45 18.74 19.94
C ARG B 588 -22.01 18.11 21.26
N ASN B 589 -21.44 18.92 22.14
CA ASN B 589 -21.10 18.48 23.48
C ASN B 589 -22.35 18.35 24.32
N GLU B 590 -22.66 17.13 24.77
CA GLU B 590 -23.86 16.89 25.58
C GLU B 590 -23.50 16.67 27.03
N GLY B 591 -22.91 17.68 27.67
CA GLY B 591 -22.53 17.60 29.08
C GLY B 591 -22.82 18.87 29.84
N GLY B 592 -23.98 19.47 29.56
CA GLY B 592 -24.38 20.70 30.22
C GLY B 592 -23.48 21.86 29.85
N THR B 593 -23.26 22.75 30.82
CA THR B 593 -22.34 23.88 30.63
C THR B 593 -20.94 23.60 31.18
N ASP B 594 -20.79 22.60 32.05
CA ASP B 594 -19.47 22.29 32.59
C ASP B 594 -18.49 21.89 31.49
N CYS B 595 -18.99 21.47 30.33
CA CYS B 595 -18.14 21.26 29.16
C CYS B 595 -17.93 22.59 28.46
N ARG B 596 -16.67 22.90 28.14
CA ARG B 596 -16.32 24.23 27.65
C ARG B 596 -16.81 24.44 26.22
N GLY B 597 -17.40 25.60 25.97
CA GLY B 597 -17.90 25.95 24.66
C GLY B 597 -19.21 25.25 24.32
N ALA B 598 -19.89 25.79 23.32
CA ALA B 598 -21.17 25.27 22.85
C ALA B 598 -21.01 24.21 21.77
N GLY B 599 -19.80 23.74 21.51
CA GLY B 599 -19.57 22.67 20.56
C GLY B 599 -18.27 22.85 19.80
N GLY B 600 -18.21 22.30 18.60
CA GLY B 600 -17.08 22.49 17.73
C GLY B 600 -17.46 22.40 16.27
N LEU B 601 -17.30 23.50 15.54
CA LEU B 601 -17.45 23.52 14.10
C LEU B 601 -16.07 23.43 13.46
N VAL B 602 -15.88 22.46 12.57
CA VAL B 602 -14.60 22.25 11.90
C VAL B 602 -14.83 22.02 10.41
N GLU B 603 -13.99 22.66 9.60
CA GLU B 603 -13.88 22.31 8.19
C GLU B 603 -13.56 20.83 8.04
N PHE B 604 -14.19 20.18 7.04
CA PHE B 604 -14.18 18.72 7.01
C PHE B 604 -14.03 18.16 5.60
N GLU B 605 -13.42 18.89 4.68
CA GLU B 605 -13.13 18.32 3.37
C GLU B 605 -12.11 17.20 3.48
N GLY B 606 -12.42 16.07 2.86
CA GLY B 606 -11.48 14.97 2.78
C GLY B 606 -11.24 14.22 4.06
N ILE B 607 -12.05 14.46 5.09
CA ILE B 607 -11.85 13.86 6.40
C ILE B 607 -12.99 12.90 6.69
N ARG B 608 -12.66 11.75 7.29
CA ARG B 608 -13.66 10.78 7.69
C ARG B 608 -14.21 11.12 9.07
N ALA B 609 -15.52 10.91 9.25
CA ALA B 609 -16.13 11.12 10.56
C ALA B 609 -15.45 10.27 11.63
N GLU B 610 -15.06 9.05 11.29
CA GLU B 610 -14.45 8.16 12.27
C GLU B 610 -13.22 8.79 12.91
N ARG B 611 -12.51 9.66 12.18
CA ARG B 611 -11.29 10.27 12.71
C ARG B 611 -11.60 11.33 13.76
N LEU B 612 -12.80 11.94 13.71
CA LEU B 612 -13.21 12.85 14.78
C LEU B 612 -13.65 12.08 16.02
N GLU B 613 -14.35 10.96 15.82
CA GLU B 613 -14.85 10.16 16.93
C GLU B 613 -13.76 9.74 17.91
N HIS B 614 -12.49 9.82 17.50
CA HIS B 614 -11.36 9.51 18.36
C HIS B 614 -10.52 10.73 18.71
N PHE B 615 -10.89 11.90 18.20
CA PHE B 615 -10.15 13.12 18.50
C PHE B 615 -10.32 13.51 19.97
N PRO B 616 -9.24 13.74 20.71
CA PRO B 616 -9.40 14.13 22.12
C PRO B 616 -10.32 15.33 22.34
N MET B 617 -10.38 16.27 21.40
CA MET B 617 -11.33 17.37 21.53
C MET B 617 -12.77 16.86 21.45
N VAL B 618 -12.99 15.74 20.76
CA VAL B 618 -14.33 15.15 20.71
C VAL B 618 -14.66 14.44 22.01
N HIS B 619 -13.69 13.72 22.57
CA HIS B 619 -13.87 13.10 23.88
C HIS B 619 -13.76 14.12 25.02
N SER B 620 -13.54 15.40 24.71
CA SER B 620 -13.47 16.42 25.76
C SER B 620 -14.76 16.50 26.55
N CYS B 621 -15.90 16.18 25.92
CA CYS B 621 -17.16 16.08 26.62
C CYS B 621 -17.67 14.64 26.55
N PRO B 622 -18.21 14.09 27.65
CA PRO B 622 -18.50 12.65 27.68
C PRO B 622 -19.43 12.14 26.58
N LYS B 623 -20.30 12.98 26.05
CA LYS B 623 -21.28 12.59 25.03
C LYS B 623 -21.20 13.51 23.83
N THR B 624 -21.29 12.91 22.65
CA THR B 624 -21.15 13.64 21.41
C THR B 624 -22.11 13.08 20.37
N ARG B 625 -22.46 13.95 19.42
CA ARG B 625 -23.20 13.60 18.22
C ARG B 625 -22.58 14.40 17.09
N ILE B 626 -22.49 13.81 15.91
CA ILE B 626 -21.73 14.40 14.81
C ILE B 626 -22.72 14.80 13.72
N TYR B 627 -22.89 16.11 13.54
CA TYR B 627 -23.63 16.67 12.42
C TYR B 627 -22.63 17.01 11.32
N SER B 628 -23.01 16.74 10.07
CA SER B 628 -22.09 16.97 8.97
C SER B 628 -22.88 17.30 7.71
N GLY B 629 -22.28 18.15 6.88
CA GLY B 629 -22.91 18.56 5.63
C GLY B 629 -22.11 19.66 4.97
N MET B 630 -22.82 20.46 4.17
CA MET B 630 -22.23 21.61 3.48
C MET B 630 -22.82 22.88 4.06
N THR B 631 -21.97 23.90 4.25
CA THR B 631 -22.42 25.15 4.84
C THR B 631 -23.53 25.75 4.00
N MET B 632 -24.61 26.19 4.66
CA MET B 632 -25.79 26.65 3.95
C MET B 632 -26.48 27.74 4.76
N TYR B 633 -26.66 28.90 4.16
CA TYR B 633 -27.43 29.97 4.79
C TYR B 633 -28.91 29.61 4.79
N MET B 634 -29.61 30.00 5.85
CA MET B 634 -31.06 29.83 5.92
C MET B 634 -31.81 31.14 5.69
N PHE B 635 -31.16 32.14 5.09
CA PHE B 635 -31.83 33.36 4.69
C PHE B 635 -31.19 33.88 3.41
N SER B 636 -32.02 34.43 2.53
CA SER B 636 -31.50 34.93 1.25
C SER B 636 -30.96 36.34 1.38
N SER B 637 -31.46 37.11 2.34
CA SER B 637 -30.97 38.47 2.57
C SER B 637 -31.47 38.93 3.93
N ASN B 638 -30.92 40.06 4.38
CA ASN B 638 -31.37 40.72 5.61
C ASN B 638 -31.47 39.76 6.78
N GLY B 639 -30.46 38.91 6.93
CA GLY B 639 -30.36 38.00 8.05
C GLY B 639 -29.60 38.65 9.20
N SER B 640 -29.21 37.81 10.16
CA SER B 640 -28.50 38.28 11.33
C SER B 640 -27.37 37.30 11.64
N MET B 641 -26.71 37.50 12.78
CA MET B 641 -25.72 36.55 13.24
C MET B 641 -26.41 35.24 13.61
N ILE B 642 -25.65 34.14 13.51
CA ILE B 642 -26.19 32.80 13.70
C ILE B 642 -25.61 32.14 14.94
N TYR B 643 -24.32 32.32 15.20
CA TYR B 643 -23.61 31.61 16.26
C TYR B 643 -22.74 32.62 16.98
N LEU B 644 -22.92 32.74 18.30
CA LEU B 644 -22.16 33.69 19.11
C LEU B 644 -21.80 32.99 20.41
N ASP B 645 -20.53 32.63 20.58
CA ASP B 645 -20.02 32.01 21.79
C ASP B 645 -18.92 32.88 22.36
N LEU B 646 -19.21 33.57 23.47
CA LEU B 646 -18.24 34.39 24.17
C LEU B 646 -17.95 33.86 25.57
N SER B 647 -18.30 32.60 25.84
CA SER B 647 -18.25 32.07 27.19
C SER B 647 -16.80 31.92 27.67
N TYR B 648 -16.67 31.77 28.99
CA TYR B 648 -15.39 31.52 29.66
C TYR B 648 -14.37 32.61 29.35
N ASN B 649 -14.76 33.84 29.66
CA ASN B 649 -13.83 34.97 29.70
C ASN B 649 -14.10 35.71 31.01
N ALA B 650 -13.69 36.97 31.07
CA ALA B 650 -13.96 37.81 32.22
C ALA B 650 -14.63 39.12 31.78
N VAL B 651 -15.44 39.06 30.72
CA VAL B 651 -16.18 40.23 30.27
C VAL B 651 -17.28 40.56 31.27
N SER B 652 -17.42 41.84 31.59
CA SER B 652 -18.36 42.32 32.59
C SER B 652 -19.28 43.38 31.98
N GLY B 653 -20.22 43.84 32.79
CA GLY B 653 -21.19 44.84 32.36
C GLY B 653 -22.55 44.24 32.11
N SER B 654 -23.36 44.99 31.36
CA SER B 654 -24.71 44.59 31.03
C SER B 654 -24.78 44.06 29.61
N ILE B 655 -25.78 43.21 29.38
CA ILE B 655 -26.06 42.64 28.06
C ILE B 655 -26.68 43.73 27.20
N PRO B 656 -26.05 44.15 26.10
CA PRO B 656 -26.69 45.15 25.23
C PRO B 656 -28.06 44.67 24.79
N LEU B 657 -29.05 45.56 24.89
CA LEU B 657 -30.42 45.17 24.53
C LEU B 657 -30.51 44.80 23.06
N GLY B 658 -29.68 45.41 22.20
CA GLY B 658 -29.73 45.13 20.78
C GLY B 658 -29.46 43.68 20.43
N TYR B 659 -28.90 42.90 21.35
CA TYR B 659 -28.64 41.50 21.07
C TYR B 659 -29.94 40.72 20.84
N GLY B 660 -31.06 41.19 21.39
CA GLY B 660 -32.33 40.54 21.14
C GLY B 660 -32.87 40.72 19.73
N ALA B 661 -32.24 41.59 18.94
CA ALA B 661 -32.70 41.88 17.58
C ALA B 661 -32.18 40.89 16.55
N MET B 662 -31.41 39.89 16.97
CA MET B 662 -30.78 38.94 16.04
C MET B 662 -31.76 37.81 15.78
N GLY B 663 -32.53 37.95 14.69
CA GLY B 663 -33.63 37.05 14.46
C GLY B 663 -33.21 35.65 14.07
N TYR B 664 -32.05 35.51 13.42
CA TYR B 664 -31.55 34.21 13.00
C TYR B 664 -30.51 33.63 13.97
N LEU B 665 -30.30 34.26 15.11
CA LEU B 665 -29.33 33.75 16.07
C LEU B 665 -29.85 32.45 16.66
N GLN B 666 -29.12 31.35 16.44
CA GLN B 666 -29.51 30.04 16.96
C GLN B 666 -28.73 29.63 18.20
N VAL B 667 -27.57 30.22 18.45
CA VAL B 667 -26.75 29.89 19.61
C VAL B 667 -26.28 31.18 20.25
N LEU B 668 -26.45 31.29 21.57
CA LEU B 668 -25.97 32.44 22.33
C LEU B 668 -25.40 31.91 23.65
N ASN B 669 -24.08 31.82 23.75
CA ASN B 669 -23.41 31.31 24.94
C ASN B 669 -22.59 32.44 25.55
N LEU B 670 -23.22 33.21 26.44
CA LEU B 670 -22.53 34.20 27.25
C LEU B 670 -22.15 33.66 28.62
N GLY B 671 -22.10 32.34 28.78
CA GLY B 671 -21.91 31.76 30.08
C GLY B 671 -20.50 31.93 30.61
N HIS B 672 -20.38 31.81 31.93
CA HIS B 672 -19.10 31.84 32.63
C HIS B 672 -18.33 33.13 32.33
N ASN B 673 -18.93 34.24 32.75
CA ASN B 673 -18.26 35.54 32.69
C ASN B 673 -18.66 36.31 33.95
N LEU B 674 -18.52 37.63 33.90
CA LEU B 674 -18.82 38.52 35.02
C LEU B 674 -19.93 39.49 34.66
N LEU B 675 -20.89 39.04 33.86
CA LEU B 675 -21.95 39.93 33.42
C LEU B 675 -22.84 40.32 34.58
N THR B 676 -23.31 41.57 34.53
CA THR B 676 -24.16 42.15 35.57
C THR B 676 -25.41 42.71 34.91
N GLY B 677 -26.32 43.22 35.73
CA GLY B 677 -27.55 43.78 35.21
C GLY B 677 -28.65 42.76 35.06
N THR B 678 -29.55 42.99 34.11
CA THR B 678 -30.72 42.16 33.90
C THR B 678 -30.68 41.51 32.53
N ILE B 679 -31.45 40.42 32.39
CA ILE B 679 -31.66 39.79 31.09
C ILE B 679 -32.64 40.67 30.31
N PRO B 680 -32.24 41.23 29.17
CA PRO B 680 -33.17 42.08 28.42
C PRO B 680 -34.46 41.37 28.07
N ASP B 681 -35.58 42.06 28.28
CA ASP B 681 -36.86 41.62 27.72
C ASP B 681 -36.78 41.56 26.21
N SER B 682 -35.84 42.30 25.61
CA SER B 682 -35.62 42.24 24.18
C SER B 682 -35.31 40.83 23.71
N PHE B 683 -34.74 39.99 24.58
CA PHE B 683 -34.44 38.62 24.21
C PHE B 683 -35.67 37.84 23.77
N GLY B 684 -36.88 38.35 24.01
CA GLY B 684 -38.07 37.73 23.48
C GLY B 684 -38.13 37.69 21.96
N GLY B 685 -37.29 38.45 21.28
CA GLY B 685 -37.29 38.47 19.84
C GLY B 685 -36.18 37.64 19.22
N LEU B 686 -35.62 36.72 20.00
CA LEU B 686 -34.64 35.75 19.51
C LEU B 686 -35.36 34.49 19.02
N LYS B 687 -36.18 34.69 17.99
CA LYS B 687 -37.12 33.65 17.56
C LYS B 687 -36.41 32.38 17.11
N ALA B 688 -35.20 32.48 16.58
CA ALA B 688 -34.52 31.33 16.01
C ALA B 688 -33.66 30.59 17.02
N ILE B 689 -33.61 31.02 18.28
CA ILE B 689 -32.60 30.51 19.19
C ILE B 689 -33.01 29.16 19.74
N GLY B 690 -32.02 28.27 19.88
CA GLY B 690 -32.22 26.96 20.46
C GLY B 690 -31.33 26.73 21.66
N VAL B 691 -30.17 27.39 21.68
CA VAL B 691 -29.21 27.31 22.77
C VAL B 691 -29.05 28.70 23.36
N LEU B 692 -29.26 28.81 24.67
CA LEU B 692 -29.13 30.08 25.39
C LEU B 692 -28.44 29.79 26.72
N ASP B 693 -27.16 30.12 26.82
CA ASP B 693 -26.35 29.87 28.02
C ASP B 693 -25.99 31.21 28.64
N LEU B 694 -26.57 31.49 29.81
CA LEU B 694 -26.25 32.70 30.57
C LEU B 694 -25.73 32.37 31.96
N SER B 695 -25.33 31.12 32.20
CA SER B 695 -24.99 30.69 33.54
C SER B 695 -23.67 31.29 33.99
N HIS B 696 -23.39 31.13 35.28
CA HIS B 696 -22.13 31.54 35.91
C HIS B 696 -21.75 32.96 35.52
N ASN B 697 -22.74 33.85 35.63
CA ASN B 697 -22.51 35.29 35.57
C ASN B 697 -23.02 35.91 36.86
N ASP B 698 -23.31 37.21 36.86
CA ASP B 698 -23.83 37.90 38.03
C ASP B 698 -25.08 38.68 37.64
N LEU B 699 -26.01 38.00 36.99
CA LEU B 699 -27.22 38.63 36.50
C LEU B 699 -28.26 38.74 37.61
N GLN B 700 -28.98 39.85 37.63
CA GLN B 700 -29.99 40.14 38.63
C GLN B 700 -31.36 40.21 37.99
N GLY B 701 -32.39 40.14 38.82
CA GLY B 701 -33.74 40.41 38.38
C GLY B 701 -34.52 39.17 38.00
N PHE B 702 -35.55 39.39 37.19
CA PHE B 702 -36.47 38.35 36.75
C PHE B 702 -36.09 37.83 35.37
N LEU B 703 -36.60 36.64 35.06
CA LEU B 703 -36.49 36.11 33.70
C LEU B 703 -37.59 36.71 32.83
N PRO B 704 -37.25 37.32 31.69
CA PRO B 704 -38.30 37.89 30.83
C PRO B 704 -39.35 36.86 30.45
N GLY B 705 -40.61 37.23 30.65
CA GLY B 705 -41.70 36.38 30.19
C GLY B 705 -41.73 36.19 28.69
N SER B 706 -41.15 37.13 27.93
CA SER B 706 -41.12 37.01 26.49
C SER B 706 -40.27 35.83 26.04
N LEU B 707 -39.37 35.34 26.90
CA LEU B 707 -38.66 34.10 26.58
C LEU B 707 -39.64 32.95 26.40
N GLY B 708 -40.81 33.04 27.03
CA GLY B 708 -41.83 32.02 26.82
C GLY B 708 -42.25 31.90 25.37
N GLY B 709 -42.11 32.98 24.61
CA GLY B 709 -42.39 32.93 23.19
C GLY B 709 -41.35 32.25 22.35
N LEU B 710 -40.29 31.73 22.96
CA LEU B 710 -39.18 31.11 22.24
C LEU B 710 -39.52 29.64 22.01
N SER B 711 -39.96 29.31 20.80
CA SER B 711 -40.52 28.01 20.49
C SER B 711 -39.47 26.97 20.13
N PHE B 712 -38.25 27.39 19.79
CA PHE B 712 -37.17 26.46 19.48
C PHE B 712 -36.14 26.34 20.59
N LEU B 713 -36.26 27.15 21.65
CA LEU B 713 -35.32 27.08 22.77
C LEU B 713 -35.28 25.67 23.33
N SER B 714 -34.22 24.93 23.00
CA SER B 714 -34.08 23.55 23.43
C SER B 714 -33.00 23.35 24.49
N ASP B 715 -32.22 24.39 24.80
CA ASP B 715 -31.10 24.25 25.73
C ASP B 715 -30.95 25.59 26.46
N LEU B 716 -31.47 25.66 27.68
CA LEU B 716 -31.41 26.85 28.50
C LEU B 716 -30.57 26.59 29.75
N ASP B 717 -29.74 27.55 30.12
CA ASP B 717 -28.99 27.48 31.38
C ASP B 717 -28.84 28.89 31.92
N VAL B 718 -29.56 29.18 33.01
CA VAL B 718 -29.41 30.43 33.74
C VAL B 718 -28.92 30.20 35.16
N SER B 719 -28.45 29.00 35.46
CA SER B 719 -27.99 28.67 36.81
C SER B 719 -26.74 29.46 37.17
N ASN B 720 -26.55 29.67 38.47
CA ASN B 720 -25.36 30.33 39.02
C ASN B 720 -25.30 31.81 38.65
N ASN B 721 -26.45 32.49 38.76
CA ASN B 721 -26.50 33.95 38.78
C ASN B 721 -27.15 34.38 40.09
N ASN B 722 -27.64 35.62 40.16
CA ASN B 722 -28.49 36.04 41.26
C ASN B 722 -29.87 36.40 40.73
N LEU B 723 -30.49 35.50 39.99
CA LEU B 723 -31.84 35.70 39.48
C LEU B 723 -32.87 35.35 40.55
N THR B 724 -34.09 35.86 40.37
CA THR B 724 -35.13 35.69 41.36
C THR B 724 -36.49 35.83 40.67
N GLY B 725 -37.53 35.50 41.42
CA GLY B 725 -38.89 35.65 40.94
C GLY B 725 -39.38 34.44 40.18
N PRO B 726 -40.60 34.52 39.66
CA PRO B 726 -41.21 33.36 39.01
C PRO B 726 -40.54 33.02 37.70
N ILE B 727 -40.47 31.73 37.42
CA ILE B 727 -40.01 31.25 36.12
C ILE B 727 -41.17 31.34 35.12
N PRO B 728 -40.97 31.97 33.96
CA PRO B 728 -42.08 32.11 33.02
C PRO B 728 -42.82 30.80 32.78
N PHE B 729 -44.15 30.90 32.77
CA PHE B 729 -45.03 29.74 32.72
C PHE B 729 -45.26 29.22 31.30
N GLY B 730 -44.96 30.03 30.28
CA GLY B 730 -45.19 29.64 28.91
C GLY B 730 -43.91 29.17 28.24
N GLY B 731 -44.09 28.62 27.03
CA GLY B 731 -42.95 28.21 26.24
C GLY B 731 -42.19 27.06 26.87
N GLN B 732 -40.89 27.00 26.56
CA GLN B 732 -40.05 25.90 26.99
C GLN B 732 -39.46 26.11 28.38
N LEU B 733 -39.65 27.27 28.99
CA LEU B 733 -38.93 27.58 30.23
C LEU B 733 -39.37 26.71 31.40
N THR B 734 -40.51 26.05 31.32
CA THR B 734 -40.98 25.17 32.38
C THR B 734 -40.50 23.73 32.21
N THR B 735 -39.78 23.43 31.12
CA THR B 735 -39.44 22.06 30.77
C THR B 735 -38.01 21.68 31.05
N PHE B 736 -37.17 22.61 31.44
CA PHE B 736 -35.76 22.32 31.58
C PHE B 736 -35.45 21.66 32.91
N PRO B 737 -34.33 20.95 33.02
CA PRO B 737 -33.97 20.31 34.28
C PRO B 737 -33.69 21.33 35.37
N LEU B 738 -33.80 20.86 36.62
CA LEU B 738 -33.58 21.74 37.76
C LEU B 738 -32.19 22.37 37.71
N THR B 739 -31.19 21.62 37.23
CA THR B 739 -29.82 22.13 37.24
C THR B 739 -29.67 23.40 36.40
N ARG B 740 -30.63 23.70 35.52
CA ARG B 740 -30.55 24.87 34.67
C ARG B 740 -31.05 26.13 35.36
N TYR B 741 -31.70 26.00 36.51
CA TYR B 741 -32.13 27.13 37.32
C TYR B 741 -31.41 27.21 38.65
N ALA B 742 -30.55 26.24 38.97
CA ALA B 742 -29.97 26.13 40.29
C ALA B 742 -29.07 27.32 40.62
N ASN B 743 -28.91 27.56 41.93
CA ASN B 743 -27.91 28.50 42.45
C ASN B 743 -28.20 29.94 42.04
N ASN B 744 -29.45 30.35 42.18
CA ASN B 744 -29.89 31.73 42.00
C ASN B 744 -30.41 32.25 43.33
N SER B 745 -30.75 33.53 43.36
CA SER B 745 -31.16 34.18 44.60
C SER B 745 -32.69 34.24 44.69
N GLY B 746 -33.30 33.06 44.66
CA GLY B 746 -34.71 32.93 44.93
C GLY B 746 -35.61 32.73 43.72
N LEU B 747 -35.13 32.11 42.65
CA LEU B 747 -36.04 31.72 41.59
C LEU B 747 -37.11 30.79 42.15
N CYS B 748 -38.26 30.77 41.49
CA CYS B 748 -39.38 29.95 41.96
C CYS B 748 -40.32 29.70 40.80
N GLY B 749 -41.27 28.81 41.04
CA GLY B 749 -42.17 28.37 39.98
C GLY B 749 -41.67 27.13 39.27
N VAL B 750 -42.61 26.31 38.83
CA VAL B 750 -42.32 25.05 38.14
C VAL B 750 -41.18 25.29 37.16
N PRO B 751 -40.16 24.42 37.12
CA PRO B 751 -40.00 23.16 37.86
C PRO B 751 -39.53 23.34 39.31
N LEU B 752 -39.30 24.56 39.77
CA LEU B 752 -38.97 24.80 41.17
C LEU B 752 -40.24 24.76 42.00
N PRO B 753 -40.12 24.81 43.33
CA PRO B 753 -41.32 24.87 44.15
C PRO B 753 -42.12 26.10 43.85
N PRO B 754 -43.44 26.08 44.09
CA PRO B 754 -44.29 27.21 43.72
C PRO B 754 -43.95 28.49 44.46
N CYS B 755 -44.18 29.62 43.79
CA CYS B 755 -43.92 30.93 44.36
C CYS B 755 -44.94 31.32 45.42
N SER B 756 -46.08 30.64 45.48
CA SER B 756 -47.13 30.99 46.42
C SER B 756 -46.89 30.43 47.81
N SER B 757 -45.76 29.75 48.02
CA SER B 757 -45.40 29.16 49.30
C SER B 757 -44.31 29.96 50.03
N GLY B 758 -43.97 31.15 49.53
CA GLY B 758 -42.97 31.98 50.16
C GLY B 758 -43.58 33.18 50.88
#